data_5J0E
# 
_entry.id   5J0E 
# 
_audit_conform.dict_name       mmcif_pdbx.dic 
_audit_conform.dict_version    5.383 
_audit_conform.dict_location   http://mmcif.pdb.org/dictionaries/ascii/mmcif_pdbx.dic 
# 
loop_
_database_2.database_id 
_database_2.database_code 
_database_2.pdbx_database_accession 
_database_2.pdbx_DOI 
PDB   5J0E         pdb_00005j0e 10.2210/pdb5j0e/pdb 
WWPDB D_1000219707 ?            ?                   
# 
loop_
_pdbx_audit_revision_history.ordinal 
_pdbx_audit_revision_history.data_content_type 
_pdbx_audit_revision_history.major_revision 
_pdbx_audit_revision_history.minor_revision 
_pdbx_audit_revision_history.revision_date 
1 'Structure model' 1 0 2016-05-18 
2 'Structure model' 1 1 2016-07-20 
3 'Structure model' 1 2 2024-01-10 
# 
_pdbx_audit_revision_details.ordinal             1 
_pdbx_audit_revision_details.revision_ordinal    1 
_pdbx_audit_revision_details.data_content_type   'Structure model' 
_pdbx_audit_revision_details.provider            repository 
_pdbx_audit_revision_details.type                'Initial release' 
_pdbx_audit_revision_details.description         ? 
_pdbx_audit_revision_details.details             ? 
# 
loop_
_pdbx_audit_revision_group.ordinal 
_pdbx_audit_revision_group.revision_ordinal 
_pdbx_audit_revision_group.data_content_type 
_pdbx_audit_revision_group.group 
1 2 'Structure model' 'Database references'    
2 3 'Structure model' 'Data collection'        
3 3 'Structure model' 'Database references'    
4 3 'Structure model' 'Derived calculations'   
5 3 'Structure model' 'Refinement description' 
# 
loop_
_pdbx_audit_revision_category.ordinal 
_pdbx_audit_revision_category.revision_ordinal 
_pdbx_audit_revision_category.data_content_type 
_pdbx_audit_revision_category.category 
1 3 'Structure model' chem_comp_atom                
2 3 'Structure model' chem_comp_bond                
3 3 'Structure model' database_2                    
4 3 'Structure model' pdbx_initial_refinement_model 
5 3 'Structure model' pdbx_struct_conn_angle        
6 3 'Structure model' struct_conn                   
# 
loop_
_pdbx_audit_revision_item.ordinal 
_pdbx_audit_revision_item.revision_ordinal 
_pdbx_audit_revision_item.data_content_type 
_pdbx_audit_revision_item.item 
1  3 'Structure model' '_database_2.pdbx_DOI'                        
2  3 'Structure model' '_database_2.pdbx_database_accession'         
3  3 'Structure model' '_pdbx_struct_conn_angle.ptnr1_auth_asym_id'  
4  3 'Structure model' '_pdbx_struct_conn_angle.ptnr1_auth_comp_id'  
5  3 'Structure model' '_pdbx_struct_conn_angle.ptnr1_auth_seq_id'   
6  3 'Structure model' '_pdbx_struct_conn_angle.ptnr1_label_asym_id' 
7  3 'Structure model' '_pdbx_struct_conn_angle.ptnr1_label_atom_id' 
8  3 'Structure model' '_pdbx_struct_conn_angle.ptnr1_label_comp_id' 
9  3 'Structure model' '_pdbx_struct_conn_angle.ptnr1_label_seq_id'  
10 3 'Structure model' '_pdbx_struct_conn_angle.ptnr2_symmetry'      
11 3 'Structure model' '_pdbx_struct_conn_angle.ptnr3_auth_asym_id'  
12 3 'Structure model' '_pdbx_struct_conn_angle.ptnr3_auth_comp_id'  
13 3 'Structure model' '_pdbx_struct_conn_angle.ptnr3_auth_seq_id'   
14 3 'Structure model' '_pdbx_struct_conn_angle.ptnr3_label_asym_id' 
15 3 'Structure model' '_pdbx_struct_conn_angle.ptnr3_label_atom_id' 
16 3 'Structure model' '_pdbx_struct_conn_angle.ptnr3_label_comp_id' 
17 3 'Structure model' '_pdbx_struct_conn_angle.ptnr3_label_seq_id'  
18 3 'Structure model' '_pdbx_struct_conn_angle.value'               
19 3 'Structure model' '_struct_conn.pdbx_dist_value'                
20 3 'Structure model' '_struct_conn.ptnr1_auth_asym_id'             
21 3 'Structure model' '_struct_conn.ptnr1_auth_comp_id'             
22 3 'Structure model' '_struct_conn.ptnr1_auth_seq_id'              
23 3 'Structure model' '_struct_conn.ptnr1_label_asym_id'            
24 3 'Structure model' '_struct_conn.ptnr1_label_atom_id'            
25 3 'Structure model' '_struct_conn.ptnr1_label_comp_id'            
26 3 'Structure model' '_struct_conn.ptnr1_label_seq_id'             
27 3 'Structure model' '_struct_conn.ptnr1_symmetry'                 
28 3 'Structure model' '_struct_conn.ptnr2_auth_asym_id'             
29 3 'Structure model' '_struct_conn.ptnr2_auth_comp_id'             
30 3 'Structure model' '_struct_conn.ptnr2_auth_seq_id'              
31 3 'Structure model' '_struct_conn.ptnr2_label_asym_id'            
32 3 'Structure model' '_struct_conn.ptnr2_label_atom_id'            
33 3 'Structure model' '_struct_conn.ptnr2_label_comp_id'            
34 3 'Structure model' '_struct_conn.ptnr2_label_seq_id'             
35 3 'Structure model' '_struct_conn.ptnr2_symmetry'                 
# 
_pdbx_database_status.status_code                     REL 
_pdbx_database_status.status_code_sf                  REL 
_pdbx_database_status.status_code_mr                  ? 
_pdbx_database_status.entry_id                        5J0E 
_pdbx_database_status.recvd_initial_deposition_date   2016-03-28 
_pdbx_database_status.SG_entry                        N 
_pdbx_database_status.deposit_site                    RCSB 
_pdbx_database_status.process_site                    PDBE 
_pdbx_database_status.status_code_cs                  ? 
_pdbx_database_status.methods_development_category    ? 
_pdbx_database_status.pdb_format_compatible           Y 
_pdbx_database_status.status_code_nmr_data            ? 
# 
_pdbx_database_related.db_name        PDB 
_pdbx_database_related.details        '5F26 contains the Pribnow box consensus sequence' 
_pdbx_database_related.db_id          5F26 
_pdbx_database_related.content_type   unspecified 
# 
loop_
_audit_author.name 
_audit_author.pdbx_ordinal 
'Mandal, P.K.'  1 
'Collie, G.W.'  2 
'Kauffmann, B.' 3 
'Huc, I.'       4 
# 
loop_
_citation.abstract 
_citation.abstract_id_CAS 
_citation.book_id_ISBN 
_citation.book_publisher 
_citation.book_publisher_city 
_citation.book_title 
_citation.coordinate_linkage 
_citation.country 
_citation.database_id_Medline 
_citation.details 
_citation.id 
_citation.journal_abbrev 
_citation.journal_id_ASTM 
_citation.journal_id_CSD 
_citation.journal_id_ISSN 
_citation.journal_full 
_citation.journal_issue 
_citation.journal_volume 
_citation.language 
_citation.page_first 
_citation.page_last 
_citation.title 
_citation.year 
_citation.database_id_CSD 
_citation.pdbx_database_id_DOI 
_citation.pdbx_database_id_PubMed 
_citation.unpublished_flag 
? ? ? ? ? ? ? UK ? ? primary 'Nucleic Acids Res.' NARHAD 0389 1362-4962 ? ? 44 ? 5936  5943  
'Structure elucidation of the Pribnow box consensus promoter sequence by racemic DNA crystallography.' 2016 ? 10.1093/nar/gkw367 
27137886 ? 
? ? ? ? ? ? ? GE ? ? 1       'Angew Chem Int Ed'  ?      9999 1433-7851 ? ? 53 ? 14424 14427 'Racemic DNA Crstallography' 2014 ? 
10.1002/anie.201409014 25358289 ? 
# 
loop_
_citation_author.citation_id 
_citation_author.name 
_citation_author.ordinal 
_citation_author.identifier_ORCID 
primary 'Mandal, P.K.'     1 ? 
primary 'Collie, G.W.'     2 ? 
primary 'Srivastava, S.C.' 3 ? 
primary 'Kauffmann, B.'    4 ? 
primary 'Huc, I.'          5 ? 
1       'Mandal, P.K.'     6 ? 
1       'Collie, G.W.'     7 ? 
1       'Kauffmann, B.'    8 ? 
1       'Huc, I.'          9 ? 
# 
loop_
_entity.id 
_entity.type 
_entity.src_method 
_entity.pdbx_description 
_entity.formula_weight 
_entity.pdbx_number_of_molecules 
_entity.pdbx_ec 
_entity.pdbx_mutation 
_entity.pdbx_fragment 
_entity.details 
1 polymer     syn 'Pribnow box consensus promoter sequence' 3662.404 3  ? ? ? 
'This dodecanucleotide sequence contains the Pribnow box consensus promoter sequence TATAAT at the centre' 
2 polymer     syn 'Complementary sequence'                  3702.428 3  ? ? ? ? 
3 non-polymer syn 'ZINC ION'                                65.409   9  ? ? ? ? 
4 water       nat water                                     18.015   72 ? ? ? ? 
# 
loop_
_entity_poly.entity_id 
_entity_poly.type 
_entity_poly.nstd_linkage 
_entity_poly.nstd_monomer 
_entity_poly.pdbx_seq_one_letter_code 
_entity_poly.pdbx_seq_one_letter_code_can 
_entity_poly.pdbx_strand_id 
_entity_poly.pdbx_target_identifier 
1 polydeoxyribonucleotide no no '(DC)(DG)(DC)(DT)(DA)(DT)(DA)(DA)(DT)(DG)(DC)(DG)' CGCTATAATGCG A,C,E ? 
2 polydeoxyribonucleotide no no '(DG)(DG)(DC)(DA)(DT)(DT)(DA)(DT)(DA)(DG)(DC)(DG)' GGCATTATAGCG B,D,F ? 
# 
loop_
_pdbx_entity_nonpoly.entity_id 
_pdbx_entity_nonpoly.name 
_pdbx_entity_nonpoly.comp_id 
3 'ZINC ION' ZN  
4 water      HOH 
# 
loop_
_entity_poly_seq.entity_id 
_entity_poly_seq.num 
_entity_poly_seq.mon_id 
_entity_poly_seq.hetero 
1 1  DC n 
1 2  DG n 
1 3  DC n 
1 4  DT n 
1 5  DA n 
1 6  DT n 
1 7  DA n 
1 8  DA n 
1 9  DT n 
1 10 DG n 
1 11 DC n 
1 12 DG n 
2 1  DG n 
2 2  DG n 
2 3  DC n 
2 4  DA n 
2 5  DT n 
2 6  DT n 
2 7  DA n 
2 8  DT n 
2 9  DA n 
2 10 DG n 
2 11 DC n 
2 12 DG n 
# 
loop_
_pdbx_entity_src_syn.entity_id 
_pdbx_entity_src_syn.pdbx_src_id 
_pdbx_entity_src_syn.pdbx_alt_source_flag 
_pdbx_entity_src_syn.pdbx_beg_seq_num 
_pdbx_entity_src_syn.pdbx_end_seq_num 
_pdbx_entity_src_syn.organism_scientific 
_pdbx_entity_src_syn.organism_common_name 
_pdbx_entity_src_syn.ncbi_taxonomy_id 
_pdbx_entity_src_syn.details 
1 1 sample 1 12 'synthetic construct' ? 32630 ? 
2 1 sample 1 12 'synthetic construct' ? 32630 ? 
# 
loop_
_chem_comp.id 
_chem_comp.type 
_chem_comp.mon_nstd_flag 
_chem_comp.name 
_chem_comp.pdbx_synonyms 
_chem_comp.formula 
_chem_comp.formula_weight 
DA  'DNA linking' y "2'-DEOXYADENOSINE-5'-MONOPHOSPHATE" ? 'C10 H14 N5 O6 P' 331.222 
DC  'DNA linking' y "2'-DEOXYCYTIDINE-5'-MONOPHOSPHATE"  ? 'C9 H14 N3 O7 P'  307.197 
DG  'DNA linking' y "2'-DEOXYGUANOSINE-5'-MONOPHOSPHATE" ? 'C10 H14 N5 O7 P' 347.221 
DT  'DNA linking' y "THYMIDINE-5'-MONOPHOSPHATE"         ? 'C10 H15 N2 O8 P' 322.208 
HOH non-polymer   . WATER                                ? 'H2 O'            18.015  
ZN  non-polymer   . 'ZINC ION'                           ? 'Zn 2'            65.409  
# 
loop_
_pdbx_poly_seq_scheme.asym_id 
_pdbx_poly_seq_scheme.entity_id 
_pdbx_poly_seq_scheme.seq_id 
_pdbx_poly_seq_scheme.mon_id 
_pdbx_poly_seq_scheme.ndb_seq_num 
_pdbx_poly_seq_scheme.pdb_seq_num 
_pdbx_poly_seq_scheme.auth_seq_num 
_pdbx_poly_seq_scheme.pdb_mon_id 
_pdbx_poly_seq_scheme.auth_mon_id 
_pdbx_poly_seq_scheme.pdb_strand_id 
_pdbx_poly_seq_scheme.pdb_ins_code 
_pdbx_poly_seq_scheme.hetero 
A 1 1  DC 1  1  ?  ?  ?  A . n 
A 1 2  DG 2  2  2  DG DG A . n 
A 1 3  DC 3  3  3  DC DC A . n 
A 1 4  DT 4  4  4  DT DT A . n 
A 1 5  DA 5  5  5  DA DA A . n 
A 1 6  DT 6  6  6  DT DT A . n 
A 1 7  DA 7  7  7  DA DA A . n 
A 1 8  DA 8  8  8  DA DA A . n 
A 1 9  DT 9  9  9  DT DT A . n 
A 1 10 DG 10 10 10 DG DG A . n 
A 1 11 DC 11 11 11 DC DC A . n 
A 1 12 DG 12 12 12 DG DG A . n 
B 2 1  DG 1  13 ?  ?  ?  B . n 
B 2 2  DG 2  14 14 DG DG B . n 
B 2 3  DC 3  15 15 DC DC B . n 
B 2 4  DA 4  16 16 DA DA B . n 
B 2 5  DT 5  17 17 DT DT B . n 
B 2 6  DT 6  18 18 DT DT B . n 
B 2 7  DA 7  19 19 DA DA B . n 
B 2 8  DT 8  20 20 DT DT B . n 
B 2 9  DA 9  21 21 DA DA B . n 
B 2 10 DG 10 22 22 DG DG B . n 
B 2 11 DC 11 23 23 DC DC B . n 
B 2 12 DG 12 24 24 DG DG B . n 
C 1 1  DC 1  1  ?  ?  ?  C . n 
C 1 2  DG 2  2  2  DG DG C . n 
C 1 3  DC 3  3  3  DC DC C . n 
C 1 4  DT 4  4  4  DT DT C . n 
C 1 5  DA 5  5  5  DA DA C . n 
C 1 6  DT 6  6  6  DT DT C . n 
C 1 7  DA 7  7  7  DA DA C . n 
C 1 8  DA 8  8  8  DA DA C . n 
C 1 9  DT 9  9  9  DT DT C . n 
C 1 10 DG 10 10 10 DG DG C . n 
C 1 11 DC 11 11 11 DC DC C . n 
C 1 12 DG 12 12 12 DG DG C . n 
D 2 1  DG 1  13 ?  ?  ?  D . n 
D 2 2  DG 2  14 14 DG DG D . n 
D 2 3  DC 3  15 15 DC DC D . n 
D 2 4  DA 4  16 16 DA DA D . n 
D 2 5  DT 5  17 17 DT DT D . n 
D 2 6  DT 6  18 18 DT DT D . n 
D 2 7  DA 7  19 19 DA DA D . n 
D 2 8  DT 8  20 20 DT DT D . n 
D 2 9  DA 9  21 21 DA DA D . n 
D 2 10 DG 10 22 22 DG DG D . n 
D 2 11 DC 11 23 23 DC DC D . n 
D 2 12 DG 12 24 24 DG DG D . n 
E 1 1  DC 1  1  ?  ?  ?  E . n 
E 1 2  DG 2  2  2  DG DG E . n 
E 1 3  DC 3  3  3  DC DC E . n 
E 1 4  DT 4  4  4  DT DT E . n 
E 1 5  DA 5  5  5  DA DA E . n 
E 1 6  DT 6  6  6  DT DT E . n 
E 1 7  DA 7  7  7  DA DA E . n 
E 1 8  DA 8  8  8  DA DA E . n 
E 1 9  DT 9  9  9  DT DT E . n 
E 1 10 DG 10 10 10 DG DG E . n 
E 1 11 DC 11 11 11 DC DC E . n 
E 1 12 DG 12 12 12 DG DG E . n 
F 2 1  DG 1  13 ?  ?  ?  F . n 
F 2 2  DG 2  14 14 DG DG F . n 
F 2 3  DC 3  15 15 DC DC F . n 
F 2 4  DA 4  16 16 DA DA F . n 
F 2 5  DT 5  17 17 DT DT F . n 
F 2 6  DT 6  18 18 DT DT F . n 
F 2 7  DA 7  19 19 DA DA F . n 
F 2 8  DT 8  20 20 DT DT F . n 
F 2 9  DA 9  21 21 DA DA F . n 
F 2 10 DG 10 22 22 DG DG F . n 
F 2 11 DC 11 23 23 DC DC F . n 
F 2 12 DG 12 24 24 DG DG F . n 
# 
loop_
_pdbx_nonpoly_scheme.asym_id 
_pdbx_nonpoly_scheme.entity_id 
_pdbx_nonpoly_scheme.mon_id 
_pdbx_nonpoly_scheme.ndb_seq_num 
_pdbx_nonpoly_scheme.pdb_seq_num 
_pdbx_nonpoly_scheme.auth_seq_num 
_pdbx_nonpoly_scheme.pdb_mon_id 
_pdbx_nonpoly_scheme.auth_mon_id 
_pdbx_nonpoly_scheme.pdb_strand_id 
_pdbx_nonpoly_scheme.pdb_ins_code 
G 3 ZN  1  101 1  ZN  ZN  A . 
H 3 ZN  1  102 7  ZN  ZN  A . 
I 3 ZN  1  101 2  ZN  ZN  B . 
J 3 ZN  1  101 3  ZN  ZN  C . 
K 3 ZN  1  102 8  ZN  ZN  C . 
L 3 ZN  1  101 4  ZN  ZN  D . 
M 3 ZN  1  101 6  ZN  ZN  E . 
N 3 ZN  1  101 5  ZN  ZN  F . 
O 3 ZN  1  102 9  ZN  ZN  F . 
P 4 HOH 1  201 52 HOH HOH A . 
P 4 HOH 2  202 30 HOH HOH A . 
P 4 HOH 3  203 22 HOH HOH A . 
P 4 HOH 4  204 7  HOH HOH A . 
P 4 HOH 5  205 23 HOH HOH A . 
P 4 HOH 6  206 45 HOH HOH A . 
P 4 HOH 7  207 40 HOH HOH A . 
P 4 HOH 8  208 64 HOH HOH A . 
Q 4 HOH 1  201 47 HOH HOH B . 
Q 4 HOH 2  202 59 HOH HOH B . 
Q 4 HOH 3  203 25 HOH HOH B . 
Q 4 HOH 4  204 67 HOH HOH B . 
Q 4 HOH 5  205 57 HOH HOH B . 
Q 4 HOH 6  206 61 HOH HOH B . 
Q 4 HOH 7  207 58 HOH HOH B . 
Q 4 HOH 8  208 49 HOH HOH B . 
Q 4 HOH 9  209 48 HOH HOH B . 
R 4 HOH 1  201 20 HOH HOH C . 
R 4 HOH 2  202 55 HOH HOH C . 
R 4 HOH 3  203 13 HOH HOH C . 
R 4 HOH 4  204 16 HOH HOH C . 
R 4 HOH 5  205 19 HOH HOH C . 
R 4 HOH 6  206 33 HOH HOH C . 
R 4 HOH 7  207 14 HOH HOH C . 
R 4 HOH 8  208 31 HOH HOH C . 
R 4 HOH 9  209 65 HOH HOH C . 
R 4 HOH 10 210 9  HOH HOH C . 
R 4 HOH 11 211 4  HOH HOH C . 
R 4 HOH 12 212 60 HOH HOH C . 
S 4 HOH 1  201 18 HOH HOH D . 
S 4 HOH 2  202 28 HOH HOH D . 
S 4 HOH 3  203 46 HOH HOH D . 
S 4 HOH 4  204 63 HOH HOH D . 
S 4 HOH 5  205 5  HOH HOH D . 
S 4 HOH 6  206 37 HOH HOH D . 
S 4 HOH 7  207 39 HOH HOH D . 
S 4 HOH 8  208 53 HOH HOH D . 
S 4 HOH 9  209 43 HOH HOH D . 
S 4 HOH 10 210 3  HOH HOH D . 
S 4 HOH 11 211 54 HOH HOH D . 
S 4 HOH 12 212 42 HOH HOH D . 
S 4 HOH 13 213 11 HOH HOH D . 
T 4 HOH 1  201 26 HOH HOH E . 
T 4 HOH 2  202 32 HOH HOH E . 
T 4 HOH 3  203 1  HOH HOH E . 
T 4 HOH 4  204 71 HOH HOH E . 
T 4 HOH 5  205 27 HOH HOH E . 
T 4 HOH 6  206 72 HOH HOH E . 
T 4 HOH 7  207 29 HOH HOH E . 
T 4 HOH 8  208 68 HOH HOH E . 
T 4 HOH 9  209 66 HOH HOH E . 
T 4 HOH 10 210 36 HOH HOH E . 
T 4 HOH 11 211 8  HOH HOH E . 
T 4 HOH 12 212 56 HOH HOH E . 
T 4 HOH 13 213 10 HOH HOH E . 
T 4 HOH 14 214 69 HOH HOH E . 
U 4 HOH 1  201 51 HOH HOH F . 
U 4 HOH 2  202 15 HOH HOH F . 
U 4 HOH 3  203 2  HOH HOH F . 
U 4 HOH 4  204 38 HOH HOH F . 
U 4 HOH 5  205 35 HOH HOH F . 
U 4 HOH 6  206 21 HOH HOH F . 
U 4 HOH 7  207 70 HOH HOH F . 
U 4 HOH 8  208 6  HOH HOH F . 
U 4 HOH 9  209 34 HOH HOH F . 
U 4 HOH 10 210 24 HOH HOH F . 
U 4 HOH 11 211 12 HOH HOH F . 
U 4 HOH 12 212 17 HOH HOH F . 
U 4 HOH 13 213 44 HOH HOH F . 
U 4 HOH 14 214 41 HOH HOH F . 
U 4 HOH 15 215 62 HOH HOH F . 
U 4 HOH 16 216 50 HOH HOH F . 
# 
loop_
_software.citation_id 
_software.classification 
_software.compiler_name 
_software.compiler_version 
_software.contact_author 
_software.contact_author_email 
_software.date 
_software.description 
_software.dependencies 
_software.hardware 
_software.language 
_software.location 
_software.mods 
_software.name 
_software.os 
_software.os_version 
_software.type 
_software.version 
_software.pdbx_ordinal 
? refinement       ? ? ? ? ? ? ? ? ? ? ? REFMAC ? ? ? 5.8.0049 1 
? 'data reduction' ? ? ? ? ? ? ? ? ? ? ? XDS    ? ? ? .        2 
? 'data scaling'   ? ? ? ? ? ? ? ? ? ? ? XDS    ? ? ? .        3 
? phasing          ? ? ? ? ? ? ? ? ? ? ? PHASER ? ? ? .        4 
# 
_cell.angle_alpha                  90.00 
_cell.angle_alpha_esd              ? 
_cell.angle_beta                   90.00 
_cell.angle_beta_esd               ? 
_cell.angle_gamma                  120.00 
_cell.angle_gamma_esd              ? 
_cell.entry_id                     5J0E 
_cell.details                      ? 
_cell.formula_units_Z              ? 
_cell.length_a                     46.906 
_cell.length_a_esd                 ? 
_cell.length_b                     46.906 
_cell.length_b_esd                 ? 
_cell.length_c                     99.044 
_cell.length_c_esd                 ? 
_cell.volume                       ? 
_cell.volume_esd                   ? 
_cell.Z_PDB                        9 
_cell.reciprocal_angle_alpha       ? 
_cell.reciprocal_angle_beta        ? 
_cell.reciprocal_angle_gamma       ? 
_cell.reciprocal_angle_alpha_esd   ? 
_cell.reciprocal_angle_beta_esd    ? 
_cell.reciprocal_angle_gamma_esd   ? 
_cell.reciprocal_length_a          ? 
_cell.reciprocal_length_b          ? 
_cell.reciprocal_length_c          ? 
_cell.reciprocal_length_a_esd      ? 
_cell.reciprocal_length_b_esd      ? 
_cell.reciprocal_length_c_esd      ? 
_cell.pdbx_unique_axis             ? 
# 
_symmetry.entry_id                         5J0E 
_symmetry.cell_setting                     ? 
_symmetry.Int_Tables_number                145 
_symmetry.space_group_name_Hall            ? 
_symmetry.space_group_name_H-M             'P 32' 
_symmetry.pdbx_full_space_group_name_H-M   ? 
# 
_exptl.absorpt_coefficient_mu     ? 
_exptl.absorpt_correction_T_max   ? 
_exptl.absorpt_correction_T_min   ? 
_exptl.absorpt_correction_type    ? 
_exptl.absorpt_process_details    ? 
_exptl.entry_id                   5J0E 
_exptl.crystals_number            1 
_exptl.details                    ? 
_exptl.method                     'X-RAY DIFFRACTION' 
_exptl.method_details             ? 
# 
_exptl_crystal.colour                      ? 
_exptl_crystal.density_diffrn              ? 
_exptl_crystal.density_Matthews            2.85 
_exptl_crystal.density_method              ? 
_exptl_crystal.density_percent_sol         56.80 
_exptl_crystal.description                 ? 
_exptl_crystal.F_000                       ? 
_exptl_crystal.id                          1 
_exptl_crystal.preparation                 ? 
_exptl_crystal.size_max                    ? 
_exptl_crystal.size_mid                    ? 
_exptl_crystal.size_min                    ? 
_exptl_crystal.size_rad                    ? 
_exptl_crystal.colour_lustre               ? 
_exptl_crystal.colour_modifier             ? 
_exptl_crystal.colour_primary              ? 
_exptl_crystal.density_meas                ? 
_exptl_crystal.density_meas_esd            ? 
_exptl_crystal.density_meas_gt             ? 
_exptl_crystal.density_meas_lt             ? 
_exptl_crystal.density_meas_temp           ? 
_exptl_crystal.density_meas_temp_esd       ? 
_exptl_crystal.density_meas_temp_gt        ? 
_exptl_crystal.density_meas_temp_lt        ? 
_exptl_crystal.pdbx_crystal_image_url      ? 
_exptl_crystal.pdbx_crystal_image_format   ? 
_exptl_crystal.pdbx_mosaicity              ? 
_exptl_crystal.pdbx_mosaicity_esd          ? 
# 
_exptl_crystal_grow.apparatus       ? 
_exptl_crystal_grow.atmosphere      ? 
_exptl_crystal_grow.crystal_id      1 
_exptl_crystal_grow.details         ? 
_exptl_crystal_grow.method          'VAPOR DIFFUSION, HANGING DROP' 
_exptl_crystal_grow.method_ref      ? 
_exptl_crystal_grow.pH              7.0 
_exptl_crystal_grow.pressure        ? 
_exptl_crystal_grow.pressure_esd    ? 
_exptl_crystal_grow.seeding         ? 
_exptl_crystal_grow.seeding_ref     ? 
_exptl_crystal_grow.temp            293 
_exptl_crystal_grow.temp_details    ? 
_exptl_crystal_grow.temp_esd        ? 
_exptl_crystal_grow.time            ? 
_exptl_crystal_grow.pdbx_details    'MPD, sodium cacodylate, zinc chloride, spermine' 
_exptl_crystal_grow.pdbx_pH_range   ? 
# 
_diffrn.ambient_environment    ? 
_diffrn.ambient_temp           100 
_diffrn.ambient_temp_details   ? 
_diffrn.ambient_temp_esd       ? 
_diffrn.crystal_id             1 
_diffrn.crystal_support        ? 
_diffrn.crystal_treatment      ? 
_diffrn.details                ? 
_diffrn.id                     1 
_diffrn.ambient_pressure       ? 
_diffrn.ambient_pressure_esd   ? 
_diffrn.ambient_pressure_gt    ? 
_diffrn.ambient_pressure_lt    ? 
_diffrn.ambient_temp_gt        ? 
_diffrn.ambient_temp_lt        ? 
# 
_diffrn_detector.details                      ? 
_diffrn_detector.detector                     PIXEL 
_diffrn_detector.diffrn_id                    1 
_diffrn_detector.type                         'DECTRIS PILATUS 200K' 
_diffrn_detector.area_resol_mean              ? 
_diffrn_detector.dtime                        ? 
_diffrn_detector.pdbx_frames_total            ? 
_diffrn_detector.pdbx_collection_time_total   ? 
_diffrn_detector.pdbx_collection_date         2016-03-01 
# 
_diffrn_radiation.collimation                      ? 
_diffrn_radiation.diffrn_id                        1 
_diffrn_radiation.filter_edge                      ? 
_diffrn_radiation.inhomogeneity                    ? 
_diffrn_radiation.monochromator                    ? 
_diffrn_radiation.polarisn_norm                    ? 
_diffrn_radiation.polarisn_ratio                   ? 
_diffrn_radiation.probe                            ? 
_diffrn_radiation.type                             ? 
_diffrn_radiation.xray_symbol                      ? 
_diffrn_radiation.wavelength_id                    1 
_diffrn_radiation.pdbx_monochromatic_or_laue_m_l   M 
_diffrn_radiation.pdbx_wavelength_list             ? 
_diffrn_radiation.pdbx_wavelength                  ? 
_diffrn_radiation.pdbx_diffrn_protocol             'SINGLE WAVELENGTH' 
_diffrn_radiation.pdbx_analyzer                    ? 
_diffrn_radiation.pdbx_scattering_type             x-ray 
# 
_diffrn_radiation_wavelength.id           1 
_diffrn_radiation_wavelength.wavelength   1.5417 
_diffrn_radiation_wavelength.wt           1.0 
# 
_diffrn_source.current                     ? 
_diffrn_source.details                     ? 
_diffrn_source.diffrn_id                   1 
_diffrn_source.power                       ? 
_diffrn_source.size                        ? 
_diffrn_source.source                      'ROTATING ANODE' 
_diffrn_source.target                      ? 
_diffrn_source.type                        'RIGAKU FR-X' 
_diffrn_source.voltage                     ? 
_diffrn_source.take-off_angle              ? 
_diffrn_source.pdbx_wavelength_list        1.5417 
_diffrn_source.pdbx_wavelength             ? 
_diffrn_source.pdbx_synchrotron_beamline   ? 
_diffrn_source.pdbx_synchrotron_site       ? 
# 
_reflns.B_iso_Wilson_estimate            ? 
_reflns.entry_id                         5J0E 
_reflns.data_reduction_details           ? 
_reflns.data_reduction_method            ? 
_reflns.d_resolution_high                2.81 
_reflns.d_resolution_low                 40.62 
_reflns.details                          ? 
_reflns.limit_h_max                      ? 
_reflns.limit_h_min                      ? 
_reflns.limit_k_max                      ? 
_reflns.limit_k_min                      ? 
_reflns.limit_l_max                      ? 
_reflns.limit_l_min                      ? 
_reflns.number_all                       ? 
_reflns.number_obs                       5955 
_reflns.observed_criterion               ? 
_reflns.observed_criterion_F_max         ? 
_reflns.observed_criterion_F_min         ? 
_reflns.observed_criterion_I_max         ? 
_reflns.observed_criterion_I_min         ? 
_reflns.observed_criterion_sigma_F       ? 
_reflns.observed_criterion_sigma_I       ? 
_reflns.percent_possible_obs             99.3 
_reflns.R_free_details                   ? 
_reflns.Rmerge_F_all                     ? 
_reflns.Rmerge_F_obs                     ? 
_reflns.Friedel_coverage                 ? 
_reflns.number_gt                        ? 
_reflns.threshold_expression             ? 
_reflns.pdbx_redundancy                  1.98 
_reflns.pdbx_Rmerge_I_obs                0.0283 
_reflns.pdbx_Rmerge_I_all                ? 
_reflns.pdbx_Rsym_value                  0.0369 
_reflns.pdbx_netI_over_av_sigmaI         ? 
_reflns.pdbx_netI_over_sigmaI            17.08 
_reflns.pdbx_res_netI_over_av_sigmaI_2   ? 
_reflns.pdbx_res_netI_over_sigmaI_2      ? 
_reflns.pdbx_chi_squared                 ? 
_reflns.pdbx_scaling_rejects             ? 
_reflns.pdbx_d_res_high_opt              ? 
_reflns.pdbx_d_res_low_opt               ? 
_reflns.pdbx_d_res_opt_method            ? 
_reflns.phase_calculation_details        ? 
_reflns.pdbx_Rrim_I_all                  ? 
_reflns.pdbx_Rpim_I_all                  ? 
_reflns.pdbx_d_opt                       ? 
_reflns.pdbx_number_measured_all         ? 
_reflns.pdbx_diffrn_id                   1 
_reflns.pdbx_ordinal                     1 
_reflns.pdbx_CC_half                     ? 
_reflns.pdbx_R_split                     ? 
# 
_reflns_shell.d_res_high                  2.81 
_reflns_shell.d_res_low                   2.91 
_reflns_shell.meanI_over_sigI_all         ? 
_reflns_shell.meanI_over_sigI_obs         3.87 
_reflns_shell.number_measured_all         ? 
_reflns_shell.number_measured_obs         ? 
_reflns_shell.number_possible             ? 
_reflns_shell.number_unique_all           ? 
_reflns_shell.number_unique_obs           ? 
_reflns_shell.percent_possible_all        96.5 
_reflns_shell.percent_possible_obs        ? 
_reflns_shell.Rmerge_F_all                ? 
_reflns_shell.Rmerge_F_obs                ? 
_reflns_shell.Rmerge_I_all                ? 
_reflns_shell.Rmerge_I_obs                0.1357 
_reflns_shell.meanI_over_sigI_gt          ? 
_reflns_shell.meanI_over_uI_all           ? 
_reflns_shell.meanI_over_uI_gt            ? 
_reflns_shell.number_measured_gt          ? 
_reflns_shell.number_unique_gt            ? 
_reflns_shell.percent_possible_gt         ? 
_reflns_shell.Rmerge_F_gt                 ? 
_reflns_shell.Rmerge_I_gt                 ? 
_reflns_shell.pdbx_redundancy             1.91 
_reflns_shell.pdbx_Rsym_value             ? 
_reflns_shell.pdbx_chi_squared            ? 
_reflns_shell.pdbx_netI_over_sigmaI_all   ? 
_reflns_shell.pdbx_netI_over_sigmaI_obs   ? 
_reflns_shell.pdbx_Rrim_I_all             ? 
_reflns_shell.pdbx_Rpim_I_all             ? 
_reflns_shell.pdbx_rejects                ? 
_reflns_shell.pdbx_ordinal                1 
_reflns_shell.pdbx_diffrn_id              1 
_reflns_shell.pdbx_CC_half                ? 
_reflns_shell.pdbx_R_split                ? 
# 
_refine.aniso_B[1][1]                            14.21 
_refine.aniso_B[1][2]                            -0.00 
_refine.aniso_B[1][3]                            0.00 
_refine.aniso_B[2][2]                            14.21 
_refine.aniso_B[2][3]                            0.00 
_refine.aniso_B[3][3]                            -28.43 
_refine.B_iso_max                                ? 
_refine.B_iso_mean                               41.455 
_refine.B_iso_min                                ? 
_refine.correlation_coeff_Fo_to_Fc               0.955 
_refine.correlation_coeff_Fo_to_Fc_free          0.944 
_refine.details                                  'HYDROGENS HAVE BEEN ADDED IN THE RIDING POSITIONS' 
_refine.diff_density_max                         ? 
_refine.diff_density_max_esd                     ? 
_refine.diff_density_min                         ? 
_refine.diff_density_min_esd                     ? 
_refine.diff_density_rms                         ? 
_refine.diff_density_rms_esd                     ? 
_refine.entry_id                                 5J0E 
_refine.pdbx_refine_id                           'X-RAY DIFFRACTION' 
_refine.ls_abs_structure_details                 ? 
_refine.ls_abs_structure_Flack                   ? 
_refine.ls_abs_structure_Flack_esd               ? 
_refine.ls_abs_structure_Rogers                  ? 
_refine.ls_abs_structure_Rogers_esd              ? 
_refine.ls_d_res_high                            2.81 
_refine.ls_d_res_low                             40.62 
_refine.ls_extinction_coef                       ? 
_refine.ls_extinction_coef_esd                   ? 
_refine.ls_extinction_expression                 ? 
_refine.ls_extinction_method                     ? 
_refine.ls_goodness_of_fit_all                   ? 
_refine.ls_goodness_of_fit_all_esd               ? 
_refine.ls_goodness_of_fit_obs                   ? 
_refine.ls_goodness_of_fit_obs_esd               ? 
_refine.ls_hydrogen_treatment                    ? 
_refine.ls_matrix_type                           ? 
_refine.ls_number_constraints                    ? 
_refine.ls_number_parameters                     ? 
_refine.ls_number_reflns_all                     ? 
_refine.ls_number_reflns_obs                     5584 
_refine.ls_number_reflns_R_free                  319 
_refine.ls_number_reflns_R_work                  ? 
_refine.ls_number_restraints                     ? 
_refine.ls_percent_reflns_obs                    98.86 
_refine.ls_percent_reflns_R_free                 5.4 
_refine.ls_R_factor_all                          ? 
_refine.ls_R_factor_obs                          0.22707 
_refine.ls_R_factor_R_free                       0.24801 
_refine.ls_R_factor_R_free_error                 ? 
_refine.ls_R_factor_R_free_error_details         ? 
_refine.ls_R_factor_R_work                       0.22587 
_refine.ls_R_Fsqd_factor_obs                     ? 
_refine.ls_R_I_factor_obs                        ? 
_refine.ls_redundancy_reflns_all                 ? 
_refine.ls_redundancy_reflns_obs                 ? 
_refine.ls_restrained_S_all                      ? 
_refine.ls_restrained_S_obs                      ? 
_refine.ls_shift_over_esd_max                    ? 
_refine.ls_shift_over_esd_mean                   ? 
_refine.ls_structure_factor_coef                 ? 
_refine.ls_weighting_details                     ? 
_refine.ls_weighting_scheme                      ? 
_refine.ls_wR_factor_all                         ? 
_refine.ls_wR_factor_obs                         ? 
_refine.ls_wR_factor_R_free                      ? 
_refine.ls_wR_factor_R_work                      ? 
_refine.occupancy_max                            ? 
_refine.occupancy_min                            ? 
_refine.solvent_model_details                    ? 
_refine.solvent_model_param_bsol                 ? 
_refine.solvent_model_param_ksol                 ? 
_refine.ls_R_factor_gt                           ? 
_refine.ls_goodness_of_fit_gt                    ? 
_refine.ls_goodness_of_fit_ref                   ? 
_refine.ls_shift_over_su_max                     ? 
_refine.ls_shift_over_su_max_lt                  ? 
_refine.ls_shift_over_su_mean                    ? 
_refine.ls_shift_over_su_mean_lt                 ? 
_refine.pdbx_ls_sigma_I                          ? 
_refine.pdbx_ls_sigma_F                          ? 
_refine.pdbx_ls_sigma_Fsqd                       ? 
_refine.pdbx_data_cutoff_high_absF               ? 
_refine.pdbx_data_cutoff_high_rms_absF           ? 
_refine.pdbx_data_cutoff_low_absF                ? 
_refine.pdbx_isotropic_thermal_model             ? 
_refine.pdbx_ls_cross_valid_method               THROUGHOUT 
_refine.pdbx_method_to_determine_struct          'MOLECULAR REPLACEMENT' 
_refine.pdbx_starting_model                      463D 
_refine.pdbx_stereochemistry_target_values       ? 
_refine.pdbx_R_Free_selection_details            RANDOM 
_refine.pdbx_stereochem_target_val_spec_case     ? 
_refine.pdbx_overall_ESU_R                       ? 
_refine.pdbx_overall_ESU_R_Free                  0.076 
_refine.pdbx_solvent_vdw_probe_radii             1.20 
_refine.pdbx_solvent_ion_probe_radii             0.80 
_refine.pdbx_solvent_shrinkage_radii             0.80 
_refine.pdbx_real_space_R                        ? 
_refine.pdbx_density_correlation                 ? 
_refine.pdbx_pd_number_of_powder_patterns        ? 
_refine.pdbx_pd_number_of_points                 ? 
_refine.pdbx_pd_meas_number_of_points            ? 
_refine.pdbx_pd_proc_ls_prof_R_factor            ? 
_refine.pdbx_pd_proc_ls_prof_wR_factor           ? 
_refine.pdbx_pd_Marquardt_correlation_coeff      ? 
_refine.pdbx_pd_Fsqrd_R_factor                   ? 
_refine.pdbx_pd_ls_matrix_band_width             ? 
_refine.pdbx_overall_phase_error                 ? 
_refine.pdbx_overall_SU_R_free_Cruickshank_DPI   ? 
_refine.pdbx_overall_SU_R_free_Blow_DPI          ? 
_refine.pdbx_overall_SU_R_Blow_DPI               ? 
_refine.pdbx_TLS_residual_ADP_flag               ? 
_refine.pdbx_diffrn_id                           1 
_refine.overall_SU_B                             12.066 
_refine.overall_SU_ML                            0.231 
_refine.overall_SU_R_Cruickshank_DPI             ? 
_refine.overall_SU_R_free                        ? 
_refine.overall_FOM_free_R_set                   ? 
_refine.overall_FOM_work_R_set                   ? 
_refine.pdbx_average_fsc_overall                 ? 
_refine.pdbx_average_fsc_work                    ? 
_refine.pdbx_average_fsc_free                    ? 
# 
_refine_hist.pdbx_refine_id                   'X-RAY DIFFRACTION' 
_refine_hist.cycle_id                         1 
_refine_hist.pdbx_number_atoms_protein        0 
_refine_hist.pdbx_number_atoms_nucleic_acid   1362 
_refine_hist.pdbx_number_atoms_ligand         9 
_refine_hist.number_atoms_solvent             72 
_refine_hist.number_atoms_total               1443 
_refine_hist.d_res_high                       2.81 
_refine_hist.d_res_low                        40.62 
# 
loop_
_refine_ls_restr.pdbx_refine_id 
_refine_ls_restr.criterion 
_refine_ls_restr.dev_ideal 
_refine_ls_restr.dev_ideal_target 
_refine_ls_restr.number 
_refine_ls_restr.rejects 
_refine_ls_restr.type 
_refine_ls_restr.weight 
_refine_ls_restr.pdbx_restraint_function 
'X-RAY DIFFRACTION' ? 0.010  0.011  1524 ? r_bond_refined_d             ? ? 
'X-RAY DIFFRACTION' ? 0.004  0.020  744  ? r_bond_other_d               ? ? 
'X-RAY DIFFRACTION' ? 1.787  1.176  2340 ? r_angle_refined_deg          ? ? 
'X-RAY DIFFRACTION' ? 1.748  3.000  1770 ? r_angle_other_deg            ? ? 
'X-RAY DIFFRACTION' ? ?      ?      ?    ? r_dihedral_angle_1_deg       ? ? 
'X-RAY DIFFRACTION' ? ?      ?      ?    ? r_dihedral_angle_2_deg       ? ? 
'X-RAY DIFFRACTION' ? ?      ?      ?    ? r_dihedral_angle_3_deg       ? ? 
'X-RAY DIFFRACTION' ? ?      ?      ?    ? r_dihedral_angle_4_deg       ? ? 
'X-RAY DIFFRACTION' ? 0.086  0.200  198  ? r_chiral_restr               ? ? 
'X-RAY DIFFRACTION' ? 0.013  0.020  798  ? r_gen_planes_refined         ? ? 
'X-RAY DIFFRACTION' ? 0.002  0.020  324  ? r_gen_planes_other           ? ? 
'X-RAY DIFFRACTION' ? ?      ?      ?    ? r_nbd_refined                ? ? 
'X-RAY DIFFRACTION' ? ?      ?      ?    ? r_nbd_other                  ? ? 
'X-RAY DIFFRACTION' ? ?      ?      ?    ? r_nbtor_refined              ? ? 
'X-RAY DIFFRACTION' ? ?      ?      ?    ? r_nbtor_other                ? ? 
'X-RAY DIFFRACTION' ? ?      ?      ?    ? r_xyhbond_nbd_refined        ? ? 
'X-RAY DIFFRACTION' ? ?      ?      ?    ? r_xyhbond_nbd_other          ? ? 
'X-RAY DIFFRACTION' ? ?      ?      ?    ? r_metal_ion_refined          ? ? 
'X-RAY DIFFRACTION' ? ?      ?      ?    ? r_metal_ion_other            ? ? 
'X-RAY DIFFRACTION' ? ?      ?      ?    ? r_symmetry_vdw_refined       ? ? 
'X-RAY DIFFRACTION' ? ?      ?      ?    ? r_symmetry_vdw_other         ? ? 
'X-RAY DIFFRACTION' ? ?      ?      ?    ? r_symmetry_hbond_refined     ? ? 
'X-RAY DIFFRACTION' ? ?      ?      ?    ? r_symmetry_hbond_other       ? ? 
'X-RAY DIFFRACTION' ? ?      ?      ?    ? r_symmetry_metal_ion_refined ? ? 
'X-RAY DIFFRACTION' ? ?      ?      ?    ? r_symmetry_metal_ion_other   ? ? 
'X-RAY DIFFRACTION' ? ?      ?      ?    ? r_mcbond_it                  ? ? 
'X-RAY DIFFRACTION' ? ?      ?      ?    ? r_mcbond_other               ? ? 
'X-RAY DIFFRACTION' ? ?      ?      ?    ? r_mcangle_it                 ? ? 
'X-RAY DIFFRACTION' ? ?      ?      ?    ? r_mcangle_other              ? ? 
'X-RAY DIFFRACTION' ? 4.040  4.391  1524 ? r_scbond_it                  ? ? 
'X-RAY DIFFRACTION' ? 4.042  4.391  1523 ? r_scbond_other               ? ? 
'X-RAY DIFFRACTION' ? ?      ?      ?    ? r_scangle_it                 ? ? 
'X-RAY DIFFRACTION' ? 5.592  6.570  2341 ? r_scangle_other              ? ? 
'X-RAY DIFFRACTION' ? 10.263 42.818 6528 ? r_long_range_B_refined       ? ? 
'X-RAY DIFFRACTION' ? 10.216 42.972 6496 ? r_long_range_B_other         ? ? 
'X-RAY DIFFRACTION' ? ?      ?      ?    ? r_rigid_bond_restr           ? ? 
'X-RAY DIFFRACTION' ? ?      ?      ?    ? r_sphericity_free            ? ? 
'X-RAY DIFFRACTION' ? ?      ?      ?    ? r_sphericity_bonded          ? ? 
# 
_refine_ls_shell.pdbx_refine_id                   'X-RAY DIFFRACTION' 
_refine_ls_shell.d_res_high                       2.806 
_refine_ls_shell.d_res_low                        2.878 
_refine_ls_shell.number_reflns_all                ? 
_refine_ls_shell.number_reflns_obs                ? 
_refine_ls_shell.number_reflns_R_free             21 
_refine_ls_shell.number_reflns_R_work             394 
_refine_ls_shell.percent_reflns_obs               93.05 
_refine_ls_shell.percent_reflns_R_free            ? 
_refine_ls_shell.R_factor_all                     ? 
_refine_ls_shell.R_factor_obs                     ? 
_refine_ls_shell.R_factor_R_free                  0.577 
_refine_ls_shell.R_factor_R_free_error            ? 
_refine_ls_shell.R_factor_R_work                  0.320 
_refine_ls_shell.redundancy_reflns_all            ? 
_refine_ls_shell.redundancy_reflns_obs            ? 
_refine_ls_shell.wR_factor_all                    ? 
_refine_ls_shell.wR_factor_obs                    ? 
_refine_ls_shell.wR_factor_R_free                 ? 
_refine_ls_shell.wR_factor_R_work                 ? 
_refine_ls_shell.pdbx_total_number_of_bins_used   20 
_refine_ls_shell.pdbx_phase_error                 ? 
_refine_ls_shell.pdbx_fsc_work                    ? 
_refine_ls_shell.pdbx_fsc_free                    ? 
# 
_struct.entry_id                     5J0E 
_struct.title                        'Crystal structures of Pribnow box consensus promoter sequence (P32)' 
_struct.pdbx_model_details           ? 
_struct.pdbx_formula_weight          ? 
_struct.pdbx_formula_weight_method   ? 
_struct.pdbx_model_type_details      ? 
_struct.pdbx_CASP_flag               ? 
# 
_struct_keywords.entry_id        5J0E 
_struct_keywords.text            'Pribnow box, consensus promoter-sequence, Racemic DNA, DNA crystallography, DNA' 
_struct_keywords.pdbx_keywords   DNA 
# 
loop_
_struct_asym.id 
_struct_asym.pdbx_blank_PDB_chainid_flag 
_struct_asym.pdbx_modified 
_struct_asym.entity_id 
_struct_asym.details 
A N N 1 ? 
B N N 2 ? 
C N N 1 ? 
D N N 2 ? 
E N N 1 ? 
F N N 2 ? 
G N N 3 ? 
H N N 3 ? 
I N N 3 ? 
J N N 3 ? 
K N N 3 ? 
L N N 3 ? 
M N N 3 ? 
N N N 3 ? 
O N N 3 ? 
P N N 4 ? 
Q N N 4 ? 
R N N 4 ? 
S N N 4 ? 
T N N 4 ? 
U N N 4 ? 
# 
loop_
_struct_ref.id 
_struct_ref.db_name 
_struct_ref.db_code 
_struct_ref.pdbx_db_accession 
_struct_ref.pdbx_db_isoform 
_struct_ref.entity_id 
_struct_ref.pdbx_seq_one_letter_code 
_struct_ref.pdbx_align_begin 
1 PDB 5J0E 5J0E ? 1 ? 1 
2 PDB 5J0E 5J0E ? 2 ? 1 
# 
loop_
_struct_ref_seq.align_id 
_struct_ref_seq.ref_id 
_struct_ref_seq.pdbx_PDB_id_code 
_struct_ref_seq.pdbx_strand_id 
_struct_ref_seq.seq_align_beg 
_struct_ref_seq.pdbx_seq_align_beg_ins_code 
_struct_ref_seq.seq_align_end 
_struct_ref_seq.pdbx_seq_align_end_ins_code 
_struct_ref_seq.pdbx_db_accession 
_struct_ref_seq.db_align_beg 
_struct_ref_seq.pdbx_db_align_beg_ins_code 
_struct_ref_seq.db_align_end 
_struct_ref_seq.pdbx_db_align_end_ins_code 
_struct_ref_seq.pdbx_auth_seq_align_beg 
_struct_ref_seq.pdbx_auth_seq_align_end 
1 1 5J0E A 1 ? 12 ? 5J0E 1  ? 12 ? 1  12 
2 2 5J0E B 1 ? 12 ? 5J0E 13 ? 24 ? 13 24 
3 1 5J0E C 1 ? 12 ? 5J0E 1  ? 12 ? 1  12 
4 2 5J0E D 1 ? 12 ? 5J0E 13 ? 24 ? 13 24 
5 1 5J0E E 1 ? 12 ? 5J0E 1  ? 12 ? 1  12 
6 2 5J0E F 1 ? 12 ? 5J0E 13 ? 24 ? 13 24 
# 
loop_
_pdbx_struct_assembly.id 
_pdbx_struct_assembly.details 
_pdbx_struct_assembly.method_details 
_pdbx_struct_assembly.oligomeric_details 
_pdbx_struct_assembly.oligomeric_count 
1 software_defined_assembly PISA dimeric 2 
2 software_defined_assembly PISA dimeric 2 
3 software_defined_assembly PISA dimeric 2 
# 
loop_
_pdbx_struct_assembly_prop.biol_id 
_pdbx_struct_assembly_prop.type 
_pdbx_struct_assembly_prop.value 
_pdbx_struct_assembly_prop.details 
1 'ABSA (A^2)' 1090 ? 
1 MORE         -60  ? 
1 'SSA (A^2)'  4470 ? 
2 'ABSA (A^2)' 1080 ? 
2 MORE         -58  ? 
2 'SSA (A^2)'  4480 ? 
3 'ABSA (A^2)' 1110 ? 
3 MORE         -56  ? 
3 'SSA (A^2)'  4480 ? 
# 
loop_
_pdbx_struct_assembly_gen.assembly_id 
_pdbx_struct_assembly_gen.oper_expression 
_pdbx_struct_assembly_gen.asym_id_list 
1 1 A,B,G,H,I,P,Q 
2 1 C,D,J,K,L,R,S 
3 1 E,F,M,N,O,T,U 
# 
_pdbx_struct_oper_list.id                   1 
_pdbx_struct_oper_list.type                 'identity operation' 
_pdbx_struct_oper_list.name                 1_555 
_pdbx_struct_oper_list.symmetry_operation   x,y,z 
_pdbx_struct_oper_list.matrix[1][1]         1.0000000000 
_pdbx_struct_oper_list.matrix[1][2]         0.0000000000 
_pdbx_struct_oper_list.matrix[1][3]         0.0000000000 
_pdbx_struct_oper_list.vector[1]            0.0000000000 
_pdbx_struct_oper_list.matrix[2][1]         0.0000000000 
_pdbx_struct_oper_list.matrix[2][2]         1.0000000000 
_pdbx_struct_oper_list.matrix[2][3]         0.0000000000 
_pdbx_struct_oper_list.vector[2]            0.0000000000 
_pdbx_struct_oper_list.matrix[3][1]         0.0000000000 
_pdbx_struct_oper_list.matrix[3][2]         0.0000000000 
_pdbx_struct_oper_list.matrix[3][3]         1.0000000000 
_pdbx_struct_oper_list.vector[3]            0.0000000000 
# 
loop_
_struct_conn.id 
_struct_conn.conn_type_id 
_struct_conn.pdbx_leaving_atom_flag 
_struct_conn.pdbx_PDB_id 
_struct_conn.ptnr1_label_asym_id 
_struct_conn.ptnr1_label_comp_id 
_struct_conn.ptnr1_label_seq_id 
_struct_conn.ptnr1_label_atom_id 
_struct_conn.pdbx_ptnr1_label_alt_id 
_struct_conn.pdbx_ptnr1_PDB_ins_code 
_struct_conn.pdbx_ptnr1_standard_comp_id 
_struct_conn.ptnr1_symmetry 
_struct_conn.ptnr2_label_asym_id 
_struct_conn.ptnr2_label_comp_id 
_struct_conn.ptnr2_label_seq_id 
_struct_conn.ptnr2_label_atom_id 
_struct_conn.pdbx_ptnr2_label_alt_id 
_struct_conn.pdbx_ptnr2_PDB_ins_code 
_struct_conn.ptnr1_auth_asym_id 
_struct_conn.ptnr1_auth_comp_id 
_struct_conn.ptnr1_auth_seq_id 
_struct_conn.ptnr2_auth_asym_id 
_struct_conn.ptnr2_auth_comp_id 
_struct_conn.ptnr2_auth_seq_id 
_struct_conn.ptnr2_symmetry 
_struct_conn.pdbx_ptnr3_label_atom_id 
_struct_conn.pdbx_ptnr3_label_seq_id 
_struct_conn.pdbx_ptnr3_label_comp_id 
_struct_conn.pdbx_ptnr3_label_asym_id 
_struct_conn.pdbx_ptnr3_label_alt_id 
_struct_conn.pdbx_ptnr3_PDB_ins_code 
_struct_conn.details 
_struct_conn.pdbx_dist_value 
_struct_conn.pdbx_value_order 
_struct_conn.pdbx_role 
metalc1  metalc ? ? A DG 12 N7  ? ? ? 1_555 G ZN  .  ZN  ? ? A DG 12  A ZN  101 1_555 ? ? ? ? ? ? ?            2.261 ? ? 
metalc2  metalc ? ? A DG 12 OP1 ? ? ? 1_555 H ZN  .  ZN  ? ? A DG 12  A ZN  102 1_555 ? ? ? ? ? ? ?            2.179 ? ? 
metalc3  metalc ? ? H ZN .  ZN  ? ? ? 1_555 P HOH .  O   ? ? A ZN 102 A HOH 203 1_555 ? ? ? ? ? ? ?            2.177 ? ? 
metalc4  metalc ? ? H ZN .  ZN  ? ? ? 1_555 P HOH .  O   ? ? A ZN 102 A HOH 205 1_555 ? ? ? ? ? ? ?            1.833 ? ? 
metalc5  metalc ? ? H ZN .  ZN  ? ? ? 2_554 B DG  12 OP1 ? ? A ZN 102 B DG  24  1_555 ? ? ? ? ? ? ?            2.226 ? ? 
metalc6  metalc ? ? H ZN .  ZN  ? ? ? 1_555 Q HOH .  O   ? ? A ZN 102 B HOH 208 3_555 ? ? ? ? ? ? ?            2.457 ? ? 
metalc7  metalc ? ? B DG 12 N7  ? ? ? 1_555 I ZN  .  ZN  ? ? B DG 24  B ZN  101 1_555 ? ? ? ? ? ? ?            2.133 ? ? 
metalc8  metalc ? ? I ZN .  ZN  ? ? ? 1_555 Q HOH .  O   ? ? B ZN 101 B HOH 201 1_555 ? ? ? ? ? ? ?            1.777 ? ? 
metalc9  metalc ? ? I ZN .  ZN  ? ? ? 1_555 Q HOH .  O   ? ? B ZN 101 B HOH 204 1_555 ? ? ? ? ? ? ?            2.182 ? ? 
metalc10 metalc ? ? I ZN .  ZN  ? ? ? 1_555 S HOH .  O   ? ? B ZN 101 D HOH 201 2_554 ? ? ? ? ? ? ?            2.005 ? ? 
metalc11 metalc ? ? C DG 12 N7  ? ? ? 1_555 J ZN  .  ZN  ? ? C DG 12  C ZN  101 1_555 ? ? ? ? ? ? ?            2.477 ? ? 
metalc12 metalc ? ? C DG 12 OP1 ? ? ? 1_555 K ZN  .  ZN  ? ? C DG 12  C ZN  102 1_555 ? ? ? ? ? ? ?            2.094 ? ? 
metalc13 metalc ? ? K ZN .  ZN  ? ? ? 2_544 D DG  12 OP1 ? ? C ZN 102 D DG  24  1_555 ? ? ? ? ? ? ?            2.431 ? ? 
metalc14 metalc ? ? D DG 12 N7  ? ? ? 1_555 L ZN  .  ZN  ? ? D DG 24  D ZN  101 1_555 ? ? ? ? ? ? ?            2.346 ? ? 
metalc15 metalc ? ? L ZN .  ZN  ? ? ? 1_555 S HOH .  O   ? ? D ZN 101 D HOH 203 1_555 ? ? ? ? ? ? ?            2.422 ? ? 
metalc16 metalc ? ? L ZN .  ZN  ? ? ? 1_555 S HOH .  O   ? ? D ZN 101 D HOH 204 1_555 ? ? ? ? ? ? ?            1.978 ? ? 
metalc17 metalc ? ? E DG 12 N7  ? ? ? 1_555 M ZN  .  ZN  ? ? E DG 12  E ZN  101 1_555 ? ? ? ? ? ? ?            2.129 ? ? 
metalc18 metalc ? ? E DG 12 OP1 ? ? ? 1_555 O ZN  .  ZN  ? ? E DG 12  F ZN  102 2_654 ? ? ? ? ? ? ?            2.127 ? ? 
metalc19 metalc ? ? M ZN .  ZN  ? ? ? 1_555 T HOH .  O   ? ? E ZN 101 E HOH 201 1_555 ? ? ? ? ? ? ?            2.273 ? ? 
metalc20 metalc ? ? M ZN .  ZN  ? ? ? 1_555 T HOH .  O   ? ? E ZN 101 E HOH 204 1_555 ? ? ? ? ? ? ?            2.037 ? ? 
metalc21 metalc ? ? M ZN .  ZN  ? ? ? 1_555 T HOH .  O   ? ? E ZN 101 E HOH 206 1_555 ? ? ? ? ? ? ?            2.220 ? ? 
metalc22 metalc ? ? F DG 12 N7  ? ? ? 1_555 N ZN  .  ZN  ? ? F DG 24  F ZN  101 1_555 ? ? ? ? ? ? ?            2.407 ? ? 
metalc23 metalc ? ? F DG 12 OP1 ? ? ? 1_555 O ZN  .  ZN  ? ? F DG 24  F ZN  102 1_555 ? ? ? ? ? ? ?            2.208 ? ? 
metalc24 metalc ? ? O ZN .  ZN  ? ? ? 1_555 U HOH .  O   ? ? F ZN 102 F HOH 209 1_555 ? ? ? ? ? ? ?            1.868 ? ? 
hydrog1  hydrog ? ? A DG 2  N1  ? ? ? 1_555 B DC  11 N3  ? ? A DG 2   B DC  23  1_555 ? ? ? ? ? ? WATSON-CRICK ?     ? ? 
hydrog2  hydrog ? ? A DG 2  N2  ? ? ? 1_555 B DC  11 O2  ? ? A DG 2   B DC  23  1_555 ? ? ? ? ? ? WATSON-CRICK ?     ? ? 
hydrog3  hydrog ? ? A DG 2  O6  ? ? ? 1_555 B DC  11 N4  ? ? A DG 2   B DC  23  1_555 ? ? ? ? ? ? WATSON-CRICK ?     ? ? 
hydrog4  hydrog ? ? A DC 3  N3  ? ? ? 1_555 B DG  10 N1  ? ? A DC 3   B DG  22  1_555 ? ? ? ? ? ? WATSON-CRICK ?     ? ? 
hydrog5  hydrog ? ? A DC 3  N4  ? ? ? 1_555 B DG  10 O6  ? ? A DC 3   B DG  22  1_555 ? ? ? ? ? ? WATSON-CRICK ?     ? ? 
hydrog6  hydrog ? ? A DC 3  O2  ? ? ? 1_555 B DG  10 N2  ? ? A DC 3   B DG  22  1_555 ? ? ? ? ? ? WATSON-CRICK ?     ? ? 
hydrog7  hydrog ? ? A DT 4  N3  ? ? ? 1_555 B DA  9  N1  ? ? A DT 4   B DA  21  1_555 ? ? ? ? ? ? WATSON-CRICK ?     ? ? 
hydrog8  hydrog ? ? A DT 4  O4  ? ? ? 1_555 B DA  9  N6  ? ? A DT 4   B DA  21  1_555 ? ? ? ? ? ? WATSON-CRICK ?     ? ? 
hydrog9  hydrog ? ? A DA 5  N1  ? ? ? 1_555 B DT  8  N3  ? ? A DA 5   B DT  20  1_555 ? ? ? ? ? ? WATSON-CRICK ?     ? ? 
hydrog10 hydrog ? ? A DA 5  N6  ? ? ? 1_555 B DT  8  O4  ? ? A DA 5   B DT  20  1_555 ? ? ? ? ? ? WATSON-CRICK ?     ? ? 
hydrog11 hydrog ? ? A DT 6  N3  ? ? ? 1_555 B DA  7  N1  ? ? A DT 6   B DA  19  1_555 ? ? ? ? ? ? 'DT-DA PAIR' ?     ? ? 
hydrog12 hydrog ? ? A DA 7  N1  ? ? ? 1_555 B DT  6  N3  ? ? A DA 7   B DT  18  1_555 ? ? ? ? ? ? WATSON-CRICK ?     ? ? 
hydrog13 hydrog ? ? A DA 7  N6  ? ? ? 1_555 B DT  6  O4  ? ? A DA 7   B DT  18  1_555 ? ? ? ? ? ? WATSON-CRICK ?     ? ? 
hydrog14 hydrog ? ? A DA 8  N1  ? ? ? 1_555 B DT  5  N3  ? ? A DA 8   B DT  17  1_555 ? ? ? ? ? ? WATSON-CRICK ?     ? ? 
hydrog15 hydrog ? ? A DA 8  N6  ? ? ? 1_555 B DT  5  O4  ? ? A DA 8   B DT  17  1_555 ? ? ? ? ? ? WATSON-CRICK ?     ? ? 
hydrog16 hydrog ? ? A DT 9  N3  ? ? ? 1_555 B DA  4  N1  ? ? A DT 9   B DA  16  1_555 ? ? ? ? ? ? WATSON-CRICK ?     ? ? 
hydrog17 hydrog ? ? A DT 9  O4  ? ? ? 1_555 B DA  4  N6  ? ? A DT 9   B DA  16  1_555 ? ? ? ? ? ? WATSON-CRICK ?     ? ? 
hydrog18 hydrog ? ? A DG 10 N1  ? ? ? 1_555 B DC  3  N3  ? ? A DG 10  B DC  15  1_555 ? ? ? ? ? ? WATSON-CRICK ?     ? ? 
hydrog19 hydrog ? ? A DG 10 N2  ? ? ? 1_555 B DC  3  O2  ? ? A DG 10  B DC  15  1_555 ? ? ? ? ? ? WATSON-CRICK ?     ? ? 
hydrog20 hydrog ? ? A DG 10 O6  ? ? ? 1_555 B DC  3  N4  ? ? A DG 10  B DC  15  1_555 ? ? ? ? ? ? WATSON-CRICK ?     ? ? 
hydrog21 hydrog ? ? A DC 11 N3  ? ? ? 1_555 B DG  2  N1  ? ? A DC 11  B DG  14  1_555 ? ? ? ? ? ? WATSON-CRICK ?     ? ? 
hydrog22 hydrog ? ? A DC 11 N4  ? ? ? 1_555 B DG  2  O6  ? ? A DC 11  B DG  14  1_555 ? ? ? ? ? ? WATSON-CRICK ?     ? ? 
hydrog23 hydrog ? ? A DC 11 O2  ? ? ? 1_555 B DG  2  N2  ? ? A DC 11  B DG  14  1_555 ? ? ? ? ? ? WATSON-CRICK ?     ? ? 
hydrog24 hydrog ? ? C DG 2  N1  ? ? ? 1_555 D DC  11 N3  ? ? C DG 2   D DC  23  1_555 ? ? ? ? ? ? WATSON-CRICK ?     ? ? 
hydrog25 hydrog ? ? C DG 2  N2  ? ? ? 1_555 D DC  11 O2  ? ? C DG 2   D DC  23  1_555 ? ? ? ? ? ? WATSON-CRICK ?     ? ? 
hydrog26 hydrog ? ? C DG 2  O6  ? ? ? 1_555 D DC  11 N4  ? ? C DG 2   D DC  23  1_555 ? ? ? ? ? ? WATSON-CRICK ?     ? ? 
hydrog27 hydrog ? ? C DC 3  N3  ? ? ? 1_555 D DG  10 N1  ? ? C DC 3   D DG  22  1_555 ? ? ? ? ? ? WATSON-CRICK ?     ? ? 
hydrog28 hydrog ? ? C DC 3  N4  ? ? ? 1_555 D DG  10 O6  ? ? C DC 3   D DG  22  1_555 ? ? ? ? ? ? WATSON-CRICK ?     ? ? 
hydrog29 hydrog ? ? C DC 3  O2  ? ? ? 1_555 D DG  10 N2  ? ? C DC 3   D DG  22  1_555 ? ? ? ? ? ? WATSON-CRICK ?     ? ? 
hydrog30 hydrog ? ? C DT 4  N3  ? ? ? 1_555 D DA  9  N1  ? ? C DT 4   D DA  21  1_555 ? ? ? ? ? ? WATSON-CRICK ?     ? ? 
hydrog31 hydrog ? ? C DT 4  O4  ? ? ? 1_555 D DA  9  N6  ? ? C DT 4   D DA  21  1_555 ? ? ? ? ? ? WATSON-CRICK ?     ? ? 
hydrog32 hydrog ? ? C DA 5  N1  ? ? ? 1_555 D DT  8  N3  ? ? C DA 5   D DT  20  1_555 ? ? ? ? ? ? 'DA-DT PAIR' ?     ? ? 
hydrog33 hydrog ? ? C DT 6  N3  ? ? ? 1_555 D DA  7  N1  ? ? C DT 6   D DA  19  1_555 ? ? ? ? ? ? 'DT-DA PAIR' ?     ? ? 
hydrog34 hydrog ? ? C DA 7  N1  ? ? ? 1_555 D DT  6  N3  ? ? C DA 7   D DT  18  1_555 ? ? ? ? ? ? 'DA-DT PAIR' ?     ? ? 
hydrog35 hydrog ? ? C DA 8  N1  ? ? ? 1_555 D DT  5  N3  ? ? C DA 8   D DT  17  1_555 ? ? ? ? ? ? WATSON-CRICK ?     ? ? 
hydrog36 hydrog ? ? C DA 8  N6  ? ? ? 1_555 D DT  5  O4  ? ? C DA 8   D DT  17  1_555 ? ? ? ? ? ? WATSON-CRICK ?     ? ? 
hydrog37 hydrog ? ? C DT 9  N3  ? ? ? 1_555 D DA  4  N1  ? ? C DT 9   D DA  16  1_555 ? ? ? ? ? ? WATSON-CRICK ?     ? ? 
hydrog38 hydrog ? ? C DT 9  O4  ? ? ? 1_555 D DA  4  N6  ? ? C DT 9   D DA  16  1_555 ? ? ? ? ? ? WATSON-CRICK ?     ? ? 
hydrog39 hydrog ? ? C DG 10 N1  ? ? ? 1_555 D DC  3  N3  ? ? C DG 10  D DC  15  1_555 ? ? ? ? ? ? WATSON-CRICK ?     ? ? 
hydrog40 hydrog ? ? C DG 10 N2  ? ? ? 1_555 D DC  3  O2  ? ? C DG 10  D DC  15  1_555 ? ? ? ? ? ? WATSON-CRICK ?     ? ? 
hydrog41 hydrog ? ? C DG 10 O6  ? ? ? 1_555 D DC  3  N4  ? ? C DG 10  D DC  15  1_555 ? ? ? ? ? ? WATSON-CRICK ?     ? ? 
hydrog42 hydrog ? ? C DC 11 N3  ? ? ? 1_555 D DG  2  N1  ? ? C DC 11  D DG  14  1_555 ? ? ? ? ? ? WATSON-CRICK ?     ? ? 
hydrog43 hydrog ? ? C DC 11 N4  ? ? ? 1_555 D DG  2  O6  ? ? C DC 11  D DG  14  1_555 ? ? ? ? ? ? WATSON-CRICK ?     ? ? 
hydrog44 hydrog ? ? C DC 11 O2  ? ? ? 1_555 D DG  2  N2  ? ? C DC 11  D DG  14  1_555 ? ? ? ? ? ? WATSON-CRICK ?     ? ? 
hydrog45 hydrog ? ? E DG 2  N1  ? ? ? 1_555 F DC  11 N3  ? ? E DG 2   F DC  23  1_555 ? ? ? ? ? ? WATSON-CRICK ?     ? ? 
hydrog46 hydrog ? ? E DG 2  N2  ? ? ? 1_555 F DC  11 O2  ? ? E DG 2   F DC  23  1_555 ? ? ? ? ? ? WATSON-CRICK ?     ? ? 
hydrog47 hydrog ? ? E DG 2  O6  ? ? ? 1_555 F DC  11 N4  ? ? E DG 2   F DC  23  1_555 ? ? ? ? ? ? WATSON-CRICK ?     ? ? 
hydrog48 hydrog ? ? E DC 3  N3  ? ? ? 1_555 F DG  10 N1  ? ? E DC 3   F DG  22  1_555 ? ? ? ? ? ? WATSON-CRICK ?     ? ? 
hydrog49 hydrog ? ? E DC 3  N4  ? ? ? 1_555 F DG  10 O6  ? ? E DC 3   F DG  22  1_555 ? ? ? ? ? ? WATSON-CRICK ?     ? ? 
hydrog50 hydrog ? ? E DC 3  O2  ? ? ? 1_555 F DG  10 N2  ? ? E DC 3   F DG  22  1_555 ? ? ? ? ? ? WATSON-CRICK ?     ? ? 
hydrog51 hydrog ? ? E DT 4  N3  ? ? ? 1_555 F DA  9  N1  ? ? E DT 4   F DA  21  1_555 ? ? ? ? ? ? WATSON-CRICK ?     ? ? 
hydrog52 hydrog ? ? E DT 4  O4  ? ? ? 1_555 F DA  9  N6  ? ? E DT 4   F DA  21  1_555 ? ? ? ? ? ? WATSON-CRICK ?     ? ? 
hydrog53 hydrog ? ? E DA 5  N1  ? ? ? 1_555 F DT  8  N3  ? ? E DA 5   F DT  20  1_555 ? ? ? ? ? ? 'DA-DT PAIR' ?     ? ? 
hydrog54 hydrog ? ? E DT 6  N3  ? ? ? 1_555 F DA  7  N1  ? ? E DT 6   F DA  19  1_555 ? ? ? ? ? ? 'DT-DA PAIR' ?     ? ? 
hydrog55 hydrog ? ? E DA 7  N1  ? ? ? 1_555 F DT  6  N3  ? ? E DA 7   F DT  18  1_555 ? ? ? ? ? ? WATSON-CRICK ?     ? ? 
hydrog56 hydrog ? ? E DA 7  N6  ? ? ? 1_555 F DT  6  O4  ? ? E DA 7   F DT  18  1_555 ? ? ? ? ? ? WATSON-CRICK ?     ? ? 
hydrog57 hydrog ? ? E DA 8  N1  ? ? ? 1_555 F DT  5  N3  ? ? E DA 8   F DT  17  1_555 ? ? ? ? ? ? WATSON-CRICK ?     ? ? 
hydrog58 hydrog ? ? E DA 8  N6  ? ? ? 1_555 F DT  5  O4  ? ? E DA 8   F DT  17  1_555 ? ? ? ? ? ? WATSON-CRICK ?     ? ? 
hydrog59 hydrog ? ? E DT 9  N3  ? ? ? 1_555 F DA  4  N1  ? ? E DT 9   F DA  16  1_555 ? ? ? ? ? ? 'DT-DA PAIR' ?     ? ? 
hydrog60 hydrog ? ? E DG 10 N1  ? ? ? 1_555 F DC  3  N3  ? ? E DG 10  F DC  15  1_555 ? ? ? ? ? ? WATSON-CRICK ?     ? ? 
hydrog61 hydrog ? ? E DG 10 N2  ? ? ? 1_555 F DC  3  O2  ? ? E DG 10  F DC  15  1_555 ? ? ? ? ? ? WATSON-CRICK ?     ? ? 
hydrog62 hydrog ? ? E DG 10 O6  ? ? ? 1_555 F DC  3  N4  ? ? E DG 10  F DC  15  1_555 ? ? ? ? ? ? WATSON-CRICK ?     ? ? 
hydrog63 hydrog ? ? E DC 11 N3  ? ? ? 1_555 F DG  2  N1  ? ? E DC 11  F DG  14  1_555 ? ? ? ? ? ? WATSON-CRICK ?     ? ? 
hydrog64 hydrog ? ? E DC 11 N4  ? ? ? 1_555 F DG  2  O6  ? ? E DC 11  F DG  14  1_555 ? ? ? ? ? ? WATSON-CRICK ?     ? ? 
hydrog65 hydrog ? ? E DC 11 O2  ? ? ? 1_555 F DG  2  N2  ? ? E DC 11  F DG  14  1_555 ? ? ? ? ? ? WATSON-CRICK ?     ? ? 
# 
loop_
_struct_conn_type.id 
_struct_conn_type.criteria 
_struct_conn_type.reference 
metalc ? ? 
hydrog ? ? 
# 
loop_
_pdbx_struct_conn_angle.id 
_pdbx_struct_conn_angle.ptnr1_label_atom_id 
_pdbx_struct_conn_angle.ptnr1_label_alt_id 
_pdbx_struct_conn_angle.ptnr1_label_asym_id 
_pdbx_struct_conn_angle.ptnr1_label_comp_id 
_pdbx_struct_conn_angle.ptnr1_label_seq_id 
_pdbx_struct_conn_angle.ptnr1_auth_atom_id 
_pdbx_struct_conn_angle.ptnr1_auth_asym_id 
_pdbx_struct_conn_angle.ptnr1_auth_comp_id 
_pdbx_struct_conn_angle.ptnr1_auth_seq_id 
_pdbx_struct_conn_angle.ptnr1_PDB_ins_code 
_pdbx_struct_conn_angle.ptnr1_symmetry 
_pdbx_struct_conn_angle.ptnr2_label_atom_id 
_pdbx_struct_conn_angle.ptnr2_label_alt_id 
_pdbx_struct_conn_angle.ptnr2_label_asym_id 
_pdbx_struct_conn_angle.ptnr2_label_comp_id 
_pdbx_struct_conn_angle.ptnr2_label_seq_id 
_pdbx_struct_conn_angle.ptnr2_auth_atom_id 
_pdbx_struct_conn_angle.ptnr2_auth_asym_id 
_pdbx_struct_conn_angle.ptnr2_auth_comp_id 
_pdbx_struct_conn_angle.ptnr2_auth_seq_id 
_pdbx_struct_conn_angle.ptnr2_PDB_ins_code 
_pdbx_struct_conn_angle.ptnr2_symmetry 
_pdbx_struct_conn_angle.ptnr3_label_atom_id 
_pdbx_struct_conn_angle.ptnr3_label_alt_id 
_pdbx_struct_conn_angle.ptnr3_label_asym_id 
_pdbx_struct_conn_angle.ptnr3_label_comp_id 
_pdbx_struct_conn_angle.ptnr3_label_seq_id 
_pdbx_struct_conn_angle.ptnr3_auth_atom_id 
_pdbx_struct_conn_angle.ptnr3_auth_asym_id 
_pdbx_struct_conn_angle.ptnr3_auth_comp_id 
_pdbx_struct_conn_angle.ptnr3_auth_seq_id 
_pdbx_struct_conn_angle.ptnr3_PDB_ins_code 
_pdbx_struct_conn_angle.ptnr3_symmetry 
_pdbx_struct_conn_angle.value 
_pdbx_struct_conn_angle.value_esd 
1  OP1 ? A DG  12 ? A DG  12  ? 1_555 ZN ? H ZN . ? A ZN 102 ? 1_555 O   ? P HOH .  ? A HOH 203 ? 1_555 74.7  ? 
2  OP1 ? A DG  12 ? A DG  12  ? 1_555 ZN ? H ZN . ? A ZN 102 ? 1_555 O   ? P HOH .  ? A HOH 205 ? 1_555 89.5  ? 
3  O   ? P HOH .  ? A HOH 203 ? 1_555 ZN ? H ZN . ? A ZN 102 ? 1_555 O   ? P HOH .  ? A HOH 205 ? 1_555 138.1 ? 
4  OP1 ? A DG  12 ? A DG  12  ? 1_555 ZN ? H ZN . ? A ZN 102 ? 1_555 OP1 ? B DG  12 ? B DG  24  ? 1_555 89.0  ? 
5  O   ? P HOH .  ? A HOH 203 ? 1_555 ZN ? H ZN . ? A ZN 102 ? 1_555 OP1 ? B DG  12 ? B DG  24  ? 1_555 74.4  ? 
6  O   ? P HOH .  ? A HOH 205 ? 1_555 ZN ? H ZN . ? A ZN 102 ? 1_555 OP1 ? B DG  12 ? B DG  24  ? 1_555 145.2 ? 
7  OP1 ? A DG  12 ? A DG  12  ? 1_555 ZN ? H ZN . ? A ZN 102 ? 1_555 O   ? Q HOH .  ? B HOH 208 ? 3_555 169.5 ? 
8  O   ? P HOH .  ? A HOH 203 ? 1_555 ZN ? H ZN . ? A ZN 102 ? 1_555 O   ? Q HOH .  ? B HOH 208 ? 3_555 99.2  ? 
9  O   ? P HOH .  ? A HOH 205 ? 1_555 ZN ? H ZN . ? A ZN 102 ? 1_555 O   ? Q HOH .  ? B HOH 208 ? 3_555 89.6  ? 
10 OP1 ? B DG  12 ? B DG  24  ? 1_555 ZN ? H ZN . ? A ZN 102 ? 1_555 O   ? Q HOH .  ? B HOH 208 ? 3_555 97.6  ? 
11 N7  ? B DG  12 ? B DG  24  ? 1_555 ZN ? I ZN . ? B ZN 101 ? 1_555 O   ? Q HOH .  ? B HOH 201 ? 1_555 77.4  ? 
12 N7  ? B DG  12 ? B DG  24  ? 1_555 ZN ? I ZN . ? B ZN 101 ? 1_555 O   ? Q HOH .  ? B HOH 204 ? 1_555 79.2  ? 
13 O   ? Q HOH .  ? B HOH 201 ? 1_555 ZN ? I ZN . ? B ZN 101 ? 1_555 O   ? Q HOH .  ? B HOH 204 ? 1_555 73.7  ? 
14 N7  ? B DG  12 ? B DG  24  ? 1_555 ZN ? I ZN . ? B ZN 101 ? 1_555 O   ? S HOH .  ? D HOH 201 ? 2_554 88.6  ? 
15 O   ? Q HOH .  ? B HOH 201 ? 1_555 ZN ? I ZN . ? B ZN 101 ? 1_555 O   ? S HOH .  ? D HOH 201 ? 2_554 79.5  ? 
16 O   ? Q HOH .  ? B HOH 204 ? 1_555 ZN ? I ZN . ? B ZN 101 ? 1_555 O   ? S HOH .  ? D HOH 201 ? 2_554 152.3 ? 
17 OP1 ? C DG  12 ? C DG  12  ? 1_555 ZN ? K ZN . ? C ZN 102 ? 1_555 OP1 ? D DG  12 ? D DG  24  ? 1_555 81.7  ? 
18 N7  ? D DG  12 ? D DG  24  ? 1_555 ZN ? L ZN . ? D ZN 101 ? 1_555 O   ? S HOH .  ? D HOH 203 ? 1_555 64.7  ? 
19 N7  ? D DG  12 ? D DG  24  ? 1_555 ZN ? L ZN . ? D ZN 101 ? 1_555 O   ? S HOH .  ? D HOH 204 ? 1_555 72.1  ? 
20 O   ? S HOH .  ? D HOH 203 ? 1_555 ZN ? L ZN . ? D ZN 101 ? 1_555 O   ? S HOH .  ? D HOH 204 ? 1_555 65.5  ? 
21 N7  ? E DG  12 ? E DG  12  ? 1_555 ZN ? M ZN . ? E ZN 101 ? 1_555 O   ? T HOH .  ? E HOH 201 ? 1_555 79.7  ? 
22 N7  ? E DG  12 ? E DG  12  ? 1_555 ZN ? M ZN . ? E ZN 101 ? 1_555 O   ? T HOH .  ? E HOH 204 ? 1_555 79.1  ? 
23 O   ? T HOH .  ? E HOH 201 ? 1_555 ZN ? M ZN . ? E ZN 101 ? 1_555 O   ? T HOH .  ? E HOH 204 ? 1_555 67.9  ? 
24 N7  ? E DG  12 ? E DG  12  ? 1_555 ZN ? M ZN . ? E ZN 101 ? 1_555 O   ? T HOH .  ? E HOH 206 ? 1_555 80.5  ? 
25 O   ? T HOH .  ? E HOH 201 ? 1_555 ZN ? M ZN . ? E ZN 101 ? 1_555 O   ? T HOH .  ? E HOH 206 ? 1_555 154.8 ? 
26 O   ? T HOH .  ? E HOH 204 ? 1_555 ZN ? M ZN . ? E ZN 101 ? 1_555 O   ? T HOH .  ? E HOH 206 ? 1_555 93.2  ? 
27 OP1 ? E DG  12 ? E DG  12  ? 1_555 ZN ? O ZN . ? F ZN 102 ? 2_654 OP1 ? F DG  12 ? F DG  24  ? 1_555 107.8 ? 
28 OP1 ? E DG  12 ? E DG  12  ? 1_555 ZN ? O ZN . ? F ZN 102 ? 2_654 O   ? U HOH .  ? F HOH 209 ? 1_555 110.8 ? 
29 OP1 ? F DG  12 ? F DG  24  ? 1_555 ZN ? O ZN . ? F ZN 102 ? 2_654 O   ? U HOH .  ? F HOH 209 ? 1_555 3.9   ? 
# 
loop_
_struct_site.id 
_struct_site.pdbx_evidence_code 
_struct_site.pdbx_auth_asym_id 
_struct_site.pdbx_auth_comp_id 
_struct_site.pdbx_auth_seq_id 
_struct_site.pdbx_auth_ins_code 
_struct_site.pdbx_num_residues 
_struct_site.details 
AC1 Software A ZN 101 ? 1 'binding site for residue ZN A 101' 
AC2 Software A ZN 102 ? 5 'binding site for residue ZN A 102' 
AC3 Software B ZN 101 ? 5 'binding site for residue ZN B 101' 
AC4 Software C ZN 101 ? 1 'binding site for residue ZN C 101' 
AC5 Software C ZN 102 ? 3 'binding site for residue ZN C 102' 
AC6 Software D ZN 101 ? 3 'binding site for residue ZN D 101' 
AC7 Software E ZN 101 ? 5 'binding site for residue ZN E 101' 
AC8 Software F ZN 101 ? 2 'binding site for residue ZN F 101' 
AC9 Software F ZN 102 ? 4 'binding site for residue ZN F 102' 
# 
loop_
_struct_site_gen.id 
_struct_site_gen.site_id 
_struct_site_gen.pdbx_num_res 
_struct_site_gen.label_comp_id 
_struct_site_gen.label_asym_id 
_struct_site_gen.label_seq_id 
_struct_site_gen.pdbx_auth_ins_code 
_struct_site_gen.auth_comp_id 
_struct_site_gen.auth_asym_id 
_struct_site_gen.auth_seq_id 
_struct_site_gen.label_atom_id 
_struct_site_gen.label_alt_id 
_struct_site_gen.symmetry 
_struct_site_gen.details 
1  AC1 1 DG  A 12 ? DG  A 12  . ? 1_555 ? 
2  AC2 5 DG  A 12 ? DG  A 12  . ? 1_555 ? 
3  AC2 5 HOH P .  ? HOH A 203 . ? 1_555 ? 
4  AC2 5 HOH P .  ? HOH A 205 . ? 1_555 ? 
5  AC2 5 DG  B 12 ? DG  B 24  . ? 3_555 ? 
6  AC2 5 HOH Q .  ? HOH B 208 . ? 3_555 ? 
7  AC3 5 DG  B 12 ? DG  B 24  . ? 1_555 ? 
8  AC3 5 HOH Q .  ? HOH B 201 . ? 1_555 ? 
9  AC3 5 HOH Q .  ? HOH B 204 . ? 1_555 ? 
10 AC3 5 DC  D 3  ? DC  D 15  . ? 2_554 ? 
11 AC3 5 HOH S .  ? HOH D 201 . ? 2_554 ? 
12 AC4 1 DG  C 12 ? DG  C 12  . ? 1_555 ? 
13 AC5 3 DG  C 12 ? DG  C 12  . ? 1_555 ? 
14 AC5 3 DG  D 12 ? DG  D 24  . ? 3_655 ? 
15 AC5 3 HOH S .  ? HOH D 212 . ? 3_655 ? 
16 AC6 3 DG  D 12 ? DG  D 24  . ? 1_555 ? 
17 AC6 3 HOH S .  ? HOH D 203 . ? 1_555 ? 
18 AC6 3 HOH S .  ? HOH D 204 . ? 1_555 ? 
19 AC7 5 DC  B 3  ? DC  B 15  . ? 2_654 ? 
20 AC7 5 DG  E 12 ? DG  E 12  . ? 1_555 ? 
21 AC7 5 HOH T .  ? HOH E 201 . ? 1_555 ? 
22 AC7 5 HOH T .  ? HOH E 204 . ? 1_555 ? 
23 AC7 5 HOH T .  ? HOH E 206 . ? 1_555 ? 
24 AC8 2 DC  C 3  ? DC  C 3   . ? 3_665 ? 
25 AC8 2 DG  F 12 ? DG  F 24  . ? 1_555 ? 
26 AC9 4 DG  E 12 ? DG  E 12  . ? 3_665 ? 
27 AC9 4 HOH T .  ? HOH E 212 . ? 3_665 ? 
28 AC9 4 DG  F 12 ? DG  F 24  . ? 1_555 ? 
29 AC9 4 HOH U .  ? HOH F 209 . ? 1_555 ? 
# 
loop_
_pdbx_validate_rmsd_bond.id 
_pdbx_validate_rmsd_bond.PDB_model_num 
_pdbx_validate_rmsd_bond.auth_atom_id_1 
_pdbx_validate_rmsd_bond.auth_asym_id_1 
_pdbx_validate_rmsd_bond.auth_comp_id_1 
_pdbx_validate_rmsd_bond.auth_seq_id_1 
_pdbx_validate_rmsd_bond.PDB_ins_code_1 
_pdbx_validate_rmsd_bond.label_alt_id_1 
_pdbx_validate_rmsd_bond.auth_atom_id_2 
_pdbx_validate_rmsd_bond.auth_asym_id_2 
_pdbx_validate_rmsd_bond.auth_comp_id_2 
_pdbx_validate_rmsd_bond.auth_seq_id_2 
_pdbx_validate_rmsd_bond.PDB_ins_code_2 
_pdbx_validate_rmsd_bond.label_alt_id_2 
_pdbx_validate_rmsd_bond.bond_value 
_pdbx_validate_rmsd_bond.bond_target_value 
_pdbx_validate_rmsd_bond.bond_deviation 
_pdbx_validate_rmsd_bond.bond_standard_deviation 
_pdbx_validate_rmsd_bond.linker_flag 
1 1 "O3'" A DT 9  ? ? P A DG 10 ? ? 1.522 1.607 -0.085 0.012 Y 
2 1 "O3'" F DA 21 ? ? P F DG 22 ? ? 1.534 1.607 -0.073 0.012 Y 
3 1 "O3'" F DC 23 ? ? P F DG 24 ? ? 1.683 1.607 0.076  0.012 Y 
# 
loop_
_pdbx_validate_rmsd_angle.id 
_pdbx_validate_rmsd_angle.PDB_model_num 
_pdbx_validate_rmsd_angle.auth_atom_id_1 
_pdbx_validate_rmsd_angle.auth_asym_id_1 
_pdbx_validate_rmsd_angle.auth_comp_id_1 
_pdbx_validate_rmsd_angle.auth_seq_id_1 
_pdbx_validate_rmsd_angle.PDB_ins_code_1 
_pdbx_validate_rmsd_angle.label_alt_id_1 
_pdbx_validate_rmsd_angle.auth_atom_id_2 
_pdbx_validate_rmsd_angle.auth_asym_id_2 
_pdbx_validate_rmsd_angle.auth_comp_id_2 
_pdbx_validate_rmsd_angle.auth_seq_id_2 
_pdbx_validate_rmsd_angle.PDB_ins_code_2 
_pdbx_validate_rmsd_angle.label_alt_id_2 
_pdbx_validate_rmsd_angle.auth_atom_id_3 
_pdbx_validate_rmsd_angle.auth_asym_id_3 
_pdbx_validate_rmsd_angle.auth_comp_id_3 
_pdbx_validate_rmsd_angle.auth_seq_id_3 
_pdbx_validate_rmsd_angle.PDB_ins_code_3 
_pdbx_validate_rmsd_angle.label_alt_id_3 
_pdbx_validate_rmsd_angle.angle_value 
_pdbx_validate_rmsd_angle.angle_target_value 
_pdbx_validate_rmsd_angle.angle_deviation 
_pdbx_validate_rmsd_angle.angle_standard_deviation 
_pdbx_validate_rmsd_angle.linker_flag 
1 1 "O5'" A DG 2  ? ? P A DG 2  ? ? OP1 A DG 2  ? ? 90.28  105.70 -15.42 0.90 N 
2 1 "O5'" A DT 4  ? ? P A DT 4  ? ? OP1 A DT 4  ? ? 100.14 105.70 -5.56  0.90 N 
3 1 "O5'" B DG 14 ? ? P B DG 14 ? ? OP1 B DG 14 ? ? 97.71  105.70 -7.99  0.90 N 
4 1 "O5'" B DT 17 ? ? P B DT 17 ? ? OP1 B DT 17 ? ? 97.12  105.70 -8.58  0.90 N 
5 1 "O5'" B DA 19 ? ? P B DA 19 ? ? OP1 B DA 19 ? ? 98.76  105.70 -6.94  0.90 N 
# 
_pdbx_distant_solvent_atoms.id                                1 
_pdbx_distant_solvent_atoms.PDB_model_num                     1 
_pdbx_distant_solvent_atoms.auth_atom_id                      O 
_pdbx_distant_solvent_atoms.label_alt_id                      ? 
_pdbx_distant_solvent_atoms.auth_asym_id                      F 
_pdbx_distant_solvent_atoms.auth_comp_id                      HOH 
_pdbx_distant_solvent_atoms.auth_seq_id                       216 
_pdbx_distant_solvent_atoms.PDB_ins_code                      ? 
_pdbx_distant_solvent_atoms.neighbor_macromolecule_distance   6.65 
_pdbx_distant_solvent_atoms.neighbor_ligand_distance          . 
# 
loop_
_pdbx_unobs_or_zero_occ_residues.id 
_pdbx_unobs_or_zero_occ_residues.PDB_model_num 
_pdbx_unobs_or_zero_occ_residues.polymer_flag 
_pdbx_unobs_or_zero_occ_residues.occupancy_flag 
_pdbx_unobs_or_zero_occ_residues.auth_asym_id 
_pdbx_unobs_or_zero_occ_residues.auth_comp_id 
_pdbx_unobs_or_zero_occ_residues.auth_seq_id 
_pdbx_unobs_or_zero_occ_residues.PDB_ins_code 
_pdbx_unobs_or_zero_occ_residues.label_asym_id 
_pdbx_unobs_or_zero_occ_residues.label_comp_id 
_pdbx_unobs_or_zero_occ_residues.label_seq_id 
1 1 Y 1 A DC 1  ? A DC 1 
2 1 Y 1 B DG 13 ? B DG 1 
3 1 Y 1 C DC 1  ? C DC 1 
4 1 Y 1 D DG 13 ? D DG 1 
5 1 Y 1 E DC 1  ? E DC 1 
6 1 Y 1 F DG 13 ? F DG 1 
# 
loop_
_chem_comp_atom.comp_id 
_chem_comp_atom.atom_id 
_chem_comp_atom.type_symbol 
_chem_comp_atom.pdbx_aromatic_flag 
_chem_comp_atom.pdbx_stereo_config 
_chem_comp_atom.pdbx_ordinal 
DA  OP3    O  N N 1   
DA  P      P  N N 2   
DA  OP1    O  N N 3   
DA  OP2    O  N N 4   
DA  "O5'"  O  N N 5   
DA  "C5'"  C  N N 6   
DA  "C4'"  C  N R 7   
DA  "O4'"  O  N N 8   
DA  "C3'"  C  N S 9   
DA  "O3'"  O  N N 10  
DA  "C2'"  C  N N 11  
DA  "C1'"  C  N R 12  
DA  N9     N  Y N 13  
DA  C8     C  Y N 14  
DA  N7     N  Y N 15  
DA  C5     C  Y N 16  
DA  C6     C  Y N 17  
DA  N6     N  N N 18  
DA  N1     N  Y N 19  
DA  C2     C  Y N 20  
DA  N3     N  Y N 21  
DA  C4     C  Y N 22  
DA  HOP3   H  N N 23  
DA  HOP2   H  N N 24  
DA  "H5'"  H  N N 25  
DA  "H5''" H  N N 26  
DA  "H4'"  H  N N 27  
DA  "H3'"  H  N N 28  
DA  "HO3'" H  N N 29  
DA  "H2'"  H  N N 30  
DA  "H2''" H  N N 31  
DA  "H1'"  H  N N 32  
DA  H8     H  N N 33  
DA  H61    H  N N 34  
DA  H62    H  N N 35  
DA  H2     H  N N 36  
DC  OP3    O  N N 37  
DC  P      P  N N 38  
DC  OP1    O  N N 39  
DC  OP2    O  N N 40  
DC  "O5'"  O  N N 41  
DC  "C5'"  C  N N 42  
DC  "C4'"  C  N R 43  
DC  "O4'"  O  N N 44  
DC  "C3'"  C  N S 45  
DC  "O3'"  O  N N 46  
DC  "C2'"  C  N N 47  
DC  "C1'"  C  N R 48  
DC  N1     N  N N 49  
DC  C2     C  N N 50  
DC  O2     O  N N 51  
DC  N3     N  N N 52  
DC  C4     C  N N 53  
DC  N4     N  N N 54  
DC  C5     C  N N 55  
DC  C6     C  N N 56  
DC  HOP3   H  N N 57  
DC  HOP2   H  N N 58  
DC  "H5'"  H  N N 59  
DC  "H5''" H  N N 60  
DC  "H4'"  H  N N 61  
DC  "H3'"  H  N N 62  
DC  "HO3'" H  N N 63  
DC  "H2'"  H  N N 64  
DC  "H2''" H  N N 65  
DC  "H1'"  H  N N 66  
DC  H41    H  N N 67  
DC  H42    H  N N 68  
DC  H5     H  N N 69  
DC  H6     H  N N 70  
DG  OP3    O  N N 71  
DG  P      P  N N 72  
DG  OP1    O  N N 73  
DG  OP2    O  N N 74  
DG  "O5'"  O  N N 75  
DG  "C5'"  C  N N 76  
DG  "C4'"  C  N R 77  
DG  "O4'"  O  N N 78  
DG  "C3'"  C  N S 79  
DG  "O3'"  O  N N 80  
DG  "C2'"  C  N N 81  
DG  "C1'"  C  N R 82  
DG  N9     N  Y N 83  
DG  C8     C  Y N 84  
DG  N7     N  Y N 85  
DG  C5     C  Y N 86  
DG  C6     C  N N 87  
DG  O6     O  N N 88  
DG  N1     N  N N 89  
DG  C2     C  N N 90  
DG  N2     N  N N 91  
DG  N3     N  N N 92  
DG  C4     C  Y N 93  
DG  HOP3   H  N N 94  
DG  HOP2   H  N N 95  
DG  "H5'"  H  N N 96  
DG  "H5''" H  N N 97  
DG  "H4'"  H  N N 98  
DG  "H3'"  H  N N 99  
DG  "HO3'" H  N N 100 
DG  "H2'"  H  N N 101 
DG  "H2''" H  N N 102 
DG  "H1'"  H  N N 103 
DG  H8     H  N N 104 
DG  H1     H  N N 105 
DG  H21    H  N N 106 
DG  H22    H  N N 107 
DT  OP3    O  N N 108 
DT  P      P  N N 109 
DT  OP1    O  N N 110 
DT  OP2    O  N N 111 
DT  "O5'"  O  N N 112 
DT  "C5'"  C  N N 113 
DT  "C4'"  C  N R 114 
DT  "O4'"  O  N N 115 
DT  "C3'"  C  N S 116 
DT  "O3'"  O  N N 117 
DT  "C2'"  C  N N 118 
DT  "C1'"  C  N R 119 
DT  N1     N  N N 120 
DT  C2     C  N N 121 
DT  O2     O  N N 122 
DT  N3     N  N N 123 
DT  C4     C  N N 124 
DT  O4     O  N N 125 
DT  C5     C  N N 126 
DT  C7     C  N N 127 
DT  C6     C  N N 128 
DT  HOP3   H  N N 129 
DT  HOP2   H  N N 130 
DT  "H5'"  H  N N 131 
DT  "H5''" H  N N 132 
DT  "H4'"  H  N N 133 
DT  "H3'"  H  N N 134 
DT  "HO3'" H  N N 135 
DT  "H2'"  H  N N 136 
DT  "H2''" H  N N 137 
DT  "H1'"  H  N N 138 
DT  H3     H  N N 139 
DT  H71    H  N N 140 
DT  H72    H  N N 141 
DT  H73    H  N N 142 
DT  H6     H  N N 143 
HOH O      O  N N 144 
HOH H1     H  N N 145 
HOH H2     H  N N 146 
ZN  ZN     ZN N N 147 
# 
loop_
_chem_comp_bond.comp_id 
_chem_comp_bond.atom_id_1 
_chem_comp_bond.atom_id_2 
_chem_comp_bond.value_order 
_chem_comp_bond.pdbx_aromatic_flag 
_chem_comp_bond.pdbx_stereo_config 
_chem_comp_bond.pdbx_ordinal 
DA  OP3   P      sing N N 1   
DA  OP3   HOP3   sing N N 2   
DA  P     OP1    doub N N 3   
DA  P     OP2    sing N N 4   
DA  P     "O5'"  sing N N 5   
DA  OP2   HOP2   sing N N 6   
DA  "O5'" "C5'"  sing N N 7   
DA  "C5'" "C4'"  sing N N 8   
DA  "C5'" "H5'"  sing N N 9   
DA  "C5'" "H5''" sing N N 10  
DA  "C4'" "O4'"  sing N N 11  
DA  "C4'" "C3'"  sing N N 12  
DA  "C4'" "H4'"  sing N N 13  
DA  "O4'" "C1'"  sing N N 14  
DA  "C3'" "O3'"  sing N N 15  
DA  "C3'" "C2'"  sing N N 16  
DA  "C3'" "H3'"  sing N N 17  
DA  "O3'" "HO3'" sing N N 18  
DA  "C2'" "C1'"  sing N N 19  
DA  "C2'" "H2'"  sing N N 20  
DA  "C2'" "H2''" sing N N 21  
DA  "C1'" N9     sing N N 22  
DA  "C1'" "H1'"  sing N N 23  
DA  N9    C8     sing Y N 24  
DA  N9    C4     sing Y N 25  
DA  C8    N7     doub Y N 26  
DA  C8    H8     sing N N 27  
DA  N7    C5     sing Y N 28  
DA  C5    C6     sing Y N 29  
DA  C5    C4     doub Y N 30  
DA  C6    N6     sing N N 31  
DA  C6    N1     doub Y N 32  
DA  N6    H61    sing N N 33  
DA  N6    H62    sing N N 34  
DA  N1    C2     sing Y N 35  
DA  C2    N3     doub Y N 36  
DA  C2    H2     sing N N 37  
DA  N3    C4     sing Y N 38  
DC  OP3   P      sing N N 39  
DC  OP3   HOP3   sing N N 40  
DC  P     OP1    doub N N 41  
DC  P     OP2    sing N N 42  
DC  P     "O5'"  sing N N 43  
DC  OP2   HOP2   sing N N 44  
DC  "O5'" "C5'"  sing N N 45  
DC  "C5'" "C4'"  sing N N 46  
DC  "C5'" "H5'"  sing N N 47  
DC  "C5'" "H5''" sing N N 48  
DC  "C4'" "O4'"  sing N N 49  
DC  "C4'" "C3'"  sing N N 50  
DC  "C4'" "H4'"  sing N N 51  
DC  "O4'" "C1'"  sing N N 52  
DC  "C3'" "O3'"  sing N N 53  
DC  "C3'" "C2'"  sing N N 54  
DC  "C3'" "H3'"  sing N N 55  
DC  "O3'" "HO3'" sing N N 56  
DC  "C2'" "C1'"  sing N N 57  
DC  "C2'" "H2'"  sing N N 58  
DC  "C2'" "H2''" sing N N 59  
DC  "C1'" N1     sing N N 60  
DC  "C1'" "H1'"  sing N N 61  
DC  N1    C2     sing N N 62  
DC  N1    C6     sing N N 63  
DC  C2    O2     doub N N 64  
DC  C2    N3     sing N N 65  
DC  N3    C4     doub N N 66  
DC  C4    N4     sing N N 67  
DC  C4    C5     sing N N 68  
DC  N4    H41    sing N N 69  
DC  N4    H42    sing N N 70  
DC  C5    C6     doub N N 71  
DC  C5    H5     sing N N 72  
DC  C6    H6     sing N N 73  
DG  OP3   P      sing N N 74  
DG  OP3   HOP3   sing N N 75  
DG  P     OP1    doub N N 76  
DG  P     OP2    sing N N 77  
DG  P     "O5'"  sing N N 78  
DG  OP2   HOP2   sing N N 79  
DG  "O5'" "C5'"  sing N N 80  
DG  "C5'" "C4'"  sing N N 81  
DG  "C5'" "H5'"  sing N N 82  
DG  "C5'" "H5''" sing N N 83  
DG  "C4'" "O4'"  sing N N 84  
DG  "C4'" "C3'"  sing N N 85  
DG  "C4'" "H4'"  sing N N 86  
DG  "O4'" "C1'"  sing N N 87  
DG  "C3'" "O3'"  sing N N 88  
DG  "C3'" "C2'"  sing N N 89  
DG  "C3'" "H3'"  sing N N 90  
DG  "O3'" "HO3'" sing N N 91  
DG  "C2'" "C1'"  sing N N 92  
DG  "C2'" "H2'"  sing N N 93  
DG  "C2'" "H2''" sing N N 94  
DG  "C1'" N9     sing N N 95  
DG  "C1'" "H1'"  sing N N 96  
DG  N9    C8     sing Y N 97  
DG  N9    C4     sing Y N 98  
DG  C8    N7     doub Y N 99  
DG  C8    H8     sing N N 100 
DG  N7    C5     sing Y N 101 
DG  C5    C6     sing N N 102 
DG  C5    C4     doub Y N 103 
DG  C6    O6     doub N N 104 
DG  C6    N1     sing N N 105 
DG  N1    C2     sing N N 106 
DG  N1    H1     sing N N 107 
DG  C2    N2     sing N N 108 
DG  C2    N3     doub N N 109 
DG  N2    H21    sing N N 110 
DG  N2    H22    sing N N 111 
DG  N3    C4     sing N N 112 
DT  OP3   P      sing N N 113 
DT  OP3   HOP3   sing N N 114 
DT  P     OP1    doub N N 115 
DT  P     OP2    sing N N 116 
DT  P     "O5'"  sing N N 117 
DT  OP2   HOP2   sing N N 118 
DT  "O5'" "C5'"  sing N N 119 
DT  "C5'" "C4'"  sing N N 120 
DT  "C5'" "H5'"  sing N N 121 
DT  "C5'" "H5''" sing N N 122 
DT  "C4'" "O4'"  sing N N 123 
DT  "C4'" "C3'"  sing N N 124 
DT  "C4'" "H4'"  sing N N 125 
DT  "O4'" "C1'"  sing N N 126 
DT  "C3'" "O3'"  sing N N 127 
DT  "C3'" "C2'"  sing N N 128 
DT  "C3'" "H3'"  sing N N 129 
DT  "O3'" "HO3'" sing N N 130 
DT  "C2'" "C1'"  sing N N 131 
DT  "C2'" "H2'"  sing N N 132 
DT  "C2'" "H2''" sing N N 133 
DT  "C1'" N1     sing N N 134 
DT  "C1'" "H1'"  sing N N 135 
DT  N1    C2     sing N N 136 
DT  N1    C6     sing N N 137 
DT  C2    O2     doub N N 138 
DT  C2    N3     sing N N 139 
DT  N3    C4     sing N N 140 
DT  N3    H3     sing N N 141 
DT  C4    O4     doub N N 142 
DT  C4    C5     sing N N 143 
DT  C5    C7     sing N N 144 
DT  C5    C6     doub N N 145 
DT  C7    H71    sing N N 146 
DT  C7    H72    sing N N 147 
DT  C7    H73    sing N N 148 
DT  C6    H6     sing N N 149 
HOH O     H1     sing N N 150 
HOH O     H2     sing N N 151 
# 
_ndb_struct_conf_na.entry_id   5J0E 
_ndb_struct_conf_na.feature    'b-form double helix' 
# 
loop_
_ndb_struct_na_base_pair.model_number 
_ndb_struct_na_base_pair.i_label_asym_id 
_ndb_struct_na_base_pair.i_label_comp_id 
_ndb_struct_na_base_pair.i_label_seq_id 
_ndb_struct_na_base_pair.i_symmetry 
_ndb_struct_na_base_pair.j_label_asym_id 
_ndb_struct_na_base_pair.j_label_comp_id 
_ndb_struct_na_base_pair.j_label_seq_id 
_ndb_struct_na_base_pair.j_symmetry 
_ndb_struct_na_base_pair.shear 
_ndb_struct_na_base_pair.stretch 
_ndb_struct_na_base_pair.stagger 
_ndb_struct_na_base_pair.buckle 
_ndb_struct_na_base_pair.propeller 
_ndb_struct_na_base_pair.opening 
_ndb_struct_na_base_pair.pair_number 
_ndb_struct_na_base_pair.pair_name 
_ndb_struct_na_base_pair.i_auth_asym_id 
_ndb_struct_na_base_pair.i_auth_seq_id 
_ndb_struct_na_base_pair.i_PDB_ins_code 
_ndb_struct_na_base_pair.j_auth_asym_id 
_ndb_struct_na_base_pair.j_auth_seq_id 
_ndb_struct_na_base_pair.j_PDB_ins_code 
_ndb_struct_na_base_pair.hbond_type_28 
_ndb_struct_na_base_pair.hbond_type_12 
1 A DG 2  1_555 B DC 11 1_555 0.053  0.264  0.108  -6.031  -2.851  2.593  1  A_DG2:DC23_B  A 2  ? B 23 ? 19 1 
1 A DC 3  1_555 B DG 10 1_555 0.236  0.043  0.599  -11.219 12.960  -0.754 2  A_DC3:DG22_B  A 3  ? B 22 ? 19 1 
1 A DT 4  1_555 B DA 9  1_555 -0.650 0.056  0.161  16.914  -8.917  9.157  3  A_DT4:DA21_B  A 4  ? B 21 ? 20 1 
1 A DA 5  1_555 B DT 8  1_555 -0.285 0.222  -0.060 12.499  -14.710 0.732  4  A_DA5:DT20_B  A 5  ? B 20 ? 20 1 
1 A DT 6  1_555 B DA 7  1_555 -0.793 0.337  0.149  8.547   -6.566  4.588  5  A_DT6:DA19_B  A 6  ? B 19 ? ?  ? 
1 A DA 7  1_555 B DT 6  1_555 0.285  0.058  0.582  -3.215  -10.052 5.411  6  A_DA7:DT18_B  A 7  ? B 18 ? 20 1 
1 A DA 8  1_555 B DT 5  1_555 0.800  -0.219 0.394  3.554   -7.305  0.047  7  A_DA8:DT17_B  A 8  ? B 17 ? 20 1 
1 A DT 9  1_555 B DA 4  1_555 -0.508 0.016  0.047  -9.828  -18.825 7.914  8  A_DT9:DA16_B  A 9  ? B 16 ? 20 1 
1 A DG 10 1_555 B DC 3  1_555 -0.129 -0.088 0.132  5.518   1.206   3.801  9  A_DG10:DC15_B A 10 ? B 15 ? 19 1 
1 A DC 11 1_555 B DG 2  1_555 0.084  0.040  -0.072 4.699   10.312  2.983  10 A_DC11:DG14_B A 11 ? B 14 ? 19 1 
1 C DG 2  1_555 D DC 11 1_555 0.061  0.199  -0.165 -15.614 -5.237  1.198  11 C_DG2:DC23_D  C 2  ? D 23 ? 19 1 
1 C DC 3  1_555 D DG 10 1_555 0.232  -0.074 0.090  -11.988 1.622   -2.390 12 C_DC3:DG22_D  C 3  ? D 22 ? 19 1 
1 C DT 4  1_555 D DA 9  1_555 -1.088 -0.094 -0.345 12.937  -11.281 7.156  13 C_DT4:DA21_D  C 4  ? D 21 ? 20 1 
1 C DA 5  1_555 D DT 8  1_555 -0.843 0.245  -0.077 8.361   -17.869 5.618  14 C_DA5:DT20_D  C 5  ? D 20 ? ?  ? 
1 C DT 6  1_555 D DA 7  1_555 -1.187 0.360  -0.160 7.555   -13.131 3.897  15 C_DT6:DA19_D  C 6  ? D 19 ? ?  ? 
1 C DA 7  1_555 D DT 6  1_555 -0.259 0.301  0.542  -6.609  -13.200 10.515 16 C_DA7:DT18_D  C 7  ? D 18 ? ?  ? 
1 C DA 8  1_555 D DT 5  1_555 0.501  -0.185 0.216  -1.124  -12.255 -1.258 17 C_DA8:DT17_D  C 8  ? D 17 ? 20 1 
1 C DT 9  1_555 D DA 4  1_555 -1.059 0.050  0.032  -12.075 -20.869 8.799  18 C_DT9:DA16_D  C 9  ? D 16 ? 20 1 
1 C DG 10 1_555 D DC 3  1_555 -0.067 -0.162 -0.154 -0.098  -4.731  1.691  19 C_DG10:DC15_D C 10 ? D 15 ? 19 1 
1 C DC 11 1_555 D DG 2  1_555 0.655  -0.041 -0.164 4.493   6.370   2.775  20 C_DC11:DG14_D C 11 ? D 14 ? 19 1 
1 E DG 2  1_555 F DC 11 1_555 -0.252 -0.253 0.107  -3.074  5.407   -0.054 21 E_DG2:DC23_F  E 2  ? F 23 ? 19 1 
1 E DC 3  1_555 F DG 10 1_555 -0.002 -0.029 0.269  -6.785  -4.599  1.172  22 E_DC3:DG22_F  E 3  ? F 22 ? 19 1 
1 E DT 4  1_555 F DA 9  1_555 -0.855 -0.069 -0.071 11.922  -17.976 5.029  23 E_DT4:DA21_F  E 4  ? F 21 ? 20 1 
1 E DA 5  1_555 F DT 8  1_555 -1.118 0.076  0.583  -4.611  -19.961 13.569 24 E_DA5:DT20_F  E 5  ? F 20 ? ?  1 
1 E DT 6  1_555 F DA 7  1_555 -1.271 0.282  0.294  -1.302  -18.510 12.896 25 E_DT6:DA19_F  E 6  ? F 19 ? ?  ? 
1 E DA 7  1_555 F DT 6  1_555 -0.321 0.215  0.225  -3.920  -3.714  4.767  26 E_DA7:DT18_F  E 7  ? F 18 ? 20 1 
1 E DA 8  1_555 F DT 5  1_555 0.532  -0.325 -0.223 -7.440  -23.181 0.422  27 E_DA8:DT17_F  E 8  ? F 17 ? 20 1 
1 E DT 9  1_555 F DA 4  1_555 -1.691 -0.071 0.217  -16.089 -17.324 13.385 28 E_DT9:DA16_F  E 9  ? F 16 ? ?  ? 
1 E DG 10 1_555 F DC 3  1_555 -0.714 0.117  0.263  9.070   6.751   -0.789 29 E_DG10:DC15_F E 10 ? F 15 ? 19 1 
1 E DC 11 1_555 F DG 2  1_555 0.372  0.220  -0.195 13.729  -0.496  6.576  30 E_DC11:DG14_F E 11 ? F 14 ? 19 1 
# 
loop_
_ndb_struct_na_base_pair_step.model_number 
_ndb_struct_na_base_pair_step.i_label_asym_id_1 
_ndb_struct_na_base_pair_step.i_label_comp_id_1 
_ndb_struct_na_base_pair_step.i_label_seq_id_1 
_ndb_struct_na_base_pair_step.i_symmetry_1 
_ndb_struct_na_base_pair_step.j_label_asym_id_1 
_ndb_struct_na_base_pair_step.j_label_comp_id_1 
_ndb_struct_na_base_pair_step.j_label_seq_id_1 
_ndb_struct_na_base_pair_step.j_symmetry_1 
_ndb_struct_na_base_pair_step.i_label_asym_id_2 
_ndb_struct_na_base_pair_step.i_label_comp_id_2 
_ndb_struct_na_base_pair_step.i_label_seq_id_2 
_ndb_struct_na_base_pair_step.i_symmetry_2 
_ndb_struct_na_base_pair_step.j_label_asym_id_2 
_ndb_struct_na_base_pair_step.j_label_comp_id_2 
_ndb_struct_na_base_pair_step.j_label_seq_id_2 
_ndb_struct_na_base_pair_step.j_symmetry_2 
_ndb_struct_na_base_pair_step.shift 
_ndb_struct_na_base_pair_step.slide 
_ndb_struct_na_base_pair_step.rise 
_ndb_struct_na_base_pair_step.tilt 
_ndb_struct_na_base_pair_step.roll 
_ndb_struct_na_base_pair_step.twist 
_ndb_struct_na_base_pair_step.x_displacement 
_ndb_struct_na_base_pair_step.y_displacement 
_ndb_struct_na_base_pair_step.helical_rise 
_ndb_struct_na_base_pair_step.inclination 
_ndb_struct_na_base_pair_step.tip 
_ndb_struct_na_base_pair_step.helical_twist 
_ndb_struct_na_base_pair_step.step_number 
_ndb_struct_na_base_pair_step.step_name 
_ndb_struct_na_base_pair_step.i_auth_asym_id_1 
_ndb_struct_na_base_pair_step.i_auth_seq_id_1 
_ndb_struct_na_base_pair_step.i_PDB_ins_code_1 
_ndb_struct_na_base_pair_step.j_auth_asym_id_1 
_ndb_struct_na_base_pair_step.j_auth_seq_id_1 
_ndb_struct_na_base_pair_step.j_PDB_ins_code_1 
_ndb_struct_na_base_pair_step.i_auth_asym_id_2 
_ndb_struct_na_base_pair_step.i_auth_seq_id_2 
_ndb_struct_na_base_pair_step.i_PDB_ins_code_2 
_ndb_struct_na_base_pair_step.j_auth_asym_id_2 
_ndb_struct_na_base_pair_step.j_auth_seq_id_2 
_ndb_struct_na_base_pair_step.j_PDB_ins_code_2 
1 A DG 2  1_555 B DC 11 1_555 A DC 3  1_555 B DG 10 1_555 0.382  0.073  3.553 -4.983 -1.136 34.664 0.305  -1.442 3.462 -1.893  
8.307   35.027 1  AA_DG2DC3:DG22DC23_BB   A 2  ? B 23 ? A 3  ? B 22 ? 
1 A DC 3  1_555 B DG 10 1_555 A DT 4  1_555 B DA 9  1_555 -0.363 0.079  2.570 4.192  -0.594 23.236 0.346  1.974  2.464 -1.460  
-10.298 23.614 2  AA_DC3DT4:DA21DG22_BB   A 3  ? B 22 ? A 4  ? B 21 ? 
1 A DT 4  1_555 B DA 9  1_555 A DA 5  1_555 B DT 8  1_555 -0.252 0.539  3.292 1.790  3.054  44.686 0.427  0.495  3.308 4.009   
-2.350  44.818 3  AA_DT4DA5:DT20DA21_BB   A 4  ? B 21 ? A 5  ? B 20 ? 
1 A DA 5  1_555 B DT 8  1_555 A DT 6  1_555 B DA 7  1_555 0.410  -0.601 3.478 -3.441 -3.180 30.177 -0.467 -1.507 3.455 -6.061  
6.558   30.530 4  AA_DA5DT6:DA19DT20_BB   A 5  ? B 20 ? A 6  ? B 19 ? 
1 A DT 6  1_555 B DA 7  1_555 A DA 7  1_555 B DT 6  1_555 0.018  -0.498 3.338 -3.914 1.539  40.217 -0.897 -0.473 3.301 2.230   
5.674   40.427 5  AA_DT6DA7:DT18DA19_BB   A 6  ? B 19 ? A 7  ? B 18 ? 
1 A DA 7  1_555 B DT 6  1_555 A DA 8  1_555 B DT 5  1_555 -0.687 -0.537 3.062 -0.128 -3.231 39.465 -0.437 0.999  3.097 -4.775  
0.189   39.592 6  AA_DA7DA8:DT17DT18_BB   A 7  ? B 18 ? A 8  ? B 17 ? 
1 A DA 8  1_555 B DT 5  1_555 A DT 9  1_555 B DA 4  1_555 0.313  -0.747 3.492 2.964  -1.075 31.183 -1.166 0.022  3.529 -1.993  
-5.495  31.338 7  AA_DA8DT9:DA16DT17_BB   A 8  ? B 17 ? A 9  ? B 16 ? 
1 A DT 9  1_555 B DA 4  1_555 A DG 10 1_555 B DC 3  1_555 0.293  1.025  2.880 -3.081 5.886  32.264 0.900  -0.992 2.976 10.454  
5.472   32.923 8  AA_DT9DG10:DC15DA16_BB  A 9  ? B 16 ? A 10 ? B 15 ? 
1 A DG 10 1_555 B DC 3  1_555 A DC 11 1_555 B DG 2  1_555 -0.737 0.249  3.607 -2.392 -4.285 35.122 1.104  0.822  3.594 -7.059  
3.940   35.453 9  AA_DG10DC11:DG14DC15_BB A 10 ? B 15 ? A 11 ? B 14 ? 
1 C DG 2  1_555 D DC 11 1_555 C DC 3  1_555 D DG 10 1_555 0.373  0.291  3.218 -2.095 -2.066 36.802 0.732  -0.866 3.172 -3.266  
3.312   36.915 10 CC_DG2DC3:DG22DC23_DD   C 2  ? D 23 ? C 3  ? D 22 ? 
1 C DC 3  1_555 D DG 10 1_555 C DT 4  1_555 D DA 9  1_555 -0.319 0.279  2.618 4.346  2.680  19.080 -0.206 2.583  2.499 7.904   
-12.815 19.746 11 CC_DC3DT4:DA21DG22_DD   C 3  ? D 22 ? C 4  ? D 21 ? 
1 C DT 4  1_555 D DA 9  1_555 C DA 5  1_555 D DT 8  1_555 0.131  0.784  3.401 -1.139 3.118  45.071 0.729  -0.276 3.441 4.062   
1.484   45.186 12 CC_DT4DA5:DT20DA21_DD   C 4  ? D 21 ? C 5  ? D 20 ? 
1 C DA 5  1_555 D DT 8  1_555 C DT 6  1_555 D DA 7  1_555 0.355  -0.386 3.311 0.097  -3.318 31.049 -0.075 -0.641 3.334 -6.176  
-0.180  31.222 13 CC_DA5DT6:DA19DT20_DD   C 5  ? D 20 ? C 6  ? D 19 ? 
1 C DT 6  1_555 D DA 7  1_555 C DA 7  1_555 D DT 6  1_555 0.319  -0.292 3.441 -5.437 3.555  38.966 -0.868 -1.140 3.330 5.285   
8.082   39.483 14 CC_DT6DA7:DT18DA19_DD   C 6  ? D 19 ? C 7  ? D 18 ? 
1 C DA 7  1_555 D DT 6  1_555 C DA 8  1_555 D DT 5  1_555 -0.824 -0.416 3.157 0.410  -1.359 41.844 -0.446 1.195  3.161 -1.903  
-0.573  41.867 15 CC_DA7DA8:DT17DT18_DD   C 7  ? D 18 ? C 8  ? D 17 ? 
1 C DA 8  1_555 D DT 5  1_555 C DT 9  1_555 D DA 4  1_555 0.351  -0.680 3.351 2.821  -2.332 29.794 -0.816 -0.076 3.411 -4.514  
-5.461  30.013 16 CC_DA8DT9:DA16DT17_DD   C 8  ? D 17 ? C 9  ? D 16 ? 
1 C DT 9  1_555 D DA 4  1_555 C DG 10 1_555 D DC 3  1_555 0.141  1.250  2.987 -0.014 7.028  34.247 1.070  -0.237 3.174 11.781  
0.023   34.940 17 CC_DT9DG10:DC15DA16_DD  C 9  ? D 16 ? C 10 ? D 15 ? 
1 C DG 10 1_555 D DC 3  1_555 C DC 11 1_555 D DG 2  1_555 -0.556 0.192  3.395 -4.154 -1.128 36.096 0.472  0.285  3.428 -1.812  
6.675   36.343 18 CC_DG10DC11:DG14DC15_DD C 10 ? D 15 ? C 11 ? D 14 ? 
1 E DG 2  1_555 F DC 11 1_555 E DC 3  1_555 F DG 10 1_555 0.354  0.389  3.742 0.902  -8.873 36.945 1.880  -0.414 3.565 -13.757 
-1.399  37.970 19 EE_DG2DC3:DG22DC23_FF   E 2  ? F 23 ? E 3  ? F 22 ? 
1 E DC 3  1_555 F DG 10 1_555 E DT 4  1_555 F DA 9  1_555 -0.275 0.456  2.770 2.900  4.898  24.191 -0.204 1.388  2.755 11.484  
-6.799  24.842 20 EE_DC3DT4:DA21DG22_FF   E 3  ? F 22 ? E 4  ? F 21 ? 
1 E DT 4  1_555 F DA 9  1_555 E DA 5  1_555 F DT 8  1_555 0.190  0.469  3.565 -8.126 3.986  40.142 0.195  -1.233 3.492 5.720   
11.659  41.109 21 EE_DT4DA5:DT20DA21_FF   E 4  ? F 21 ? E 5  ? F 20 ? 
1 E DA 5  1_555 F DT 8  1_555 E DT 6  1_555 F DA 7  1_555 -0.002 -0.471 3.239 1.100  -4.998 33.513 -0.003 0.181  3.272 -8.605  
-1.895  33.890 22 EE_DA5DT6:DA19DT20_FF   E 5  ? F 20 ? E 6  ? F 19 ? 
1 E DT 6  1_555 F DA 7  1_555 E DA 7  1_555 F DT 6  1_555 -0.241 -0.187 3.259 -2.781 -0.628 39.114 -0.203 0.028  3.270 -0.937  
4.148   39.213 23 EE_DT6DA7:DT18DA19_FF   E 6  ? F 19 ? E 7  ? F 18 ? 
1 E DA 7  1_555 F DT 6  1_555 E DA 8  1_555 F DT 5  1_555 -0.715 -0.035 3.451 2.964  1.211  39.890 -0.196 1.401  3.389 1.771   
-4.336  40.013 24 EE_DA7DA8:DT17DT18_FF   E 7  ? F 18 ? E 8  ? F 17 ? 
1 E DA 8  1_555 F DT 5  1_555 E DT 9  1_555 F DA 4  1_555 0.546  -0.460 3.356 -2.944 -0.380 30.570 -0.792 -1.619 3.296 -0.719  
5.567   30.710 25 EE_DA8DT9:DA16DT17_FF   E 8  ? F 17 ? E 9  ? F 16 ? 
1 E DT 9  1_555 F DA 4  1_555 E DG 10 1_555 F DC 3  1_555 0.106  1.201  2.728 -2.563 2.726  33.150 1.710  -0.545 2.799 4.758   
4.475   33.355 26 EE_DT9DG10:DC15DA16_FF  E 9  ? F 16 ? E 10 ? F 15 ? 
1 E DG 10 1_555 F DC 3  1_555 E DC 11 1_555 F DG 2  1_555 -0.538 0.428  3.293 0.981  1.087  36.209 0.535  1.004  3.289 1.748   
-1.578  36.238 27 EE_DG10DC11:DG14DC15_FF E 10 ? F 15 ? E 11 ? F 14 ? 
# 
_pdbx_audit_support.funding_organization   'European Research Council' 
_pdbx_audit_support.country                France 
_pdbx_audit_support.grant_number           ERC-2012-AdG-320892 
_pdbx_audit_support.ordinal                1 
# 
_pdbx_initial_refinement_model.id               1 
_pdbx_initial_refinement_model.entity_id_list   ? 
_pdbx_initial_refinement_model.type             'experimental model' 
_pdbx_initial_refinement_model.source_name      PDB 
_pdbx_initial_refinement_model.accession_code   463D 
_pdbx_initial_refinement_model.details          ? 
# 
loop_
_pdbx_reflns_twin.domain_id 
_pdbx_reflns_twin.crystal_id 
_pdbx_reflns_twin.diffrn_id 
_pdbx_reflns_twin.type 
_pdbx_reflns_twin.operator 
_pdbx_reflns_twin.fraction 
1 1 1 ? 'H, K, L'  0.507 
2 1 1 ? 'K, H, -L' 0.493 
# 
_atom_sites.entry_id                    5J0E 
_atom_sites.fract_transf_matrix[1][1]   -0.01073927 
_atom_sites.fract_transf_matrix[1][2]   0.01305254 
_atom_sites.fract_transf_matrix[1][3]   -0.01789722 
_atom_sites.fract_transf_matrix[2][1]   -0.01385469 
_atom_sites.fract_transf_matrix[2][2]   -0.01134560 
_atom_sites.fract_transf_matrix[2][3]   -0.01689146 
_atom_sites.fract_transf_matrix[3][1]   -0.00814847 
_atom_sites.fract_transf_matrix[3][2]   0.00128054 
_atom_sites.fract_transf_matrix[3][3]   0.00582341 
_atom_sites.fract_transf_vector[1]      0.336998 
_atom_sites.fract_transf_vector[2]      0.001400 
_atom_sites.fract_transf_vector[3]      0.013877 
# 
loop_
_atom_type.symbol 
C  
N  
O  
P  
ZN 
# 
loop_
_atom_site.group_PDB 
_atom_site.id 
_atom_site.type_symbol 
_atom_site.label_atom_id 
_atom_site.label_alt_id 
_atom_site.label_comp_id 
_atom_site.label_asym_id 
_atom_site.label_entity_id 
_atom_site.label_seq_id 
_atom_site.pdbx_PDB_ins_code 
_atom_site.Cartn_x 
_atom_site.Cartn_y 
_atom_site.Cartn_z 
_atom_site.occupancy 
_atom_site.B_iso_or_equiv 
_atom_site.pdbx_formal_charge 
_atom_site.auth_seq_id 
_atom_site.auth_comp_id 
_atom_site.auth_asym_id 
_atom_site.auth_atom_id 
_atom_site.pdbx_PDB_model_num 
ATOM   1    P  P     . DG  A 1 2  ? 19.102  -9.163  0.314   1.00 30.96 ? 2   DG  A P     1 
ATOM   2    O  OP1   . DG  A 1 2  ? 20.584  -9.291  0.240   1.00 27.50 ? 2   DG  A OP1   1 
ATOM   3    O  OP2   . DG  A 1 2  ? 18.482  -8.395  1.421   1.00 28.36 ? 2   DG  A OP2   1 
ATOM   4    O  "O5'" . DG  A 1 2  ? 19.119  -8.161  -0.924  1.00 29.64 ? 2   DG  A "O5'" 1 
ATOM   5    C  "C5'" . DG  A 1 2  ? 18.925  -8.622  -2.278  1.00 25.92 ? 2   DG  A "C5'" 1 
ATOM   6    C  "C4'" . DG  A 1 2  ? 17.650  -8.058  -2.873  1.00 24.26 ? 2   DG  A "C4'" 1 
ATOM   7    O  "O4'" . DG  A 1 2  ? 16.688  -9.092  -3.123  1.00 21.93 ? 2   DG  A "O4'" 1 
ATOM   8    C  "C3'" . DG  A 1 2  ? 16.874  -7.051  -2.043  1.00 24.13 ? 2   DG  A "C3'" 1 
ATOM   9    O  "O3'" . DG  A 1 2  ? 16.120  -6.285  -2.974  1.00 24.33 ? 2   DG  A "O3'" 1 
ATOM   10   C  "C2'" . DG  A 1 2  ? 15.977  -7.929  -1.193  1.00 22.66 ? 2   DG  A "C2'" 1 
ATOM   11   C  "C1'" . DG  A 1 2  ? 15.694  -9.103  -2.116  1.00 22.52 ? 2   DG  A "C1'" 1 
ATOM   12   N  N9    . DG  A 1 2  ? 15.741  -10.426 -1.515  1.00 22.62 ? 2   DG  A N9    1 
ATOM   13   C  C8    . DG  A 1 2  ? 16.484  -10.858 -0.440  1.00 23.23 ? 2   DG  A C8    1 
ATOM   14   N  N7    . DG  A 1 2  ? 16.354  -12.140 -0.211  1.00 19.87 ? 2   DG  A N7    1 
ATOM   15   C  C5    . DG  A 1 2  ? 15.508  -12.580 -1.218  1.00 21.67 ? 2   DG  A C5    1 
ATOM   16   C  C6    . DG  A 1 2  ? 15.034  -13.879 -1.512  1.00 22.77 ? 2   DG  A C6    1 
ATOM   17   O  O6    . DG  A 1 2  ? 15.277  -14.937 -0.925  1.00 22.31 ? 2   DG  A O6    1 
ATOM   18   N  N1    . DG  A 1 2  ? 14.239  -13.889 -2.654  1.00 22.37 ? 2   DG  A N1    1 
ATOM   19   C  C2    . DG  A 1 2  ? 13.932  -12.784 -3.408  1.00 22.91 ? 2   DG  A C2    1 
ATOM   20   N  N2    . DG  A 1 2  ? 13.153  -12.993 -4.471  1.00 23.56 ? 2   DG  A N2    1 
ATOM   21   N  N3    . DG  A 1 2  ? 14.374  -11.568 -3.150  1.00 22.34 ? 2   DG  A N3    1 
ATOM   22   C  C4    . DG  A 1 2  ? 15.157  -11.541 -2.054  1.00 22.06 ? 2   DG  A C4    1 
ATOM   23   P  P     . DC  A 1 3  ? 14.950  -5.400  -2.434  1.00 26.91 ? 3   DC  A P     1 
ATOM   24   O  OP1   . DC  A 1 3  ? 14.760  -4.262  -3.358  1.00 23.67 ? 3   DC  A OP1   1 
ATOM   25   O  OP2   . DC  A 1 3  ? 15.133  -5.236  -0.955  1.00 27.74 ? 3   DC  A OP2   1 
ATOM   26   O  "O5'" . DC  A 1 3  ? 13.670  -6.307  -2.635  1.00 29.05 ? 3   DC  A "O5'" 1 
ATOM   27   C  "C5'" . DC  A 1 3  ? 13.010  -6.273  -3.895  1.00 30.99 ? 3   DC  A "C5'" 1 
ATOM   28   C  "C4'" . DC  A 1 3  ? 11.835  -7.208  -3.816  1.00 33.61 ? 3   DC  A "C4'" 1 
ATOM   29   O  "O4'" . DC  A 1 3  ? 12.276  -8.433  -3.198  1.00 33.79 ? 3   DC  A "O4'" 1 
ATOM   30   C  "C3'" . DC  A 1 3  ? 10.708  -6.671  -2.937  1.00 35.75 ? 3   DC  A "C3'" 1 
ATOM   31   O  "O3'" . DC  A 1 3  ? 9.583   -6.394  -3.769  1.00 40.39 ? 3   DC  A "O3'" 1 
ATOM   32   C  "C2'" . DC  A 1 3  ? 10.448  -7.781  -1.928  1.00 36.47 ? 3   DC  A "C2'" 1 
ATOM   33   C  "C1'" . DC  A 1 3  ? 11.186  -8.975  -2.491  1.00 35.07 ? 3   DC  A "C1'" 1 
ATOM   34   N  N1    . DC  A 1 3  ? 11.725  -9.892  -1.482  1.00 35.45 ? 3   DC  A N1    1 
ATOM   35   C  C2    . DC  A 1 3  ? 11.247  -11.205 -1.446  1.00 39.64 ? 3   DC  A C2    1 
ATOM   36   O  O2    . DC  A 1 3  ? 10.354  -11.542 -2.241  1.00 34.76 ? 3   DC  A O2    1 
ATOM   37   N  N3    . DC  A 1 3  ? 11.742  -12.063 -0.522  1.00 42.67 ? 3   DC  A N3    1 
ATOM   38   C  C4    . DC  A 1 3  ? 12.677  -11.651 0.336   1.00 37.95 ? 3   DC  A C4    1 
ATOM   39   N  N4    . DC  A 1 3  ? 13.160  -12.538 1.202   1.00 37.79 ? 3   DC  A N4    1 
ATOM   40   C  C5    . DC  A 1 3  ? 13.199  -10.326 0.304   1.00 36.62 ? 3   DC  A C5    1 
ATOM   41   C  C6    . DC  A 1 3  ? 12.711  -9.493  -0.623  1.00 35.34 ? 3   DC  A C6    1 
ATOM   42   P  P     . DT  A 1 4  ? 8.250   -5.800  -3.119  1.00 47.21 ? 4   DT  A P     1 
ATOM   43   O  OP1   . DT  A 1 4  ? 7.747   -4.733  -3.992  1.00 48.59 ? 4   DT  A OP1   1 
ATOM   44   O  OP2   . DT  A 1 4  ? 8.497   -5.550  -1.674  1.00 41.72 ? 4   DT  A OP2   1 
ATOM   45   O  "O5'" . DT  A 1 4  ? 7.177   -6.927  -3.410  1.00 44.30 ? 4   DT  A "O5'" 1 
ATOM   46   C  "C5'" . DT  A 1 4  ? 7.042   -7.401  -4.753  1.00 45.32 ? 4   DT  A "C5'" 1 
ATOM   47   C  "C4'" . DT  A 1 4  ? 6.437   -8.779  -4.692  1.00 46.94 ? 4   DT  A "C4'" 1 
ATOM   48   O  "O4'" . DT  A 1 4  ? 7.233   -9.570  -3.784  1.00 45.77 ? 4   DT  A "O4'" 1 
ATOM   49   C  "C3'" . DT  A 1 4  ? 5.010   -8.765  -4.135  1.00 47.81 ? 4   DT  A "C3'" 1 
ATOM   50   O  "O3'" . DT  A 1 4  ? 4.140   -9.390  -5.077  1.00 48.64 ? 4   DT  A "O3'" 1 
ATOM   51   C  "C2'" . DT  A 1 4  ? 5.116   -9.449  -2.778  1.00 46.48 ? 4   DT  A "C2'" 1 
ATOM   52   C  "C1'" . DT  A 1 4  ? 6.379   -10.283 -2.901  1.00 46.68 ? 4   DT  A "C1'" 1 
ATOM   53   N  N1    . DT  A 1 4  ? 7.139   -10.533 -1.669  1.00 41.83 ? 4   DT  A N1    1 
ATOM   54   C  C2    . DT  A 1 4  ? 7.433   -11.837 -1.355  1.00 41.40 ? 4   DT  A C2    1 
ATOM   55   O  O2    . DT  A 1 4  ? 7.015   -12.787 -1.995  1.00 48.18 ? 4   DT  A O2    1 
ATOM   56   N  N3    . DT  A 1 4  ? 8.213   -11.996 -0.242  1.00 38.63 ? 4   DT  A N3    1 
ATOM   57   C  C4    . DT  A 1 4  ? 8.704   -11.001 0.576   1.00 41.48 ? 4   DT  A C4    1 
ATOM   58   O  O4    . DT  A 1 4  ? 9.382   -11.300 1.551   1.00 50.03 ? 4   DT  A O4    1 
ATOM   59   C  C5    . DT  A 1 4  ? 8.375   -9.651  0.176   1.00 39.36 ? 4   DT  A C5    1 
ATOM   60   C  C7    . DT  A 1 4  ? 8.866   -8.504  1.006   1.00 37.45 ? 4   DT  A C7    1 
ATOM   61   C  C6    . DT  A 1 4  ? 7.638   -9.487  -0.926  1.00 40.25 ? 4   DT  A C6    1 
ATOM   62   P  P     . DA  A 1 5  ? 2.635   -9.591  -4.709  1.00 60.28 ? 5   DA  A P     1 
ATOM   63   O  OP1   . DA  A 1 5  ? 1.829   -9.594  -5.947  1.00 61.57 ? 5   DA  A OP1   1 
ATOM   64   O  OP2   . DA  A 1 5  ? 2.302   -8.678  -3.580  1.00 61.90 ? 5   DA  A OP2   1 
ATOM   65   O  "O5'" . DA  A 1 5  ? 2.624   -11.080 -4.171  1.00 57.87 ? 5   DA  A "O5'" 1 
ATOM   66   C  "C5'" . DA  A 1 5  ? 2.884   -12.166 -5.049  1.00 51.66 ? 5   DA  A "C5'" 1 
ATOM   67   C  "C4'" . DA  A 1 5  ? 2.386   -13.410 -4.360  1.00 50.43 ? 5   DA  A "C4'" 1 
ATOM   68   O  "O4'" . DA  A 1 5  ? 3.168   -13.613 -3.167  1.00 47.09 ? 5   DA  A "O4'" 1 
ATOM   69   C  "C3'" . DA  A 1 5  ? 0.932   -13.345 -3.891  1.00 45.22 ? 5   DA  A "C3'" 1 
ATOM   70   O  "O3'" . DA  A 1 5  ? 0.518   -14.692 -4.130  1.00 46.78 ? 5   DA  A "O3'" 1 
ATOM   71   C  "C2'" . DA  A 1 5  ? 1.048   -12.841 -2.461  1.00 40.98 ? 5   DA  A "C2'" 1 
ATOM   72   C  "C1'" . DA  A 1 5  ? 2.376   -13.441 -2.008  1.00 40.39 ? 5   DA  A "C1'" 1 
ATOM   73   N  N9    . DA  A 1 5  ? 3.172   -12.674 -1.055  1.00 40.71 ? 5   DA  A N9    1 
ATOM   74   C  C8    . DA  A 1 5  ? 3.293   -11.313 -0.913  1.00 43.55 ? 5   DA  A C8    1 
ATOM   75   N  N7    . DA  A 1 5  ? 4.117   -10.953 0.046   1.00 37.68 ? 5   DA  A N7    1 
ATOM   76   C  C5    . DA  A 1 5  ? 4.606   -12.157 0.533   1.00 33.96 ? 5   DA  A C5    1 
ATOM   77   C  C6    . DA  A 1 5  ? 5.515   -12.464 1.563   1.00 35.02 ? 5   DA  A C6    1 
ATOM   78   N  N6    . DA  A 1 5  ? 6.139   -11.543 2.301   1.00 34.39 ? 5   DA  A N6    1 
ATOM   79   N  N1    . DA  A 1 5  ? 5.764   -13.769 1.814   1.00 34.19 ? 5   DA  A N1    1 
ATOM   80   C  C2    . DA  A 1 5  ? 5.139   -14.693 1.075   1.00 38.05 ? 5   DA  A C2    1 
ATOM   81   N  N3    . DA  A 1 5  ? 4.264   -14.529 0.080   1.00 37.54 ? 5   DA  A N3    1 
ATOM   82   C  C4    . DA  A 1 5  ? 4.042   -13.224 -0.145  1.00 37.40 ? 5   DA  A C4    1 
ATOM   83   P  P     . DT  A 1 6  ? -0.828  -15.256 -3.540  1.00 57.11 ? 6   DT  A P     1 
ATOM   84   O  OP1   . DT  A 1 6  ? -1.197  -16.495 -4.290  1.00 51.95 ? 6   DT  A OP1   1 
ATOM   85   O  OP2   . DT  A 1 6  ? -1.776  -14.121 -3.350  1.00 58.92 ? 6   DT  A OP2   1 
ATOM   86   O  "O5'" . DT  A 1 6  ? -0.382  -15.791 -2.118  1.00 52.45 ? 6   DT  A "O5'" 1 
ATOM   87   C  "C5'" . DT  A 1 6  ? 0.541   -16.874 -2.041  1.00 44.39 ? 6   DT  A "C5'" 1 
ATOM   88   C  "C4'" . DT  A 1 6  ? 0.586   -17.352 -0.614  1.00 39.89 ? 6   DT  A "C4'" 1 
ATOM   89   O  "O4'" . DT  A 1 6  ? 1.333   -16.402 0.171   1.00 38.94 ? 6   DT  A "O4'" 1 
ATOM   90   C  "C3'" . DT  A 1 6  ? -0.787  -17.449 0.041   1.00 38.24 ? 6   DT  A "C3'" 1 
ATOM   91   O  "O3'" . DT  A 1 6  ? -0.794  -18.698 0.693   1.00 41.55 ? 6   DT  A "O3'" 1 
ATOM   92   C  "C2'" . DT  A 1 6  ? -0.827  -16.270 0.994   1.00 37.18 ? 6   DT  A "C2'" 1 
ATOM   93   C  "C1'" . DT  A 1 6  ? 0.624   -16.148 1.357   1.00 36.65 ? 6   DT  A "C1'" 1 
ATOM   94   N  N1    . DT  A 1 6  ? 1.048   -14.848 1.831   1.00 33.02 ? 6   DT  A N1    1 
ATOM   95   C  C2    . DT  A 1 6  ? 1.940   -14.843 2.871   1.00 31.51 ? 6   DT  A C2    1 
ATOM   96   O  O2    . DT  A 1 6  ? 2.313   -15.858 3.422   1.00 34.28 ? 6   DT  A O2    1 
ATOM   97   N  N3    . DT  A 1 6  ? 2.335   -13.600 3.283   1.00 30.76 ? 6   DT  A N3    1 
ATOM   98   C  C4    . DT  A 1 6  ? 1.965   -12.388 2.736   1.00 36.10 ? 6   DT  A C4    1 
ATOM   99   O  O4    . DT  A 1 6  ? 2.429   -11.347 3.189   1.00 39.80 ? 6   DT  A O4    1 
ATOM   100  C  C5    . DT  A 1 6  ? 1.040   -12.468 1.629   1.00 35.88 ? 6   DT  A C5    1 
ATOM   101  C  C7    . DT  A 1 6  ? 0.601   -11.206 0.960   1.00 35.19 ? 6   DT  A C7    1 
ATOM   102  C  C6    . DT  A 1 6  ? 0.641   -13.682 1.228   1.00 35.12 ? 6   DT  A C6    1 
ATOM   103  P  P     . DA  A 1 7  ? -1.921  -19.031 1.716   1.00 45.97 ? 7   DA  A P     1 
ATOM   104  O  OP1   . DA  A 1 7  ? -2.305  -20.456 1.536   1.00 44.74 ? 7   DA  A OP1   1 
ATOM   105  O  OP2   . DA  A 1 7  ? -2.951  -17.950 1.659   1.00 43.27 ? 7   DA  A OP2   1 
ATOM   106  O  "O5'" . DA  A 1 7  ? -1.126  -18.944 3.080   1.00 41.88 ? 7   DA  A "O5'" 1 
ATOM   107  C  "C5'" . DA  A 1 7  ? -0.087  -19.882 3.380   1.00 39.79 ? 7   DA  A "C5'" 1 
ATOM   108  C  "C4'" . DA  A 1 7  ? 0.476   -19.561 4.748   1.00 40.69 ? 7   DA  A "C4'" 1 
ATOM   109  O  "O4'" . DA  A 1 7  ? 0.840   -18.159 4.800   1.00 36.60 ? 7   DA  A "O4'" 1 
ATOM   110  C  "C3'" . DA  A 1 7  ? -0.486  -19.786 5.923   1.00 41.10 ? 7   DA  A "C3'" 1 
ATOM   111  O  "O3'" . DA  A 1 7  ? 0.164   -20.395 7.060   1.00 44.87 ? 7   DA  A "O3'" 1 
ATOM   112  C  "C2'" . DA  A 1 7  ? -0.951  -18.383 6.275   1.00 39.24 ? 7   DA  A "C2'" 1 
ATOM   113  C  "C1'" . DA  A 1 7  ? 0.288   -17.576 5.965   1.00 36.86 ? 7   DA  A "C1'" 1 
ATOM   114  N  N9    . DA  A 1 7  ? 0.062   -16.165 5.680   1.00 36.55 ? 7   DA  A N9    1 
ATOM   115  C  C8    . DA  A 1 7  ? -0.611  -15.602 4.623   1.00 38.77 ? 7   DA  A C8    1 
ATOM   116  N  N7    . DA  A 1 7  ? -0.617  -14.290 4.640   1.00 36.30 ? 7   DA  A N7    1 
ATOM   117  C  C5    . DA  A 1 7  ? 0.141   -13.971 5.757   1.00 32.28 ? 7   DA  A C5    1 
ATOM   118  C  C6    . DA  A 1 7  ? 0.528   -12.745 6.313   1.00 30.18 ? 7   DA  A C6    1 
ATOM   119  N  N6    . DA  A 1 7  ? 0.200   -11.564 5.794   1.00 30.64 ? 7   DA  A N6    1 
ATOM   120  N  N1    . DA  A 1 7  ? 1.271   -12.772 7.440   1.00 29.38 ? 7   DA  A N1    1 
ATOM   121  C  C2    . DA  A 1 7  ? 1.596   -13.958 7.965   1.00 29.34 ? 7   DA  A C2    1 
ATOM   122  N  N3    . DA  A 1 7  ? 1.291   -15.180 7.534   1.00 30.75 ? 7   DA  A N3    1 
ATOM   123  C  C4    . DA  A 1 7  ? 0.562   -15.115 6.408   1.00 34.09 ? 7   DA  A C4    1 
ATOM   124  P  P     . DA  A 1 8  ? -0.725  -21.096 8.243   1.00 50.34 ? 8   DA  A P     1 
ATOM   125  O  OP1   . DA  A 1 8  ? -0.216  -22.463 8.472   1.00 44.14 ? 8   DA  A OP1   1 
ATOM   126  O  OP2   . DA  A 1 8  ? -2.180  -20.908 7.909   1.00 48.59 ? 8   DA  A OP2   1 
ATOM   127  O  "O5'" . DA  A 1 8  ? -0.350  -20.229 9.524   1.00 41.17 ? 8   DA  A "O5'" 1 
ATOM   128  C  "C5'" . DA  A 1 8  ? 0.970   -19.738 9.685   1.00 37.60 ? 8   DA  A "C5'" 1 
ATOM   129  C  "C4'" . DA  A 1 8  ? 1.094   -18.918 10.949  1.00 37.67 ? 8   DA  A "C4'" 1 
ATOM   130  O  "O4'" . DA  A 1 8  ? 0.987   -17.505 10.660  1.00 39.49 ? 8   DA  A "O4'" 1 
ATOM   131  C  "C3'" . DA  A 1 8  ? 0.081   -19.181 12.049  1.00 38.95 ? 8   DA  A "C3'" 1 
ATOM   132  O  "O3'" . DA  A 1 8  ? 0.875   -19.003 13.213  1.00 43.18 ? 8   DA  A "O3'" 1 
ATOM   133  C  "C2'" . DA  A 1 8  ? -0.968  -18.105 11.808  1.00 37.80 ? 8   DA  A "C2'" 1 
ATOM   134  C  "C1'" . DA  A 1 8  ? -0.134  -16.933 11.320  1.00 35.70 ? 8   DA  A "C1'" 1 
ATOM   135  N  N9    . DA  A 1 8  ? -0.777  -16.002 10.381  1.00 31.81 ? 8   DA  A N9    1 
ATOM   136  C  C8    . DA  A 1 8  ? -1.600  -16.289 9.321   1.00 30.24 ? 8   DA  A C8    1 
ATOM   137  N  N7    . DA  A 1 8  ? -1.996  -15.230 8.658   1.00 27.75 ? 8   DA  A N7    1 
ATOM   138  C  C5    . DA  A 1 8  ? -1.373  -14.177 9.309   1.00 26.43 ? 8   DA  A C5    1 
ATOM   139  C  C6    . DA  A 1 8  ? -1.380  -12.790 9.082   1.00 26.79 ? 8   DA  A C6    1 
ATOM   140  N  N6    . DA  A 1 8  ? -2.067  -12.210 8.097   1.00 25.74 ? 8   DA  A N6    1 
ATOM   141  N  N1    . DA  A 1 8  ? -0.655  -12.008 9.918   1.00 27.59 ? 8   DA  A N1    1 
ATOM   142  C  C2    . DA  A 1 8  ? 0.035   -12.598 10.905  1.00 28.71 ? 8   DA  A C2    1 
ATOM   143  N  N3    . DA  A 1 8  ? 0.132   -13.897 11.206  1.00 29.49 ? 8   DA  A N3    1 
ATOM   144  C  C4    . DA  A 1 8  ? -0.601  -14.639 10.358  1.00 28.79 ? 8   DA  A C4    1 
ATOM   145  P  P     . DT  A 1 9  ? 0.278   -19.268 14.677  1.00 58.94 ? 9   DT  A P     1 
ATOM   146  O  OP1   . DT  A 1 9  ? 1.290   -20.082 15.420  1.00 50.63 ? 9   DT  A OP1   1 
ATOM   147  O  OP2   . DT  A 1 9  ? -1.143  -19.741 14.559  1.00 48.98 ? 9   DT  A OP2   1 
ATOM   148  O  "O5'" . DT  A 1 9  ? 0.262   -17.803 15.300  1.00 47.37 ? 9   DT  A "O5'" 1 
ATOM   149  C  "C5'" . DT  A 1 9  ? 1.468   -17.036 15.232  1.00 43.03 ? 9   DT  A "C5'" 1 
ATOM   150  C  "C4'" . DT  A 1 9  ? 1.147   -15.594 15.522  1.00 39.11 ? 9   DT  A "C4'" 1 
ATOM   151  O  "O4'" . DT  A 1 9  ? 0.373   -15.027 14.443  1.00 36.62 ? 9   DT  A "O4'" 1 
ATOM   152  C  "C3'" . DT  A 1 9  ? 0.322   -15.403 16.787  1.00 34.84 ? 9   DT  A "C3'" 1 
ATOM   153  O  "O3'" . DT  A 1 9  ? 1.226   -14.784 17.695  1.00 30.51 ? 9   DT  A "O3'" 1 
ATOM   154  C  "C2'" . DT  A 1 9  ? -0.864  -14.553 16.338  1.00 35.98 ? 9   DT  A "C2'" 1 
ATOM   155  C  "C1'" . DT  A 1 9  ? -0.438  -14.008 14.973  1.00 34.49 ? 9   DT  A "C1'" 1 
ATOM   156  N  N1    . DT  A 1 9  ? -1.497  -13.753 13.970  1.00 33.38 ? 9   DT  A N1    1 
ATOM   157  C  C2    . DT  A 1 9  ? -1.753  -12.477 13.496  1.00 32.44 ? 9   DT  A C2    1 
ATOM   158  O  O2    . DT  A 1 9  ? -1.178  -11.481 13.905  1.00 33.24 ? 9   DT  A O2    1 
ATOM   159  N  N3    . DT  A 1 9  ? -2.720  -12.412 12.523  1.00 29.49 ? 9   DT  A N3    1 
ATOM   160  C  C4    . DT  A 1 9  ? -3.423  -13.473 11.974  1.00 30.19 ? 9   DT  A C4    1 
ATOM   161  O  O4    . DT  A 1 9  ? -4.245  -13.272 11.083  1.00 27.38 ? 9   DT  A O4    1 
ATOM   162  C  C5    . DT  A 1 9  ? -3.115  -14.773 12.531  1.00 30.82 ? 9   DT  A C5    1 
ATOM   163  C  C7    . DT  A 1 9  ? -3.826  -15.976 12.000  1.00 33.52 ? 9   DT  A C7    1 
ATOM   164  C  C6    . DT  A 1 9  ? -2.159  -14.850 13.463  1.00 30.97 ? 9   DT  A C6    1 
ATOM   165  P  P     . DG  A 1 10 ? 0.829   -14.722 19.164  1.00 30.62 ? 10  DG  A P     1 
ATOM   166  O  OP1   . DG  A 1 10 ? 2.019   -14.329 19.973  1.00 33.28 ? 10  DG  A OP1   1 
ATOM   167  O  OP2   . DG  A 1 10 ? 0.012   -15.926 19.471  1.00 26.25 ? 10  DG  A OP2   1 
ATOM   168  O  "O5'" . DG  A 1 10 ? -0.175  -13.504 19.151  1.00 29.40 ? 10  DG  A "O5'" 1 
ATOM   169  C  "C5'" . DG  A 1 10 ? 0.309   -12.175 18.978  1.00 28.72 ? 10  DG  A "C5'" 1 
ATOM   170  C  "C4'" . DG  A 1 10 ? -0.897  -11.276 19.105  1.00 29.11 ? 10  DG  A "C4'" 1 
ATOM   171  O  "O4'" . DG  A 1 10 ? -1.700  -11.442 17.909  1.00 26.63 ? 10  DG  A "O4'" 1 
ATOM   172  C  "C3'" . DG  A 1 10 ? -1.833  -11.635 20.272  1.00 27.07 ? 10  DG  A "C3'" 1 
ATOM   173  O  "O3'" . DG  A 1 10 ? -2.588  -10.507 20.716  1.00 26.72 ? 10  DG  A "O3'" 1 
ATOM   174  C  "C2'" . DG  A 1 10 ? -2.886  -12.491 19.604  1.00 26.42 ? 10  DG  A "C2'" 1 
ATOM   175  C  "C1'" . DG  A 1 10 ? -3.029  -11.705 18.321  1.00 27.52 ? 10  DG  A "C1'" 1 
ATOM   176  N  N9    . DG  A 1 10 ? -3.719  -12.344 17.215  1.00 27.62 ? 10  DG  A N9    1 
ATOM   177  C  C8    . DG  A 1 10 ? -3.879  -13.686 16.992  1.00 29.15 ? 10  DG  A C8    1 
ATOM   178  N  N7    . DG  A 1 10 ? -4.507  -13.947 15.880  1.00 31.28 ? 10  DG  A N7    1 
ATOM   179  C  C5    . DG  A 1 10 ? -4.783  -12.699 15.340  1.00 27.47 ? 10  DG  A C5    1 
ATOM   180  C  C6    . DG  A 1 10 ? -5.466  -12.341 14.145  1.00 26.36 ? 10  DG  A C6    1 
ATOM   181  O  O6    . DG  A 1 10 ? -5.983  -13.076 13.302  1.00 24.20 ? 10  DG  A O6    1 
ATOM   182  N  N1    . DG  A 1 10 ? -5.487  -10.968 13.963  1.00 27.35 ? 10  DG  A N1    1 
ATOM   183  C  C2    . DG  A 1 10 ? -4.974  -10.050 14.844  1.00 29.30 ? 10  DG  A C2    1 
ATOM   184  N  N2    . DG  A 1 10 ? -5.126  -8.760  14.508  1.00 30.10 ? 10  DG  A N2    1 
ATOM   185  N  N3    . DG  A 1 10 ? -4.363  -10.369 15.972  1.00 28.81 ? 10  DG  A N3    1 
ATOM   186  C  C4    . DG  A 1 10 ? -4.298  -11.701 16.149  1.00 26.77 ? 10  DG  A C4    1 
ATOM   187  P  P     . DC  A 1 11 ? -2.312  -9.894  22.146  1.00 29.19 ? 11  DC  A P     1 
ATOM   188  O  OP1   . DC  A 1 11 ? -0.857  -9.663  22.232  1.00 29.05 ? 11  DC  A OP1   1 
ATOM   189  O  OP2   . DC  A 1 11 ? -3.063  -10.686 23.188  1.00 28.42 ? 11  DC  A OP2   1 
ATOM   190  O  "O5'" . DC  A 1 11 ? -3.096  -8.520  22.127  1.00 28.26 ? 11  DC  A "O5'" 1 
ATOM   191  C  "C5'" . DC  A 1 11 ? -2.626  -7.451  21.300  1.00 30.63 ? 11  DC  A "C5'" 1 
ATOM   192  C  "C4'" . DC  A 1 11 ? -3.792  -6.700  20.689  1.00 31.63 ? 11  DC  A "C4'" 1 
ATOM   193  O  "O4'" . DC  A 1 11 ? -4.365  -7.495  19.613  1.00 34.30 ? 11  DC  A "O4'" 1 
ATOM   194  C  "C3'" . DC  A 1 11 ? -4.963  -6.340  21.613  1.00 30.52 ? 11  DC  A "C3'" 1 
ATOM   195  O  "O3'" . DC  A 1 11 ? -5.495  -5.057  21.259  1.00 27.92 ? 11  DC  A "O3'" 1 
ATOM   196  C  "C2'" . DC  A 1 11 ? -5.989  -7.410  21.277  1.00 32.19 ? 11  DC  A "C2'" 1 
ATOM   197  C  "C1'" . DC  A 1 11 ? -5.769  -7.588  19.787  1.00 33.20 ? 11  DC  A "C1'" 1 
ATOM   198  N  N1    . DC  A 1 11 ? -6.216  -8.855  19.178  1.00 33.06 ? 11  DC  A N1    1 
ATOM   199  C  C2    . DC  A 1 11 ? -6.966  -8.806  18.006  1.00 36.67 ? 11  DC  A C2    1 
ATOM   200  O  O2    . DC  A 1 11 ? -7.274  -7.700  17.536  1.00 43.59 ? 11  DC  A O2    1 
ATOM   201  N  N3    . DC  A 1 11 ? -7.338  -9.959  17.408  1.00 38.55 ? 11  DC  A N3    1 
ATOM   202  C  C4    . DC  A 1 11 ? -6.980  -11.127 17.937  1.00 38.60 ? 11  DC  A C4    1 
ATOM   203  N  N4    . DC  A 1 11 ? -7.391  -12.240 17.325  1.00 40.13 ? 11  DC  A N4    1 
ATOM   204  C  C5    . DC  A 1 11 ? -6.187  -11.208 19.114  1.00 36.73 ? 11  DC  A C5    1 
ATOM   205  C  C6    . DC  A 1 11 ? -5.824  -10.056 19.694  1.00 36.12 ? 11  DC  A C6    1 
ATOM   206  P  P     . DG  A 1 12 ? -6.242  -4.088  22.343  1.00 33.33 ? 12  DG  A P     1 
ATOM   207  O  OP1   . DG  A 1 12 ? -6.513  -2.767  21.673  1.00 28.56 ? 12  DG  A OP1   1 
ATOM   208  O  OP2   . DG  A 1 12 ? -5.493  -4.127  23.639  1.00 32.11 ? 12  DG  A OP2   1 
ATOM   209  O  "O5'" . DG  A 1 12 ? -7.612  -4.832  22.669  1.00 27.03 ? 12  DG  A "O5'" 1 
ATOM   210  C  "C5'" . DG  A 1 12 ? -8.683  -4.897  21.717  1.00 26.75 ? 12  DG  A "C5'" 1 
ATOM   211  C  "C4'" . DG  A 1 12 ? -9.794  -5.790  22.225  1.00 28.09 ? 12  DG  A "C4'" 1 
ATOM   212  O  "O4'" . DG  A 1 12 ? -9.326  -7.165  22.390  1.00 31.05 ? 12  DG  A "O4'" 1 
ATOM   213  C  "C3'" . DG  A 1 12 ? -10.349 -5.386  23.590  1.00 26.85 ? 12  DG  A "C3'" 1 
ATOM   214  O  "O3'" . DG  A 1 12 ? -11.391 -4.425  23.467  1.00 24.34 ? 12  DG  A "O3'" 1 
ATOM   215  C  "C2'" . DG  A 1 12 ? -10.753 -6.724  24.195  1.00 28.71 ? 12  DG  A "C2'" 1 
ATOM   216  C  "C1'" . DG  A 1 12 ? -9.627  -7.645  23.714  1.00 32.72 ? 12  DG  A "C1'" 1 
ATOM   217  N  N9    . DG  A 1 12 ? -8.398  -7.581  24.520  1.00 33.88 ? 12  DG  A N9    1 
ATOM   218  C  C8    . DG  A 1 12 ? -8.115  -6.606  25.448  1.00 39.35 ? 12  DG  A C8    1 
ATOM   219  N  N7    . DG  A 1 12 ? -6.938  -6.740  25.994  1.00 45.60 ? 12  DG  A N7    1 
ATOM   220  C  C5    . DG  A 1 12 ? -6.413  -7.879  25.405  1.00 41.26 ? 12  DG  A C5    1 
ATOM   221  C  C6    . DG  A 1 12 ? -5.168  -8.521  25.617  1.00 44.03 ? 12  DG  A C6    1 
ATOM   222  O  O6    . DG  A 1 12 ? -4.254  -8.185  26.382  1.00 49.41 ? 12  DG  A O6    1 
ATOM   223  N  N1    . DG  A 1 12 ? -5.027  -9.649  24.812  1.00 40.73 ? 12  DG  A N1    1 
ATOM   224  C  C2    . DG  A 1 12 ? -5.979  -10.110 23.932  1.00 39.44 ? 12  DG  A C2    1 
ATOM   225  N  N2    . DG  A 1 12 ? -5.660  -11.227 23.262  1.00 35.70 ? 12  DG  A N2    1 
ATOM   226  N  N3    . DG  A 1 12 ? -7.152  -9.514  23.722  1.00 36.22 ? 12  DG  A N3    1 
ATOM   227  C  C4    . DG  A 1 12 ? -7.295  -8.407  24.483  1.00 34.91 ? 12  DG  A C4    1 
ATOM   228  P  P     . DG  B 2 2  ? -16.281 -10.633 10.081  1.00 65.13 ? 14  DG  B P     1 
ATOM   229  O  OP1   . DG  B 2 2  ? -15.487 -11.869 9.749   1.00 52.34 ? 14  DG  B OP1   1 
ATOM   230  O  OP2   . DG  B 2 2  ? -16.977 -10.460 11.409  1.00 44.50 ? 14  DG  B OP2   1 
ATOM   231  O  "O5'" . DG  B 2 2  ? -15.072 -9.608  10.120  1.00 59.41 ? 14  DG  B "O5'" 1 
ATOM   232  C  "C5'" . DG  B 2 2  ? -15.130 -8.436  10.951  1.00 57.73 ? 14  DG  B "C5'" 1 
ATOM   233  C  "C4'" . DG  B 2 2  ? -13.975 -7.503  10.644  1.00 55.02 ? 14  DG  B "C4'" 1 
ATOM   234  O  "O4'" . DG  B 2 2  ? -12.907 -7.732  11.588  1.00 53.09 ? 14  DG  B "O4'" 1 
ATOM   235  C  "C3'" . DG  B 2 2  ? -13.331 -7.606  9.256   1.00 49.72 ? 14  DG  B "C3'" 1 
ATOM   236  O  "O3'" . DG  B 2 2  ? -13.050 -6.296  8.721   1.00 39.28 ? 14  DG  B "O3'" 1 
ATOM   237  C  "C2'" . DG  B 2 2  ? -12.125 -8.506  9.495   1.00 49.89 ? 14  DG  B "C2'" 1 
ATOM   238  C  "C1'" . DG  B 2 2  ? -11.747 -8.244  10.946  1.00 50.54 ? 14  DG  B "C1'" 1 
ATOM   239  N  N9    . DG  B 2 2  ? -11.312 -9.405  11.717  1.00 52.49 ? 14  DG  B N9    1 
ATOM   240  C  C8    . DG  B 2 2  ? -11.727 -10.710 11.583  1.00 56.96 ? 14  DG  B C8    1 
ATOM   241  N  N7    . DG  B 2 2  ? -11.196 -11.509 12.467  1.00 52.52 ? 14  DG  B N7    1 
ATOM   242  C  C5    . DG  B 2 2  ? -10.410 -10.677 13.253  1.00 50.54 ? 14  DG  B C5    1 
ATOM   243  C  C6    . DG  B 2 2  ? -9.616  -10.969 14.383  1.00 45.96 ? 14  DG  B C6    1 
ATOM   244  O  O6    . DG  B 2 2  ? -9.442  -12.057 14.938  1.00 49.57 ? 14  DG  B O6    1 
ATOM   245  N  N1    . DG  B 2 2  ? -9.002  -9.826  14.887  1.00 41.83 ? 14  DG  B N1    1 
ATOM   246  C  C2    . DG  B 2 2  ? -9.131  -8.564  14.362  1.00 38.79 ? 14  DG  B C2    1 
ATOM   247  N  N2    . DG  B 2 2  ? -8.459  -7.594  14.986  1.00 35.08 ? 14  DG  B N2    1 
ATOM   248  N  N3    . DG  B 2 2  ? -9.873  -8.277  13.309  1.00 42.92 ? 14  DG  B N3    1 
ATOM   249  C  C4    . DG  B 2 2  ? -10.481 -9.373  12.808  1.00 49.31 ? 14  DG  B C4    1 
ATOM   250  P  P     . DC  B 2 3  ? -11.982 -6.098  7.498   1.00 45.93 ? 15  DC  B P     1 
ATOM   251  O  OP1   . DC  B 2 3  ? -12.465 -4.965  6.659   1.00 43.09 ? 15  DC  B OP1   1 
ATOM   252  O  OP2   . DC  B 2 3  ? -11.719 -7.432  6.840   1.00 42.82 ? 15  DC  B OP2   1 
ATOM   253  O  "O5'" . DC  B 2 3  ? -10.624 -5.681  8.235   1.00 39.68 ? 15  DC  B "O5'" 1 
ATOM   254  C  "C5'" . DC  B 2 3  ? -10.620 -4.785  9.372   1.00 37.27 ? 15  DC  B "C5'" 1 
ATOM   255  C  "C4'" . DC  B 2 3  ? -9.284  -4.802  10.076  1.00 34.82 ? 15  DC  B "C4'" 1 
ATOM   256  O  "O4'" . DC  B 2 3  ? -9.052  -6.067  10.719  1.00 33.65 ? 15  DC  B "O4'" 1 
ATOM   257  C  "C3'" . DC  B 2 3  ? -8.090  -4.581  9.154   1.00 34.18 ? 15  DC  B "C3'" 1 
ATOM   258  O  "O3'" . DC  B 2 3  ? -7.163  -3.669  9.700   1.00 38.86 ? 15  DC  B "O3'" 1 
ATOM   259  C  "C2'" . DC  B 2 3  ? -7.329  -5.883  9.179   1.00 32.89 ? 15  DC  B "C2'" 1 
ATOM   260  C  "C1'" . DC  B 2 3  ? -7.695  -6.429  10.520  1.00 33.95 ? 15  DC  B "C1'" 1 
ATOM   261  N  N1    . DC  B 2 3  ? -7.617  -7.886  10.571  1.00 36.40 ? 15  DC  B N1    1 
ATOM   262  C  C2    . DC  B 2 3  ? -6.901  -8.475  11.606  1.00 37.12 ? 15  DC  B C2    1 
ATOM   263  O  O2    . DC  B 2 3  ? -6.321  -7.743  12.419  1.00 38.32 ? 15  DC  B O2    1 
ATOM   264  N  N3    . DC  B 2 3  ? -6.848  -9.824  11.689  1.00 37.42 ? 15  DC  B N3    1 
ATOM   265  C  C4    . DC  B 2 3  ? -7.467  -10.573 10.773  1.00 35.54 ? 15  DC  B C4    1 
ATOM   266  N  N4    . DC  B 2 3  ? -7.375  -11.894 10.880  1.00 35.97 ? 15  DC  B N4    1 
ATOM   267  C  C5    . DC  B 2 3  ? -8.205  -9.995  9.705   1.00 36.49 ? 15  DC  B C5    1 
ATOM   268  C  C6    . DC  B 2 3  ? -8.271  -8.660  9.652   1.00 36.20 ? 15  DC  B C6    1 
ATOM   269  P  P     . DA  B 2 4  ? -6.625  -2.551  8.754   1.00 36.30 ? 16  DA  B P     1 
ATOM   270  O  OP1   . DA  B 2 4  ? -7.635  -1.498  8.799   1.00 35.77 ? 16  DA  B OP1   1 
ATOM   271  O  OP2   . DA  B 2 4  ? -6.239  -3.186  7.461   1.00 39.42 ? 16  DA  B OP2   1 
ATOM   272  O  "O5'" . DA  B 2 4  ? -5.228  -2.163  9.396   1.00 32.26 ? 16  DA  B "O5'" 1 
ATOM   273  C  "C5'" . DA  B 2 4  ? -5.145  -1.906  10.777  1.00 31.20 ? 16  DA  B "C5'" 1 
ATOM   274  C  "C4'" . DA  B 2 4  ? -4.022  -2.761  11.286  1.00 32.06 ? 16  DA  B "C4'" 1 
ATOM   275  O  "O4'" . DA  B 2 4  ? -4.360  -4.154  11.083  1.00 32.03 ? 16  DA  B "O4'" 1 
ATOM   276  C  "C3'" . DA  B 2 4  ? -2.693  -2.526  10.566  1.00 32.75 ? 16  DA  B "C3'" 1 
ATOM   277  O  "O3'" . DA  B 2 4  ? -1.774  -2.155  11.578  1.00 33.06 ? 16  DA  B "O3'" 1 
ATOM   278  C  "C2'" . DA  B 2 4  ? -2.351  -3.877  9.947   1.00 34.33 ? 16  DA  B "C2'" 1 
ATOM   279  C  "C1'" . DA  B 2 4  ? -3.163  -4.855  10.779  1.00 33.02 ? 16  DA  B "C1'" 1 
ATOM   280  N  N9    . DA  B 2 4  ? -3.547  -6.098  10.124  1.00 30.76 ? 16  DA  B N9    1 
ATOM   281  C  C8    . DA  B 2 4  ? -4.139  -6.262  8.895   1.00 32.50 ? 16  DA  B C8    1 
ATOM   282  N  N7    . DA  B 2 4  ? -4.413  -7.513  8.602   1.00 31.06 ? 16  DA  B N7    1 
ATOM   283  C  C5    . DA  B 2 4  ? -4.028  -8.211  9.738   1.00 30.48 ? 16  DA  B C5    1 
ATOM   284  C  C6    . DA  B 2 4  ? -4.052  -9.583  10.065  1.00 29.09 ? 16  DA  B C6    1 
ATOM   285  N  N6    . DA  B 2 4  ? -4.527  -10.532 9.252   1.00 27.71 ? 16  DA  B N6    1 
ATOM   286  N  N1    . DA  B 2 4  ? -3.570  -9.949  11.274  1.00 29.03 ? 16  DA  B N1    1 
ATOM   287  C  C2    . DA  B 2 4  ? -3.099  -8.997  12.093  1.00 30.89 ? 16  DA  B C2    1 
ATOM   288  N  N3    . DA  B 2 4  ? -3.008  -7.680  11.891  1.00 30.85 ? 16  DA  B N3    1 
ATOM   289  C  C4    . DA  B 2 4  ? -3.499  -7.350  10.686  1.00 30.19 ? 16  DA  B C4    1 
ATOM   290  P  P     . DT  B 2 5  ? -0.301  -1.835  11.203  1.00 38.82 ? 17  DT  B P     1 
ATOM   291  O  OP1   . DT  B 2 5  ? 0.185   -0.768  12.083  1.00 41.38 ? 17  DT  B OP1   1 
ATOM   292  O  OP2   . DT  B 2 5  ? -0.213  -1.731  9.717   1.00 35.48 ? 17  DT  B OP2   1 
ATOM   293  O  "O5'" . DT  B 2 5  ? 0.526   -3.020  11.855  1.00 40.50 ? 17  DT  B "O5'" 1 
ATOM   294  C  "C5'" . DT  B 2 5  ? 0.402   -3.308  13.252  1.00 45.03 ? 17  DT  B "C5'" 1 
ATOM   295  C  "C4'" . DT  B 2 5  ? 0.967   -4.685  13.492  1.00 46.08 ? 17  DT  B "C4'" 1 
ATOM   296  O  "O4'" . DT  B 2 5  ? 0.305   -5.642  12.631  1.00 44.53 ? 17  DT  B "O4'" 1 
ATOM   297  C  "C3'" . DT  B 2 5  ? 2.467   -4.804  13.171  1.00 44.54 ? 17  DT  B "C3'" 1 
ATOM   298  O  "O3'" . DT  B 2 5  ? 3.098   -5.327  14.345  1.00 39.39 ? 17  DT  B "O3'" 1 
ATOM   299  C  "C2'" . DT  B 2 5  ? 2.512   -5.716  11.947  1.00 41.64 ? 17  DT  B "C2'" 1 
ATOM   300  C  "C1'" . DT  B 2 5  ? 1.295   -6.569  12.221  1.00 42.79 ? 17  DT  B "C1'" 1 
ATOM   301  N  N1    . DT  B 2 5  ? 0.731   -7.349  11.131  1.00 41.07 ? 17  DT  B N1    1 
ATOM   302  C  C2    . DT  B 2 5  ? 0.700   -8.721  11.238  1.00 41.42 ? 17  DT  B C2    1 
ATOM   303  O  O2    . DT  B 2 5  ? 1.216   -9.332  12.159  1.00 43.58 ? 17  DT  B O2    1 
ATOM   304  N  N3    . DT  B 2 5  ? 0.078   -9.359  10.196  1.00 36.51 ? 17  DT  B N3    1 
ATOM   305  C  C4    . DT  B 2 5  ? -0.524  -8.772  9.103   1.00 36.95 ? 17  DT  B C4    1 
ATOM   306  O  O4    . DT  B 2 5  ? -1.066  -9.471  8.254   1.00 35.68 ? 17  DT  B O4    1 
ATOM   307  C  C5    . DT  B 2 5  ? -0.471  -7.334  9.068   1.00 39.70 ? 17  DT  B C5    1 
ATOM   308  C  C7    . DT  B 2 5  ? -1.078  -6.615  7.906   1.00 40.37 ? 17  DT  B C7    1 
ATOM   309  C  C6    . DT  B 2 5  ? 0.118   -6.701  10.086  1.00 41.98 ? 17  DT  B C6    1 
ATOM   310  P  P     . DT  B 2 6  ? 4.664   -5.472  14.380  1.00 36.55 ? 18  DT  B P     1 
ATOM   311  O  OP1   . DT  B 2 6  ? 5.134   -5.325  15.789  1.00 37.79 ? 18  DT  B OP1   1 
ATOM   312  O  OP2   . DT  B 2 6  ? 5.203   -4.655  13.271  1.00 36.00 ? 18  DT  B OP2   1 
ATOM   313  O  "O5'" . DT  B 2 6  ? 4.895   -7.007  14.054  1.00 34.94 ? 18  DT  B "O5'" 1 
ATOM   314  C  "C5'" . DT  B 2 6  ? 4.097   -8.010  14.682  1.00 33.84 ? 18  DT  B "C5'" 1 
ATOM   315  C  "C4'" . DT  B 2 6  ? 4.536   -9.365  14.181  1.00 33.41 ? 18  DT  B "C4'" 1 
ATOM   316  O  "O4'" . DT  B 2 6  ? 3.798   -9.774  12.997  1.00 30.21 ? 18  DT  B "O4'" 1 
ATOM   317  C  "C3'" . DT  B 2 6  ? 6.013   -9.424  13.804  1.00 32.28 ? 18  DT  B "C3'" 1 
ATOM   318  O  "O3'" . DT  B 2 6  ? 6.548   -10.588 14.418  1.00 35.86 ? 18  DT  B "O3'" 1 
ATOM   319  C  "C2'" . DT  B 2 6  ? 6.002   -9.490  12.282  1.00 30.65 ? 18  DT  B "C2'" 1 
ATOM   320  C  "C1'" . DT  B 2 6  ? 4.712   -10.230 12.004  1.00 28.13 ? 18  DT  B "C1'" 1 
ATOM   321  N  N1    . DT  B 2 6  ? 4.103   -9.973  10.685  1.00 24.26 ? 18  DT  B N1    1 
ATOM   322  C  C2    . DT  B 2 6  ? 3.517   -11.028 10.024  1.00 23.52 ? 18  DT  B C2    1 
ATOM   323  O  O2    . DT  B 2 6  ? 3.519   -12.167 10.449  1.00 24.67 ? 18  DT  B O2    1 
ATOM   324  N  N3    . DT  B 2 6  ? 2.950   -10.703 8.820   1.00 22.66 ? 18  DT  B N3    1 
ATOM   325  C  C4    . DT  B 2 6  ? 2.872   -9.451  8.246   1.00 22.03 ? 18  DT  B C4    1 
ATOM   326  O  O4    . DT  B 2 6  ? 2.317   -9.309  7.161   1.00 19.87 ? 18  DT  B O4    1 
ATOM   327  C  C5    . DT  B 2 6  ? 3.501   -8.394  8.995   1.00 22.27 ? 18  DT  B C5    1 
ATOM   328  C  C7    . DT  B 2 6  ? 3.505   -7.012  8.428   1.00 24.44 ? 18  DT  B C7    1 
ATOM   329  C  C6    . DT  B 2 6  ? 4.055   -8.698  10.175  1.00 22.66 ? 18  DT  B C6    1 
ATOM   330  P  P     . DA  B 2 7  ? 7.989   -11.043 14.017  1.00 40.15 ? 19  DA  B P     1 
ATOM   331  O  OP1   . DA  B 2 7  ? 8.558   -11.828 15.144  1.00 38.84 ? 19  DA  B OP1   1 
ATOM   332  O  OP2   . DA  B 2 7  ? 8.682   -9.829  13.464  1.00 35.45 ? 19  DA  B OP2   1 
ATOM   333  O  "O5'" . DA  B 2 7  ? 7.724   -12.238 12.998  1.00 35.05 ? 19  DA  B "O5'" 1 
ATOM   334  C  "C5'" . DA  B 2 7  ? 6.900   -13.311 13.466  1.00 35.25 ? 19  DA  B "C5'" 1 
ATOM   335  C  "C4'" . DA  B 2 7  ? 6.797   -14.405 12.433  1.00 35.76 ? 19  DA  B "C4'" 1 
ATOM   336  O  "O4'" . DA  B 2 7  ? 6.015   -13.959 11.299  1.00 36.80 ? 19  DA  B "O4'" 1 
ATOM   337  C  "C3'" . DA  B 2 7  ? 8.131   -14.889 11.873  1.00 37.33 ? 19  DA  B "C3'" 1 
ATOM   338  O  "O3'" . DA  B 2 7  ? 8.032   -16.303 11.834  1.00 41.79 ? 19  DA  B "O3'" 1 
ATOM   339  C  "C2'" . DA  B 2 7  ? 8.173   -14.333 10.460  1.00 38.65 ? 19  DA  B "C2'" 1 
ATOM   340  C  "C1'" . DA  B 2 7  ? 6.704   -14.234 10.084  1.00 37.52 ? 19  DA  B "C1'" 1 
ATOM   341  N  N9    . DA  B 2 7  ? 6.399   -13.147 9.160   1.00 36.09 ? 19  DA  B N9    1 
ATOM   342  C  C8    . DA  B 2 7  ? 6.707   -11.820 9.332   1.00 38.99 ? 19  DA  B C8    1 
ATOM   343  N  N7    . DA  B 2 7  ? 6.283   -11.048 8.359   1.00 39.46 ? 19  DA  B N7    1 
ATOM   344  C  C5    . DA  B 2 7  ? 5.628   -11.922 7.503   1.00 35.47 ? 19  DA  B C5    1 
ATOM   345  C  C6    . DA  B 2 7  ? 4.948   -11.722 6.293   1.00 34.45 ? 19  DA  B C6    1 
ATOM   346  N  N6    . DA  B 2 7  ? 4.828   -10.533 5.707   1.00 41.48 ? 19  DA  B N6    1 
ATOM   347  N  N1    . DA  B 2 7  ? 4.405   -12.800 5.689   1.00 31.61 ? 19  DA  B N1    1 
ATOM   348  C  C2    . DA  B 2 7  ? 4.546   -13.997 6.272   1.00 32.31 ? 19  DA  B C2    1 
ATOM   349  N  N3    . DA  B 2 7  ? 5.163   -14.313 7.412   1.00 33.41 ? 19  DA  B N3    1 
ATOM   350  C  C4    . DA  B 2 7  ? 5.684   -13.217 7.988   1.00 35.85 ? 19  DA  B C4    1 
ATOM   351  P  P     . DT  B 2 8  ? 9.301   -17.181 11.467  1.00 45.13 ? 20  DT  B P     1 
ATOM   352  O  OP1   . DT  B 2 8  ? 9.320   -18.380 12.353  1.00 36.93 ? 20  DT  B OP1   1 
ATOM   353  O  OP2   . DT  B 2 8  ? 10.463  -16.243 11.439  1.00 39.26 ? 20  DT  B OP2   1 
ATOM   354  O  "O5'" . DT  B 2 8  ? 8.880   -17.803 10.056  1.00 46.25 ? 20  DT  B "O5'" 1 
ATOM   355  C  "C5'" . DT  B 2 8  ? 7.721   -18.668 9.925   1.00 40.67 ? 20  DT  B "C5'" 1 
ATOM   356  C  "C4'" . DT  B 2 8  ? 7.291   -18.755 8.475   1.00 43.85 ? 20  DT  B "C4'" 1 
ATOM   357  O  "O4'" . DT  B 2 8  ? 7.163   -17.427 7.897   1.00 45.18 ? 20  DT  B "O4'" 1 
ATOM   358  C  "C3'" . DT  B 2 8  ? 8.213   -19.549 7.530   1.00 44.57 ? 20  DT  B "C3'" 1 
ATOM   359  O  "O3'" . DT  B 2 8  ? 7.427   -20.580 6.901   1.00 45.38 ? 20  DT  B "O3'" 1 
ATOM   360  C  "C2'" . DT  B 2 8  ? 8.731   -18.494 6.559   1.00 45.14 ? 20  DT  B "C2'" 1 
ATOM   361  C  "C1'" . DT  B 2 8  ? 7.572   -17.509 6.542   1.00 47.23 ? 20  DT  B "C1'" 1 
ATOM   362  N  N1    . DT  B 2 8  ? 7.819   -16.125 6.051   1.00 48.76 ? 20  DT  B N1    1 
ATOM   363  C  C2    . DT  B 2 8  ? 7.132   -15.730 4.927   1.00 49.99 ? 20  DT  B C2    1 
ATOM   364  O  O2    . DT  B 2 8  ? 6.388   -16.474 4.309   1.00 56.54 ? 20  DT  B O2    1 
ATOM   365  N  N3    . DT  B 2 8  ? 7.356   -14.429 4.543   1.00 46.09 ? 20  DT  B N3    1 
ATOM   366  C  C4    . DT  B 2 8  ? 8.176   -13.505 5.161   1.00 46.76 ? 20  DT  B C4    1 
ATOM   367  O  O4    . DT  B 2 8  ? 8.281   -12.371 4.696   1.00 43.13 ? 20  DT  B O4    1 
ATOM   368  C  C5    . DT  B 2 8  ? 8.862   -13.986 6.343   1.00 48.81 ? 20  DT  B C5    1 
ATOM   369  C  C7    . DT  B 2 8  ? 9.776   -13.056 7.080   1.00 50.27 ? 20  DT  B C7    1 
ATOM   370  C  C6    . DT  B 2 8  ? 8.639   -15.250 6.730   1.00 48.98 ? 20  DT  B C6    1 
ATOM   371  P  P     . DA  B 2 9  ? 8.073   -21.722 5.899   1.00 55.46 ? 21  DA  B P     1 
ATOM   372  O  OP1   . DA  B 2 9  ? 7.334   -22.998 6.144   1.00 45.21 ? 21  DA  B OP1   1 
ATOM   373  O  OP2   . DA  B 2 9  ? 9.577   -21.684 5.943   1.00 43.62 ? 21  DA  B OP2   1 
ATOM   374  O  "O5'" . DA  B 2 9  ? 7.659   -21.215 4.450   1.00 46.36 ? 21  DA  B "O5'" 1 
ATOM   375  C  "C5'" . DA  B 2 9  ? 6.272   -21.085 4.103   1.00 45.10 ? 21  DA  B "C5'" 1 
ATOM   376  C  "C4'" . DA  B 2 9  ? 6.129   -20.883 2.612   1.00 45.12 ? 21  DA  B "C4'" 1 
ATOM   377  O  "O4'" . DA  B 2 9  ? 6.417   -19.511 2.242   1.00 42.81 ? 21  DA  B "O4'" 1 
ATOM   378  C  "C3'" . DA  B 2 9  ? 7.065   -21.751 1.778   1.00 44.31 ? 21  DA  B "C3'" 1 
ATOM   379  O  "O3'" . DA  B 2 9  ? 6.337   -22.247 0.667   1.00 39.16 ? 21  DA  B "O3'" 1 
ATOM   380  C  "C2'" . DA  B 2 9  ? 8.233   -20.829 1.452   1.00 44.29 ? 21  DA  B "C2'" 1 
ATOM   381  C  "C1'" . DA  B 2 9  ? 7.603   -19.435 1.459   1.00 45.61 ? 21  DA  B "C1'" 1 
ATOM   382  N  N9    . DA  B 2 9  ? 8.431   -18.360 2.010   1.00 41.89 ? 21  DA  B N9    1 
ATOM   383  C  C8    . DA  B 2 9  ? 9.243   -18.379 3.119   1.00 41.69 ? 21  DA  B C8    1 
ATOM   384  N  N7    . DA  B 2 9  ? 9.858   -17.242 3.342   1.00 38.07 ? 21  DA  B N7    1 
ATOM   385  C  C5    . DA  B 2 9  ? 9.405   -16.415 2.325   1.00 36.95 ? 21  DA  B C5    1 
ATOM   386  C  C6    . DA  B 2 9  ? 9.669   -15.079 2.013   1.00 36.03 ? 21  DA  B C6    1 
ATOM   387  N  N6    . DA  B 2 9  ? 10.493  -14.312 2.725   1.00 33.28 ? 21  DA  B N6    1 
ATOM   388  N  N1    . DA  B 2 9  ? 9.055   -14.549 0.930   1.00 41.38 ? 21  DA  B N1    1 
ATOM   389  C  C2    . DA  B 2 9  ? 8.240   -15.331 0.211   1.00 37.63 ? 21  DA  B C2    1 
ATOM   390  N  N3    . DA  B 2 9  ? 7.902   -16.600 0.413   1.00 37.00 ? 21  DA  B N3    1 
ATOM   391  C  C4    . DA  B 2 9  ? 8.526   -17.089 1.497   1.00 38.57 ? 21  DA  B C4    1 
ATOM   392  P  P     . DG  B 2 10 ? 7.003   -23.365 -0.175  1.00 44.77 ? 22  DG  B P     1 
ATOM   393  O  OP1   . DG  B 2 10 ? 5.932   -24.170 -0.866  1.00 43.77 ? 22  DG  B OP1   1 
ATOM   394  O  OP2   . DG  B 2 10 ? 8.055   -24.004 0.673   1.00 39.59 ? 22  DG  B OP2   1 
ATOM   395  O  "O5'" . DG  B 2 10 ? 7.763   -22.496 -1.245  1.00 40.13 ? 22  DG  B "O5'" 1 
ATOM   396  C  "C5'" . DG  B 2 10 ? 7.015   -21.605 -2.055  1.00 38.17 ? 22  DG  B "C5'" 1 
ATOM   397  C  "C4'" . DG  B 2 10 ? 8.000   -20.825 -2.882  1.00 35.47 ? 22  DG  B "C4'" 1 
ATOM   398  O  "O4'" . DG  B 2 10 ? 8.581   -19.812 -2.035  1.00 32.10 ? 22  DG  B "O4'" 1 
ATOM   399  C  "C3'" . DG  B 2 10 ? 9.183   -21.669 -3.367  1.00 34.57 ? 22  DG  B "C3'" 1 
ATOM   400  O  "O3'" . DG  B 2 10 ? 9.530   -21.251 -4.670  1.00 38.93 ? 22  DG  B "O3'" 1 
ATOM   401  C  "C2'" . DG  B 2 10 ? 10.326  -21.205 -2.488  1.00 32.69 ? 22  DG  B "C2'" 1 
ATOM   402  C  "C1'" . DG  B 2 10 ? 9.938   -19.765 -2.390  1.00 31.15 ? 22  DG  B "C1'" 1 
ATOM   403  N  N9    . DG  B 2 10 ? 10.624  -18.976 -1.396  1.00 30.20 ? 22  DG  B N9    1 
ATOM   404  C  C8    . DG  B 2 10 ? 11.193  -19.408 -0.227  1.00 32.25 ? 22  DG  B C8    1 
ATOM   405  N  N7    . DG  B 2 10 ? 11.717  -18.439 0.471   1.00 33.48 ? 22  DG  B N7    1 
ATOM   406  C  C5    . DG  B 2 10 ? 11.449  -17.298 -0.272  1.00 31.89 ? 22  DG  B C5    1 
ATOM   407  C  C6    . DG  B 2 10 ? 11.766  -15.941 -0.020  1.00 32.05 ? 22  DG  B C6    1 
ATOM   408  O  O6    . DG  B 2 10 ? 12.362  -15.455 0.941   1.00 41.93 ? 22  DG  B O6    1 
ATOM   409  N  N1    . DG  B 2 10 ? 11.295  -15.110 -1.021  1.00 31.07 ? 22  DG  B N1    1 
ATOM   410  C  C2    . DG  B 2 10 ? 10.625  -15.526 -2.135  1.00 32.53 ? 22  DG  B C2    1 
ATOM   411  N  N2    . DG  B 2 10 ? 10.273  -14.567 -2.994  1.00 33.12 ? 22  DG  B N2    1 
ATOM   412  N  N3    . DG  B 2 10 ? 10.359  -16.793 -2.407  1.00 35.35 ? 22  DG  B N3    1 
ATOM   413  C  C4    . DG  B 2 10 ? 10.780  -17.616 -1.428  1.00 31.64 ? 22  DG  B C4    1 
ATOM   414  P  P     . DC  B 2 11 ? 9.073   -22.099 -5.923  1.00 46.90 ? 23  DC  B P     1 
ATOM   415  O  OP1   . DC  B 2 11 ? 7.578   -22.253 -5.854  1.00 41.62 ? 23  DC  B OP1   1 
ATOM   416  O  OP2   . DC  B 2 11 ? 10.000  -23.263 -6.062  1.00 37.26 ? 23  DC  B OP2   1 
ATOM   417  O  "O5'" . DC  B 2 11 ? 9.467   -21.148 -7.130  1.00 34.19 ? 23  DC  B "O5'" 1 
ATOM   418  C  "C5'" . DC  B 2 11 ? 8.570   -20.119 -7.556  1.00 31.86 ? 23  DC  B "C5'" 1 
ATOM   419  C  "C4'" . DC  B 2 11 ? 9.310   -18.831 -7.854  1.00 29.11 ? 23  DC  B "C4'" 1 
ATOM   420  O  "O4'" . DC  B 2 11 ? 9.888   -18.343 -6.621  1.00 27.91 ? 23  DC  B "O4'" 1 
ATOM   421  C  "C3'" . DC  B 2 11 ? 10.455  -18.889 -8.876  1.00 27.05 ? 23  DC  B "C3'" 1 
ATOM   422  O  "O3'" . DC  B 2 11 ? 10.335  -17.869 -9.851  1.00 25.04 ? 23  DC  B "O3'" 1 
ATOM   423  C  "C2'" . DC  B 2 11 ? 11.684  -18.484 -8.076  1.00 27.69 ? 23  DC  B "C2'" 1 
ATOM   424  C  "C1'" . DC  B 2 11 ? 11.104  -17.717 -6.902  1.00 25.07 ? 23  DC  B "C1'" 1 
ATOM   425  N  N1    . DC  B 2 11 ? 11.907  -17.766 -5.691  1.00 24.32 ? 23  DC  B N1    1 
ATOM   426  C  C2    . DC  B 2 11 ? 12.346  -16.571 -5.138  1.00 25.79 ? 23  DC  B C2    1 
ATOM   427  O  O2    . DC  B 2 11 ? 12.036  -15.507 -5.694  1.00 24.65 ? 23  DC  B O2    1 
ATOM   428  N  N3    . DC  B 2 11 ? 13.107  -16.598 -4.020  1.00 28.72 ? 23  DC  B N3    1 
ATOM   429  C  C4    . DC  B 2 11 ? 13.419  -17.765 -3.455  1.00 29.10 ? 23  DC  B C4    1 
ATOM   430  N  N4    . DC  B 2 11 ? 14.184  -17.749 -2.364  1.00 30.91 ? 23  DC  B N4    1 
ATOM   431  C  C5    . DC  B 2 11 ? 12.965  -19.002 -3.990  1.00 27.95 ? 23  DC  B C5    1 
ATOM   432  C  C6    . DC  B 2 11 ? 12.210  -18.956 -5.095  1.00 26.56 ? 23  DC  B C6    1 
ATOM   433  P  P     . DG  B 2 12 ? 10.884  -18.065 -11.339 1.00 33.03 ? 24  DG  B P     1 
ATOM   434  O  OP1   . DG  B 2 12 ? 10.535  -16.810 -12.107 1.00 25.79 ? 24  DG  B OP1   1 
ATOM   435  O  OP2   . DG  B 2 12 ? 10.436  -19.456 -11.797 1.00 25.28 ? 24  DG  B OP2   1 
ATOM   436  O  "O5'" . DG  B 2 12 ? 12.476  -18.207 -11.234 1.00 24.50 ? 24  DG  B "O5'" 1 
ATOM   437  C  "C5'" . DG  B 2 12 ? 13.338  -17.075 -11.112 1.00 24.03 ? 24  DG  B "C5'" 1 
ATOM   438  C  "C4'" . DG  B 2 12 ? 14.795  -17.483 -11.170 1.00 23.63 ? 24  DG  B "C4'" 1 
ATOM   439  O  "O4'" . DG  B 2 12 ? 15.167  -18.449 -10.134 1.00 21.50 ? 24  DG  B "O4'" 1 
ATOM   440  C  "C3'" . DG  B 2 12 ? 15.210  -18.112 -12.497 1.00 23.66 ? 24  DG  B "C3'" 1 
ATOM   441  O  "O3'" . DG  B 2 12 ? 15.759  -17.113 -13.369 1.00 26.13 ? 24  DG  B "O3'" 1 
ATOM   442  C  "C2'" . DG  B 2 12 ? 16.213  -19.181 -12.086 1.00 21.49 ? 24  DG  B "C2'" 1 
ATOM   443  C  "C1'" . DG  B 2 12 ? 15.665  -19.638 -10.742 1.00 19.45 ? 24  DG  B "C1'" 1 
ATOM   444  N  N9    . DG  B 2 12 ? 14.540  -20.554 -10.836 1.00 16.18 ? 24  DG  B N9    1 
ATOM   445  C  C8    . DG  B 2 12 ? 13.797  -20.828 -11.956 1.00 13.84 ? 24  DG  B C8    1 
ATOM   446  N  N7    . DG  B 2 12 ? 12.763  -21.582 -11.711 1.00 13.29 ? 24  DG  B N7    1 
ATOM   447  C  C5    . DG  B 2 12 ? 12.805  -21.784 -10.342 1.00 14.36 ? 24  DG  B C5    1 
ATOM   448  C  C6    . DG  B 2 12 ? 11.934  -22.503 -9.510  1.00 14.93 ? 24  DG  B C6    1 
ATOM   449  O  O6    . DG  B 2 12 ? 10.948  -23.171 -9.835  1.00 14.23 ? 24  DG  B O6    1 
ATOM   450  N  N1    . DG  B 2 12 ? 12.309  -22.404 -8.169  1.00 15.83 ? 24  DG  B N1    1 
ATOM   451  C  C2    . DG  B 2 12 ? 13.410  -21.709 -7.709  1.00 15.43 ? 24  DG  B C2    1 
ATOM   452  N  N2    . DG  B 2 12 ? 13.661  -21.776 -6.397  1.00 16.94 ? 24  DG  B N2    1 
ATOM   453  N  N3    . DG  B 2 12 ? 14.230  -21.037 -8.488  1.00 14.12 ? 24  DG  B N3    1 
ATOM   454  C  C4    . DG  B 2 12 ? 13.881  -21.129 -9.784  1.00 14.40 ? 24  DG  B C4    1 
ATOM   455  P  P     . DG  C 1 2  ? 14.064  10.947  -9.480  1.00 33.38 ? 2   DG  C P     1 
ATOM   456  O  OP1   . DG  C 1 2  ? 14.472  11.151  -10.902 1.00 31.27 ? 2   DG  C OP1   1 
ATOM   457  O  OP2   . DG  C 1 2  ? 12.948  11.722  -8.870  1.00 28.40 ? 2   DG  C OP2   1 
ATOM   458  O  "O5'" . DG  C 1 2  ? 13.644  9.411   -9.418  1.00 32.42 ? 2   DG  C "O5'" 1 
ATOM   459  C  "C5'" . DG  C 1 2  ? 14.636  8.372   -9.216  1.00 33.66 ? 2   DG  C "C5'" 1 
ATOM   460  C  "C4'" . DG  C 1 2  ? 14.062  7.276   -8.345  1.00 33.29 ? 2   DG  C "C4'" 1 
ATOM   461  O  "O4'" . DG  C 1 2  ? 14.392  7.479   -6.951  1.00 33.26 ? 2   DG  C "O4'" 1 
ATOM   462  C  "C3'" . DG  C 1 2  ? 12.546  7.179   -8.357  1.00 33.73 ? 2   DG  C "C3'" 1 
ATOM   463  O  "O3'" . DG  C 1 2  ? 12.192  5.828   -8.101  1.00 35.70 ? 2   DG  C "O3'" 1 
ATOM   464  C  "C2'" . DG  C 1 2  ? 12.122  8.091   -7.214  1.00 32.23 ? 2   DG  C "C2'" 1 
ATOM   465  C  "C1'" . DG  C 1 2  ? 13.239  7.903   -6.208  1.00 31.60 ? 2   DG  C "C1'" 1 
ATOM   466  N  N9    . DG  C 1 2  ? 13.650  9.075   -5.454  1.00 30.00 ? 2   DG  C N9    1 
ATOM   467  C  C8    . DG  C 1 2  ? 13.654  10.403  -5.825  1.00 29.70 ? 2   DG  C C8    1 
ATOM   468  N  N7    . DG  C 1 2  ? 14.246  11.174  -4.955  1.00 28.37 ? 2   DG  C N7    1 
ATOM   469  C  C5    . DG  C 1 2  ? 14.699  10.296  -3.979  1.00 27.85 ? 2   DG  C C5    1 
ATOM   470  C  C6    . DG  C 1 2  ? 15.416  10.541  -2.786  1.00 28.01 ? 2   DG  C C6    1 
ATOM   471  O  O6    . DG  C 1 2  ? 15.827  11.620  -2.341  1.00 31.66 ? 2   DG  C O6    1 
ATOM   472  N  N1    . DG  C 1 2  ? 15.667  9.363   -2.090  1.00 28.37 ? 2   DG  C N1    1 
ATOM   473  C  C2    . DG  C 1 2  ? 15.280  8.105   -2.495  1.00 26.83 ? 2   DG  C C2    1 
ATOM   474  N  N2    . DG  C 1 2  ? 15.615  7.088   -1.689  1.00 24.91 ? 2   DG  C N2    1 
ATOM   475  N  N3    . DG  C 1 2  ? 14.617  7.865   -3.606  1.00 26.95 ? 2   DG  C N3    1 
ATOM   476  C  C4    . DG  C 1 2  ? 14.361  8.997   -4.292  1.00 27.70 ? 2   DG  C C4    1 
ATOM   477  P  P     . DC  C 1 3  ? 10.664  5.483   -7.831  1.00 35.33 ? 3   DC  C P     1 
ATOM   478  O  OP1   . DC  C 1 3  ? 10.346  4.270   -8.626  1.00 37.73 ? 3   DC  C OP1   1 
ATOM   479  O  OP2   . DC  C 1 3  ? 9.873   6.749   -8.019  1.00 36.40 ? 3   DC  C OP2   1 
ATOM   480  O  "O5'" . DC  C 1 3  ? 10.626  5.144   -6.279  1.00 34.65 ? 3   DC  C "O5'" 1 
ATOM   481  C  "C5'" . DC  C 1 3  ? 11.369  4.063   -5.680  1.00 36.16 ? 3   DC  C "C5'" 1 
ATOM   482  C  "C4'" . DC  C 1 3  ? 11.310  4.245   -4.178  1.00 39.44 ? 3   DC  C "C4'" 1 
ATOM   483  O  "O4'" . DC  C 1 3  ? 11.913  5.506   -3.767  1.00 39.03 ? 3   DC  C "O4'" 1 
ATOM   484  C  "C3'" . DC  C 1 3  ? 9.879   4.281   -3.642  1.00 40.01 ? 3   DC  C "C3'" 1 
ATOM   485  O  "O3'" . DC  C 1 3  ? 9.571   3.060   -2.972  1.00 45.92 ? 3   DC  C "O3'" 1 
ATOM   486  C  "C2'" . DC  C 1 3  ? 9.828   5.512   -2.745  1.00 37.86 ? 3   DC  C "C2'" 1 
ATOM   487  C  "C1'" . DC  C 1 3  ? 11.272  5.936   -2.584  1.00 35.05 ? 3   DC  C "C1'" 1 
ATOM   488  N  N1    . DC  C 1 3  ? 11.444  7.392   -2.478  1.00 34.00 ? 3   DC  C N1    1 
ATOM   489  C  C2    . DC  C 1 3  ? 12.137  7.932   -1.377  1.00 31.36 ? 3   DC  C C2    1 
ATOM   490  O  O2    . DC  C 1 3  ? 12.584  7.168   -0.509  1.00 27.85 ? 3   DC  C O2    1 
ATOM   491  N  N3    . DC  C 1 3  ? 12.294  9.273   -1.289  1.00 33.10 ? 3   DC  C N3    1 
ATOM   492  C  C4    . DC  C 1 3  ? 11.774  10.071  -2.227  1.00 33.96 ? 3   DC  C C4    1 
ATOM   493  N  N4    . DC  C 1 3  ? 11.967  11.386  -2.103  1.00 31.68 ? 3   DC  C N4    1 
ATOM   494  C  C5    . DC  C 1 3  ? 11.057  9.551   -3.350  1.00 35.12 ? 3   DC  C C5    1 
ATOM   495  C  C6    . DC  C 1 3  ? 10.927  8.218   -3.440  1.00 35.60 ? 3   DC  C C6    1 
ATOM   496  P  P     . DT  C 1 4  ? 8.148   2.896   -2.252  1.00 54.47 ? 4   DT  C P     1 
ATOM   497  O  OP1   . DT  C 1 4  ? 7.622   1.547   -2.565  1.00 58.58 ? 4   DT  C OP1   1 
ATOM   498  O  OP2   . DT  C 1 4  ? 7.324   4.108   -2.542  1.00 53.25 ? 4   DT  C OP2   1 
ATOM   499  O  "O5'" . DT  C 1 4  ? 8.543   2.850   -0.717  1.00 52.18 ? 4   DT  C "O5'" 1 
ATOM   500  C  "C5'" . DT  C 1 4  ? 9.643   2.036   -0.303  1.00 53.35 ? 4   DT  C "C5'" 1 
ATOM   501  C  "C4'" . DT  C 1 4  ? 10.125  2.528   1.038   1.00 55.10 ? 4   DT  C "C4'" 1 
ATOM   502  O  "O4'" . DT  C 1 4  ? 10.477  3.930   0.952   1.00 55.34 ? 4   DT  C "O4'" 1 
ATOM   503  C  "C3'" . DT  C 1 4  ? 9.066   2.436   2.132   1.00 55.68 ? 4   DT  C "C3'" 1 
ATOM   504  O  "O3'" . DT  C 1 4  ? 9.783   1.955   3.261   1.00 61.10 ? 4   DT  C "O3'" 1 
ATOM   505  C  "C2'" . DT  C 1 4  ? 8.554   3.862   2.261   1.00 53.98 ? 4   DT  C "C2'" 1 
ATOM   506  C  "C1'" . DT  C 1 4  ? 9.829   4.641   1.996   1.00 52.83 ? 4   DT  C "C1'" 1 
ATOM   507  N  N1    . DT  C 1 4  ? 9.694   6.039   1.557   1.00 44.59 ? 4   DT  C N1    1 
ATOM   508  C  C2    . DT  C 1 4  ? 10.560  6.980   2.082   1.00 45.64 ? 4   DT  C C2    1 
ATOM   509  O  O2    . DT  C 1 4  ? 11.388  6.726   2.946   1.00 45.39 ? 4   DT  C O2    1 
ATOM   510  N  N3    . DT  C 1 4  ? 10.404  8.243   1.570   1.00 43.43 ? 4   DT  C N3    1 
ATOM   511  C  C4    . DT  C 1 4  ? 9.490   8.652   0.614   1.00 43.27 ? 4   DT  C C4    1 
ATOM   512  O  O4    . DT  C 1 4  ? 9.458   9.830   0.265   1.00 43.51 ? 4   DT  C O4    1 
ATOM   513  C  C5    . DT  C 1 4  ? 8.624   7.609   0.097   1.00 40.86 ? 4   DT  C C5    1 
ATOM   514  C  C7    . DT  C 1 4  ? 7.598   7.959   -0.938  1.00 37.69 ? 4   DT  C C7    1 
ATOM   515  C  C6    . DT  C 1 4  ? 8.782   6.368   0.576   1.00 39.66 ? 4   DT  C C6    1 
ATOM   516  P  P     . DA  C 1 5  ? 9.002   1.599   4.573   1.00 62.35 ? 5   DA  C P     1 
ATOM   517  O  OP1   . DA  C 1 5  ? 9.416   0.239   5.001   1.00 64.26 ? 5   DA  C OP1   1 
ATOM   518  O  OP2   . DA  C 1 5  ? 7.568   1.896   4.337   1.00 59.51 ? 5   DA  C OP2   1 
ATOM   519  O  "O5'" . DA  C 1 5  ? 9.595   2.648   5.604   1.00 60.41 ? 5   DA  C "O5'" 1 
ATOM   520  C  "C5'" . DA  C 1 5  ? 11.006  2.850   5.770   1.00 60.70 ? 5   DA  C "C5'" 1 
ATOM   521  C  "C4'" . DA  C 1 5  ? 11.188  3.806   6.924   1.00 66.99 ? 5   DA  C "C4'" 1 
ATOM   522  O  "O4'" . DA  C 1 5  ? 10.889  5.146   6.468   1.00 73.18 ? 5   DA  C "O4'" 1 
ATOM   523  C  "C3'" . DA  C 1 5  ? 10.233  3.557   8.093   1.00 66.33 ? 5   DA  C "C3'" 1 
ATOM   524  O  "O3'" . DA  C 1 5  ? 10.909  3.903   9.296   1.00 61.93 ? 5   DA  C "O3'" 1 
ATOM   525  C  "C2'" . DA  C 1 5  ? 9.037   4.448   7.777   1.00 63.18 ? 5   DA  C "C2'" 1 
ATOM   526  C  "C1'" . DA  C 1 5  ? 9.692   5.633   7.082   1.00 61.72 ? 5   DA  C "C1'" 1 
ATOM   527  N  N9    . DA  C 1 5  ? 8.900   6.279   6.044   1.00 50.17 ? 5   DA  C N9    1 
ATOM   528  C  C8    . DA  C 1 5  ? 7.933   5.751   5.224   1.00 49.94 ? 5   DA  C C8    1 
ATOM   529  N  N7    . DA  C 1 5  ? 7.429   6.617   4.376   1.00 46.44 ? 5   DA  C N7    1 
ATOM   530  C  C5    . DA  C 1 5  ? 8.141   7.781   4.630   1.00 44.48 ? 5   DA  C C5    1 
ATOM   531  C  C6    . DA  C 1 5  ? 8.085   9.069   4.065   1.00 43.64 ? 5   DA  C C6    1 
ATOM   532  N  N6    . DA  C 1 5  ? 7.266   9.407   3.066   1.00 46.19 ? 5   DA  C N6    1 
ATOM   533  N  N1    . DA  C 1 5  ? 8.908   10.013  4.570   1.00 42.43 ? 5   DA  C N1    1 
ATOM   534  C  C2    . DA  C 1 5  ? 9.733   9.677   5.571   1.00 46.65 ? 5   DA  C C2    1 
ATOM   535  N  N3    . DA  C 1 5  ? 9.878   8.502   6.183   1.00 49.15 ? 5   DA  C N3    1 
ATOM   536  C  C4    . DA  C 1 5  ? 9.054   7.584   5.650   1.00 47.33 ? 5   DA  C C4    1 
ATOM   537  P  P     . DT  C 1 6  ? 10.072  4.078   10.615  1.00 67.12 ? 6   DT  C P     1 
ATOM   538  O  OP1   . DT  C 1 6  ? 10.931  3.683   11.760  1.00 69.01 ? 6   DT  C OP1   1 
ATOM   539  O  OP2   . DT  C 1 6  ? 8.736   3.436   10.412  1.00 70.73 ? 6   DT  C OP2   1 
ATOM   540  O  "O5'" . DT  C 1 6  ? 9.889   5.655   10.678  1.00 63.50 ? 6   DT  C "O5'" 1 
ATOM   541  C  "C5'" . DT  C 1 6  ? 11.024  6.548   10.595  1.00 55.05 ? 6   DT  C "C5'" 1 
ATOM   542  C  "C4'" . DT  C 1 6  ? 10.551  7.976   10.748  1.00 46.05 ? 6   DT  C "C4'" 1 
ATOM   543  O  "O4'" . DT  C 1 6  ? 9.801   8.386   9.573   1.00 42.65 ? 6   DT  C "O4'" 1 
ATOM   544  C  "C3'" . DT  C 1 6  ? 9.608   8.198   11.932  1.00 41.35 ? 6   DT  C "C3'" 1 
ATOM   545  O  "O3'" . DT  C 1 6  ? 9.949   9.441   12.528  1.00 42.52 ? 6   DT  C "O3'" 1 
ATOM   546  C  "C2'" . DT  C 1 6  ? 8.237   8.248   11.282  1.00 38.95 ? 6   DT  C "C2'" 1 
ATOM   547  C  "C1'" . DT  C 1 6  ? 8.596   8.983   10.018  1.00 37.99 ? 6   DT  C "C1'" 1 
ATOM   548  N  N1    . DT  C 1 6  ? 7.623   8.912   8.931   1.00 33.59 ? 6   DT  C N1    1 
ATOM   549  C  C2    . DT  C 1 6  ? 7.462   10.042  8.168   1.00 30.96 ? 6   DT  C C2    1 
ATOM   550  O  O2    . DT  C 1 6  ? 8.078   11.072  8.377   1.00 29.70 ? 6   DT  C O2    1 
ATOM   551  N  N3    . DT  C 1 6  ? 6.518   9.940   7.177   1.00 31.26 ? 6   DT  C N3    1 
ATOM   552  C  C4    . DT  C 1 6  ? 5.768   8.822   6.857   1.00 34.95 ? 6   DT  C C4    1 
ATOM   553  O  O4    . DT  C 1 6  ? 4.982   8.861   5.911   1.00 35.18 ? 6   DT  C O4    1 
ATOM   554  C  C5    . DT  C 1 6  ? 5.990   7.667   7.701   1.00 35.31 ? 6   DT  C C5    1 
ATOM   555  C  C7    . DT  C 1 6  ? 5.225   6.411   7.426   1.00 36.98 ? 6   DT  C C7    1 
ATOM   556  C  C6    . DT  C 1 6  ? 6.883   7.774   8.693   1.00 34.27 ? 6   DT  C C6    1 
ATOM   557  P  P     . DA  C 1 7  ? 9.085   10.013  13.737  1.00 43.47 ? 7   DA  C P     1 
ATOM   558  O  OP1   . DA  C 1 7  ? 9.996   10.310  14.868  1.00 47.95 ? 7   DA  C OP1   1 
ATOM   559  O  OP2   . DA  C 1 7  ? 7.865   9.164   13.921  1.00 42.88 ? 7   DA  C OP2   1 
ATOM   560  O  "O5'" . DA  C 1 7  ? 8.619   11.429  13.209  1.00 45.81 ? 7   DA  C "O5'" 1 
ATOM   561  C  "C5'" . DA  C 1 7  ? 9.545   12.435  12.781  1.00 48.57 ? 7   DA  C "C5'" 1 
ATOM   562  C  "C4'" . DA  C 1 7  ? 8.753   13.496  12.054  1.00 50.30 ? 7   DA  C "C4'" 1 
ATOM   563  O  "O4'" . DA  C 1 7  ? 7.976   12.867  11.001  1.00 50.58 ? 7   DA  C "O4'" 1 
ATOM   564  C  "C3'" . DA  C 1 7  ? 7.735   14.227  12.935  1.00 51.49 ? 7   DA  C "C3'" 1 
ATOM   565  O  "O3'" . DA  C 1 7  ? 7.732   15.653  12.736  1.00 56.53 ? 7   DA  C "O3'" 1 
ATOM   566  C  "C2'" . DA  C 1 7  ? 6.400   13.621  12.532  1.00 49.14 ? 7   DA  C "C2'" 1 
ATOM   567  C  "C1'" . DA  C 1 7  ? 6.642   13.349  11.071  1.00 47.61 ? 7   DA  C "C1'" 1 
ATOM   568  N  N9    . DA  C 1 7  ? 5.766   12.342  10.487  1.00 45.97 ? 7   DA  C N9    1 
ATOM   569  C  C8    . DA  C 1 7  ? 5.674   11.004  10.788  1.00 47.27 ? 7   DA  C C8    1 
ATOM   570  N  N7    . DA  C 1 7  ? 4.770   10.366  10.082  1.00 45.20 ? 7   DA  C N7    1 
ATOM   571  C  C5    . DA  C 1 7  ? 4.235   11.348  9.260   1.00 42.01 ? 7   DA  C C5    1 
ATOM   572  C  C6    . DA  C 1 7  ? 3.226   11.318  8.286   1.00 41.67 ? 7   DA  C C6    1 
ATOM   573  N  N6    . DA  C 1 7  ? 2.565   10.211  7.938   1.00 42.12 ? 7   DA  C N6    1 
ATOM   574  N  N1    . DA  C 1 7  ? 2.923   12.478  7.661   1.00 41.29 ? 7   DA  C N1    1 
ATOM   575  C  C2    . DA  C 1 7  ? 3.580   13.588  8.014   1.00 38.04 ? 7   DA  C C2    1 
ATOM   576  N  N3    . DA  C 1 7  ? 4.536   13.745  8.924   1.00 38.63 ? 7   DA  C N3    1 
ATOM   577  C  C4    . DA  C 1 7  ? 4.827   12.572  9.510   1.00 41.09 ? 7   DA  C C4    1 
ATOM   578  P  P     . DA  C 1 8  ? 7.064   16.609  13.855  1.00 60.31 ? 8   DA  C P     1 
ATOM   579  O  OP1   . DA  C 1 8  ? 8.140   17.476  14.440  1.00 49.35 ? 8   DA  C OP1   1 
ATOM   580  O  OP2   . DA  C 1 8  ? 6.250   15.740  14.770  1.00 53.65 ? 8   DA  C OP2   1 
ATOM   581  O  "O5'" . DA  C 1 8  ? 5.985   17.437  13.025  1.00 52.78 ? 8   DA  C "O5'" 1 
ATOM   582  C  "C5'" . DA  C 1 8  ? 6.160   17.767  11.642  1.00 49.77 ? 8   DA  C "C5'" 1 
ATOM   583  C  "C4'" . DA  C 1 8  ? 4.858   18.273  11.060  1.00 50.18 ? 8   DA  C "C4'" 1 
ATOM   584  O  "O4'" . DA  C 1 8  ? 4.106   17.191  10.443  1.00 46.83 ? 8   DA  C "O4'" 1 
ATOM   585  C  "C3'" . DA  C 1 8  ? 3.890   18.950  12.034  1.00 49.66 ? 8   DA  C "C3'" 1 
ATOM   586  O  "O3'" . DA  C 1 8  ? 3.432   20.091  11.291  1.00 58.29 ? 8   DA  C "O3'" 1 
ATOM   587  C  "C2'" . DA  C 1 8  ? 2.853   17.864  12.300  1.00 44.48 ? 8   DA  C "C2'" 1 
ATOM   588  C  "C1'" . DA  C 1 8  ? 2.787   17.159  10.961  1.00 38.46 ? 8   DA  C "C1'" 1 
ATOM   589  N  N9    . DA  C 1 8  ? 2.381   15.766  11.007  1.00 33.73 ? 8   DA  C N9    1 
ATOM   590  C  C8    . DA  C 1 8  ? 2.790   14.783  11.878  1.00 33.15 ? 8   DA  C C8    1 
ATOM   591  N  N7    . DA  C 1 8  ? 2.251   13.610  11.642  1.00 30.83 ? 8   DA  C N7    1 
ATOM   592  C  C5    . DA  C 1 8  ? 1.463   13.826  10.520  1.00 28.72 ? 8   DA  C C5    1 
ATOM   593  C  C6    . DA  C 1 8  ? 0.643   12.972  9.766   1.00 28.95 ? 8   DA  C C6    1 
ATOM   594  N  N6    . DA  C 1 8  ? 0.481   11.674  10.044  1.00 28.63 ? 8   DA  C N6    1 
ATOM   595  N  N1    . DA  C 1 8  ? -0.025  13.505  8.714   1.00 29.15 ? 8   DA  C N1    1 
ATOM   596  C  C2    . DA  C 1 8  ? 0.141   14.810  8.443   1.00 31.30 ? 8   DA  C C2    1 
ATOM   597  N  N3    . DA  C 1 8  ? 0.887   15.716  9.083   1.00 29.69 ? 8   DA  C N3    1 
ATOM   598  C  C4    . DA  C 1 8  ? 1.534   15.150  10.117  1.00 31.21 ? 8   DA  C C4    1 
ATOM   599  P  P     . DT  C 1 9  ? 2.363   21.142  11.882  1.00 62.70 ? 9   DT  C P     1 
ATOM   600  O  OP1   . DT  C 1 9  ? 2.974   22.489  11.743  1.00 66.98 ? 9   DT  C OP1   1 
ATOM   601  O  OP2   . DT  C 1 9  ? 1.935   20.689  13.239  1.00 56.97 ? 9   DT  C OP2   1 
ATOM   602  O  "O5'" . DT  C 1 9  ? 1.145   21.004  10.852  1.00 52.77 ? 9   DT  C "O5'" 1 
ATOM   603  C  "C5'" . DT  C 1 9  ? 1.354   20.660  9.455   1.00 51.59 ? 9   DT  C "C5'" 1 
ATOM   604  C  "C4'" . DT  C 1 9  ? 0.058   20.182  8.837   1.00 52.57 ? 9   DT  C "C4'" 1 
ATOM   605  O  "O4'" . DT  C 1 9  ? -0.166  18.767  9.084   1.00 48.95 ? 9   DT  C "O4'" 1 
ATOM   606  C  "C3'" . DT  C 1 9  ? -1.176  20.913  9.371   1.00 50.59 ? 9   DT  C "C3'" 1 
ATOM   607  O  "O3'" . DT  C 1 9  ? -1.867  21.580  8.308   1.00 48.03 ? 9   DT  C "O3'" 1 
ATOM   608  C  "C2'" . DT  C 1 9  ? -1.967  19.832  10.096  1.00 50.37 ? 9   DT  C "C2'" 1 
ATOM   609  C  "C1'" . DT  C 1 9  ? -1.529  18.554  9.411   1.00 46.96 ? 9   DT  C "C1'" 1 
ATOM   610  N  N1    . DT  C 1 9  ? -1.605  17.316  10.214  1.00 41.28 ? 9   DT  C N1    1 
ATOM   611  C  C2    . DT  C 1 9  ? -2.304  16.243  9.710   1.00 36.58 ? 9   DT  C C2    1 
ATOM   612  O  O2    . DT  C 1 9  ? -2.923  16.286  8.665   1.00 38.05 ? 9   DT  C O2    1 
ATOM   613  N  N3    . DT  C 1 9  ? -2.262  15.113  10.485  1.00 34.14 ? 9   DT  C N3    1 
ATOM   614  C  C4    . DT  C 1 9  ? -1.598  14.948  11.688  1.00 35.98 ? 9   DT  C C4    1 
ATOM   615  O  O4    . DT  C 1 9  ? -1.652  13.863  12.277  1.00 31.61 ? 9   DT  C O4    1 
ATOM   616  C  C5    . DT  C 1 9  ? -0.900  16.124  12.171  1.00 37.32 ? 9   DT  C C5    1 
ATOM   617  C  C7    . DT  C 1 9  ? -0.148  16.043  13.463  1.00 36.17 ? 9   DT  C C7    1 
ATOM   618  C  C6    . DT  C 1 9  ? -0.931  17.231  11.413  1.00 40.58 ? 9   DT  C C6    1 
ATOM   619  P  P     . DG  C 1 10 ? -2.941  22.701  8.680   1.00 46.71 ? 10  DG  C P     1 
ATOM   620  O  OP1   . DG  C 1 10 ? -3.198  23.551  7.477   1.00 49.51 ? 10  DG  C OP1   1 
ATOM   621  O  OP2   . DG  C 1 10 ? -2.603  23.277  10.019  1.00 33.47 ? 10  DG  C OP2   1 
ATOM   622  O  "O5'" . DG  C 1 10 ? -4.273  21.860  8.824   1.00 44.85 ? 10  DG  C "O5'" 1 
ATOM   623  C  "C5'" . DG  C 1 10 ? -4.873  21.191  7.708   1.00 43.09 ? 10  DG  C "C5'" 1 
ATOM   624  C  "C4'" . DG  C 1 10 ? -6.034  20.383  8.235   1.00 42.10 ? 10  DG  C "C4'" 1 
ATOM   625  O  "O4'" . DG  C 1 10 ? -5.555  19.248  9.030   1.00 38.97 ? 10  DG  C "O4'" 1 
ATOM   626  C  "C3'" . DG  C 1 10 ? -6.940  21.192  9.174   1.00 37.48 ? 10  DG  C "C3'" 1 
ATOM   627  O  "O3'" . DG  C 1 10 ? -8.285  20.718  9.109   1.00 36.57 ? 10  DG  C "O3'" 1 
ATOM   628  C  "C2'" . DG  C 1 10 ? -6.464  20.766  10.547  1.00 38.19 ? 10  DG  C "C2'" 1 
ATOM   629  C  "C1'" . DG  C 1 10 ? -6.251  19.283  10.277  1.00 38.11 ? 10  DG  C "C1'" 1 
ATOM   630  N  N9    . DG  C 1 10 ? -5.507  18.499  11.262  1.00 35.75 ? 10  DG  C N9    1 
ATOM   631  C  C8    . DG  C 1 10 ? -4.649  18.947  12.241  1.00 37.69 ? 10  DG  C C8    1 
ATOM   632  N  N7    . DG  C 1 10 ? -4.138  17.981  12.952  1.00 37.78 ? 10  DG  C N7    1 
ATOM   633  C  C5    . DG  C 1 10 ? -4.716  16.831  12.429  1.00 34.38 ? 10  DG  C C5    1 
ATOM   634  C  C6    . DG  C 1 10 ? -4.561  15.469  12.801  1.00 34.45 ? 10  DG  C C6    1 
ATOM   635  O  O6    . DG  C 1 10 ? -3.860  14.988  13.695  1.00 33.60 ? 10  DG  C O6    1 
ATOM   636  N  N1    . DG  C 1 10 ? -5.320  14.629  11.994  1.00 36.55 ? 10  DG  C N1    1 
ATOM   637  C  C2    . DG  C 1 10 ? -6.152  15.044  10.988  1.00 34.81 ? 10  DG  C C2    1 
ATOM   638  N  N2    . DG  C 1 10 ? -6.833  14.083  10.354  1.00 35.96 ? 10  DG  C N2    1 
ATOM   639  N  N3    . DG  C 1 10 ? -6.321  16.308  10.645  1.00 37.49 ? 10  DG  C N3    1 
ATOM   640  C  C4    . DG  C 1 10 ? -5.576  17.140  11.400  1.00 33.69 ? 10  DG  C C4    1 
ATOM   641  P  P     . DC  C 1 11 ? -9.410  21.644  8.556   1.00 34.47 ? 11  DC  C P     1 
ATOM   642  O  OP1   . DC  C 1 11 ? -8.936  22.149  7.230   1.00 31.75 ? 11  DC  C OP1   1 
ATOM   643  O  OP2   . DC  C 1 11 ? -9.711  22.625  9.651   1.00 38.63 ? 11  DC  C OP2   1 
ATOM   644  O  "O5'" . DC  C 1 11 ? -10.671 20.668  8.455   1.00 32.59 ? 11  DC  C "O5'" 1 
ATOM   645  C  "C5'" . DC  C 1 11 ? -10.616 19.443  7.682   1.00 43.26 ? 11  DC  C "C5'" 1 
ATOM   646  C  "C4'" . DC  C 1 11 ? -11.267 18.253  8.363   1.00 45.98 ? 11  DC  C "C4'" 1 
ATOM   647  O  "O4'" . DC  C 1 11 ? -10.344 17.601  9.290   1.00 52.22 ? 11  DC  C "O4'" 1 
ATOM   648  C  "C3'" . DC  C 1 11 ? -12.533 18.530  9.174   1.00 44.86 ? 11  DC  C "C3'" 1 
ATOM   649  O  "O3'" . DC  C 1 11 ? -13.416 17.412  8.996   1.00 45.32 ? 11  DC  C "O3'" 1 
ATOM   650  C  "C2'" . DC  C 1 11 ? -12.005 18.570  10.598  1.00 45.67 ? 11  DC  C "C2'" 1 
ATOM   651  C  "C1'" . DC  C 1 11 ? -10.979 17.450  10.555  1.00 46.97 ? 11  DC  C "C1'" 1 
ATOM   652  N  N1    . DC  C 1 11 ? -9.934  17.452  11.607  1.00 49.05 ? 11  DC  C N1    1 
ATOM   653  C  C2    . DC  C 1 11 ? -9.571  16.245  12.230  1.00 51.44 ? 11  DC  C C2    1 
ATOM   654  O  O2    . DC  C 1 11 ? -10.119 15.192  11.875  1.00 51.40 ? 11  DC  C O2    1 
ATOM   655  N  N3    . DC  C 1 11 ? -8.626  16.261  13.201  1.00 54.36 ? 11  DC  C N3    1 
ATOM   656  C  C4    . DC  C 1 11 ? -8.035  17.410  13.541  1.00 55.33 ? 11  DC  C C4    1 
ATOM   657  N  N4    . DC  C 1 11 ? -7.097  17.377  14.491  1.00 56.28 ? 11  DC  C N4    1 
ATOM   658  C  C5    . DC  C 1 11 ? -8.387  18.647  12.928  1.00 54.67 ? 11  DC  C C5    1 
ATOM   659  C  C6    . DC  C 1 11 ? -9.331  18.623  11.974  1.00 53.74 ? 11  DC  C C6    1 
ATOM   660  P  P     . DG  C 1 12 ? -15.024 17.604  8.715   1.00 52.37 ? 12  DG  C P     1 
ATOM   661  O  OP1   . DG  C 1 12 ? -15.510 16.370  8.022   1.00 49.36 ? 12  DG  C OP1   1 
ATOM   662  O  OP2   . DG  C 1 12 ? -15.235 18.931  8.045   1.00 50.76 ? 12  DG  C OP2   1 
ATOM   663  O  "O5'" . DG  C 1 12 ? -15.662 17.707  10.185  1.00 49.18 ? 12  DG  C "O5'" 1 
ATOM   664  C  "C5'" . DG  C 1 12 ? -15.446 16.686  11.208  1.00 48.24 ? 12  DG  C "C5'" 1 
ATOM   665  C  "C4'" . DG  C 1 12 ? -15.737 17.180  12.612  1.00 46.89 ? 12  DG  C "C4'" 1 
ATOM   666  O  "O4'" . DG  C 1 12 ? -14.733 18.146  13.037  1.00 47.96 ? 12  DG  C "O4'" 1 
ATOM   667  C  "C3'" . DG  C 1 12 ? -17.093 17.865  12.818  1.00 46.34 ? 12  DG  C "C3'" 1 
ATOM   668  O  "O3'" . DG  C 1 12 ? -18.114 16.981  13.296  1.00 39.51 ? 12  DG  C "O3'" 1 
ATOM   669  C  "C2'" . DG  C 1 12 ? -16.788 18.937  13.854  1.00 49.46 ? 12  DG  C "C2'" 1 
ATOM   670  C  "C1'" . DG  C 1 12 ? -15.357 19.344  13.518  1.00 50.67 ? 12  DG  C "C1'" 1 
ATOM   671  N  N9    . DG  C 1 12 ? -15.225 20.367  12.480  1.00 49.51 ? 12  DG  C N9    1 
ATOM   672  C  C8    . DG  C 1 12 ? -16.180 20.726  11.559  1.00 52.06 ? 12  DG  C C8    1 
ATOM   673  N  N7    . DG  C 1 12 ? -15.760 21.624  10.709  1.00 55.75 ? 12  DG  C N7    1 
ATOM   674  C  C5    . DG  C 1 12 ? -14.448 21.868  11.086  1.00 55.49 ? 12  DG  C C5    1 
ATOM   675  C  C6    . DG  C 1 12 ? -13.490 22.765  10.541  1.00 58.83 ? 12  DG  C C6    1 
ATOM   676  O  O6    . DG  C 1 12 ? -13.613 23.525  9.574   1.00 57.12 ? 12  DG  C O6    1 
ATOM   677  N  N1    . DG  C 1 12 ? -12.286 22.720  11.243  1.00 57.50 ? 12  DG  C N1    1 
ATOM   678  C  C2    . DG  C 1 12 ? -12.032 21.903  12.322  1.00 58.93 ? 12  DG  C C2    1 
ATOM   679  N  N2    . DG  C 1 12 ? -10.803 22.013  12.868  1.00 56.22 ? 12  DG  C N2    1 
ATOM   680  N  N3    . DG  C 1 12 ? -12.918 21.052  12.834  1.00 49.70 ? 12  DG  C N3    1 
ATOM   681  C  C4    . DG  C 1 12 ? -14.097 21.093  12.174  1.00 50.10 ? 12  DG  C C4    1 
ATOM   682  P  P     . DG  D 2 2  ? -7.637  7.494   20.606  1.00 71.92 ? 14  DG  D P     1 
ATOM   683  O  OP1   . DG  D 2 2  ? -6.388  8.296   20.587  1.00 60.25 ? 14  DG  D OP1   1 
ATOM   684  O  OP2   . DG  D 2 2  ? -8.934  8.110   21.060  1.00 66.28 ? 14  DG  D OP2   1 
ATOM   685  O  "O5'" . DG  D 2 2  ? -7.888  7.228   19.065  1.00 70.66 ? 14  DG  D "O5'" 1 
ATOM   686  C  "C5'" . DG  D 2 2  ? -9.208  6.906   18.604  1.00 69.92 ? 14  DG  D "C5'" 1 
ATOM   687  C  "C4'" . DG  D 2 2  ? -9.210  6.932   17.096  1.00 71.70 ? 14  DG  D "C4'" 1 
ATOM   688  O  "O4'" . DG  D 2 2  ? -9.203  8.312   16.649  1.00 73.87 ? 14  DG  D "O4'" 1 
ATOM   689  C  "C3'" . DG  D 2 2  ? -7.999  6.259   16.434  1.00 66.62 ? 14  DG  D "C3'" 1 
ATOM   690  O  "O3'" . DG  D 2 2  ? -8.460  5.421   15.360  1.00 51.21 ? 14  DG  D "O3'" 1 
ATOM   691  C  "C2'" . DG  D 2 2  ? -7.108  7.430   16.033  1.00 70.38 ? 14  DG  D "C2'" 1 
ATOM   692  C  "C1'" . DG  D 2 2  ? -8.107  8.553   15.767  1.00 68.80 ? 14  DG  D "C1'" 1 
ATOM   693  N  N9    . DG  D 2 2  ? -7.635  9.923   16.000  1.00 61.05 ? 14  DG  D N9    1 
ATOM   694  C  C8    . DG  D 2 2  ? -6.824  10.358  17.023  1.00 59.27 ? 14  DG  D C8    1 
ATOM   695  N  N7    . DG  D 2 2  ? -6.600  11.644  16.987  1.00 54.24 ? 14  DG  D N7    1 
ATOM   696  C  C5    . DG  D 2 2  ? -7.332  12.091  15.894  1.00 52.21 ? 14  DG  D C5    1 
ATOM   697  C  C6    . DG  D 2 2  ? -7.495  13.403  15.364  1.00 45.17 ? 14  DG  D C6    1 
ATOM   698  O  O6    . DG  D 2 2  ? -7.024  14.463  15.779  1.00 41.84 ? 14  DG  D O6    1 
ATOM   699  N  N1    . DG  D 2 2  ? -8.318  13.405  14.246  1.00 40.74 ? 14  DG  D N1    1 
ATOM   700  C  C2    . DG  D 2 2  ? -8.919  12.298  13.708  1.00 39.01 ? 14  DG  D C2    1 
ATOM   701  N  N2    . DG  D 2 2  ? -9.675  12.508  12.632  1.00 33.70 ? 14  DG  D N2    1 
ATOM   702  N  N3    . DG  D 2 2  ? -8.795  11.075  14.199  1.00 45.82 ? 14  DG  D N3    1 
ATOM   703  C  C4    . DG  D 2 2  ? -7.982  11.043  15.277  1.00 51.78 ? 14  DG  D C4    1 
ATOM   704  P  P     . DC  D 2 3  ? -7.425  4.703   14.345  1.00 50.58 ? 15  DC  D P     1 
ATOM   705  O  OP1   . DC  D 2 3  ? -7.863  3.287   14.167  1.00 43.89 ? 15  DC  D OP1   1 
ATOM   706  O  OP2   . DC  D 2 3  ? -6.018  5.013   14.758  1.00 55.80 ? 15  DC  D OP2   1 
ATOM   707  O  "O5'" . DC  D 2 3  ? -7.589  5.550   13.004  1.00 51.41 ? 15  DC  D "O5'" 1 
ATOM   708  C  "C5'" . DC  D 2 3  ? -8.869  6.091   12.584  1.00 45.02 ? 15  DC  D "C5'" 1 
ATOM   709  C  "C4'" . DC  D 2 3  ? -8.666  7.138   11.518  1.00 39.66 ? 15  DC  D "C4'" 1 
ATOM   710  O  "O4'" . DC  D 2 3  ? -8.066  8.290   12.132  1.00 39.25 ? 15  DC  D "O4'" 1 
ATOM   711  C  "C3'" . DC  D 2 3  ? -7.706  6.731   10.407  1.00 39.27 ? 15  DC  D "C3'" 1 
ATOM   712  O  "O3'" . DC  D 2 3  ? -8.220  7.036   9.115   1.00 45.57 ? 15  DC  D "O3'" 1 
ATOM   713  C  "C2'" . DC  D 2 3  ? -6.469  7.564   10.650  1.00 37.82 ? 15  DC  D "C2'" 1 
ATOM   714  C  "C1'" . DC  D 2 3  ? -7.079  8.794   11.258  1.00 39.78 ? 15  DC  D "C1'" 1 
ATOM   715  N  N1    . DC  D 2 3  ? -6.177  9.664   12.043  1.00 42.54 ? 15  DC  D N1    1 
ATOM   716  C  C2    . DC  D 2 3  ? -6.222  11.061  11.843  1.00 41.65 ? 15  DC  D C2    1 
ATOM   717  O  O2    . DC  D 2 3  ? -7.029  11.531  11.012  1.00 33.56 ? 15  DC  D O2    1 
ATOM   718  N  N3    . DC  D 2 3  ? -5.406  11.855  12.575  1.00 40.60 ? 15  DC  D N3    1 
ATOM   719  C  C4    . DC  D 2 3  ? -4.556  11.311  13.454  1.00 41.51 ? 15  DC  D C4    1 
ATOM   720  N  N4    . DC  D 2 3  ? -3.760  12.127  14.140  1.00 40.79 ? 15  DC  D N4    1 
ATOM   721  C  C5    . DC  D 2 3  ? -4.498  9.904   13.678  1.00 40.68 ? 15  DC  D C5    1 
ATOM   722  C  C6    . DC  D 2 3  ? -5.330  9.128   12.975  1.00 40.49 ? 15  DC  D C6    1 
ATOM   723  P  P     . DA  D 2 4  ? -8.146  5.867   8.036   1.00 46.05 ? 16  DA  D P     1 
ATOM   724  O  OP1   . DA  D 2 4  ? -9.273  4.960   8.310   1.00 43.53 ? 16  DA  D OP1   1 
ATOM   725  O  OP2   . DA  D 2 4  ? -6.741  5.336   8.039   1.00 51.78 ? 16  DA  D OP2   1 
ATOM   726  O  "O5'" . DA  D 2 4  ? -8.295  6.586   6.624   1.00 38.13 ? 16  DA  D "O5'" 1 
ATOM   727  C  "C5'" . DA  D 2 4  ? -9.104  7.709   6.437   1.00 31.59 ? 16  DA  D "C5'" 1 
ATOM   728  C  "C4'" . DA  D 2 4  ? -8.174  8.853   6.152   1.00 33.03 ? 16  DA  D "C4'" 1 
ATOM   729  O  "O4'" . DA  D 2 4  ? -7.336  9.131   7.294   1.00 30.02 ? 16  DA  D "O4'" 1 
ATOM   730  C  "C3'" . DA  D 2 4  ? -7.218  8.613   4.989   1.00 34.57 ? 16  DA  D "C3'" 1 
ATOM   731  O  "O3'" . DA  D 2 4  ? -7.557  9.580   4.035   1.00 37.27 ? 16  DA  D "O3'" 1 
ATOM   732  C  "C2'" . DA  D 2 4  ? -5.851  9.002   5.521   1.00 32.67 ? 16  DA  D "C2'" 1 
ATOM   733  C  "C1'" . DA  D 2 4  ? -6.157  9.713   6.812   1.00 29.66 ? 16  DA  D "C1'" 1 
ATOM   734  N  N9    . DA  D 2 4  ? -5.169  9.573   7.857   1.00 33.68 ? 16  DA  D N9    1 
ATOM   735  C  C8    . DA  D 2 4  ? -4.602  8.448   8.410   1.00 37.12 ? 16  DA  D C8    1 
ATOM   736  N  N7    . DA  D 2 4  ? -3.739  8.708   9.366   1.00 39.42 ? 16  DA  D N7    1 
ATOM   737  C  C5    . DA  D 2 4  ? -3.784  10.095  9.486   1.00 41.44 ? 16  DA  D C5    1 
ATOM   738  C  C6    . DA  D 2 4  ? -3.119  11.002  10.337  1.00 40.67 ? 16  DA  D C6    1 
ATOM   739  N  N6    . DA  D 2 4  ? -2.241  10.636  11.274  1.00 45.53 ? 16  DA  D N6    1 
ATOM   740  N  N1    . DA  D 2 4  ? -3.375  12.320  10.173  1.00 36.78 ? 16  DA  D N1    1 
ATOM   741  C  C2    . DA  D 2 4  ? -4.248  12.694  9.230   1.00 34.24 ? 16  DA  D C2    1 
ATOM   742  N  N3    . DA  D 2 4  ? -4.934  11.941  8.375   1.00 35.45 ? 16  DA  D N3    1 
ATOM   743  C  C4    . DA  D 2 4  ? -4.664  10.637  8.564   1.00 39.16 ? 16  DA  D C4    1 
ATOM   744  P  P     . DT  D 2 5  ? -7.232  9.332   2.551   1.00 43.10 ? 17  DT  D P     1 
ATOM   745  O  OP1   . DT  D 2 5  ? -8.435  8.638   1.949   1.00 27.56 ? 17  DT  D OP1   1 
ATOM   746  O  OP2   . DT  D 2 5  ? -5.918  8.615   2.545   1.00 44.87 ? 17  DT  D OP2   1 
ATOM   747  O  "O5'" . DT  D 2 5  ? -6.926  10.828  2.044   1.00 38.19 ? 17  DT  D "O5'" 1 
ATOM   748  C  "C5'" . DT  D 2 5  ? -7.328  12.021  2.805   1.00 44.99 ? 17  DT  D "C5'" 1 
ATOM   749  C  "C4'" . DT  D 2 5  ? -6.196  12.974  3.166   1.00 47.65 ? 17  DT  D "C4'" 1 
ATOM   750  O  "O4'" . DT  D 2 5  ? -5.417  12.513  4.305   1.00 44.35 ? 17  DT  D "O4'" 1 
ATOM   751  C  "C3'" . DT  D 2 5  ? -5.167  13.321  2.067   1.00 48.25 ? 17  DT  D "C3'" 1 
ATOM   752  O  "O3'" . DT  D 2 5  ? -5.124  14.745  1.829   1.00 49.51 ? 17  DT  D "O3'" 1 
ATOM   753  C  "C2'" . DT  D 2 5  ? -3.848  12.809  2.630   1.00 42.37 ? 17  DT  D "C2'" 1 
ATOM   754  C  "C1'" . DT  D 2 5  ? -4.097  12.988  4.108   1.00 42.18 ? 17  DT  D "C1'" 1 
ATOM   755  N  N1    . DT  D 2 5  ? -3.201  12.297  5.064   1.00 42.89 ? 17  DT  D N1    1 
ATOM   756  C  C2    . DT  D 2 5  ? -2.418  13.077  5.896   1.00 44.36 ? 17  DT  D C2    1 
ATOM   757  O  O2    . DT  D 2 5  ? -2.405  14.296  5.853   1.00 42.02 ? 17  DT  D O2    1 
ATOM   758  N  N3    . DT  D 2 5  ? -1.634  12.371  6.777   1.00 41.59 ? 17  DT  D N3    1 
ATOM   759  C  C4    . DT  D 2 5  ? -1.572  10.999  6.917   1.00 46.77 ? 17  DT  D C4    1 
ATOM   760  O  O4    . DT  D 2 5  ? -0.847  10.503  7.779   1.00 45.09 ? 17  DT  D O4    1 
ATOM   761  C  C5    . DT  D 2 5  ? -2.399  10.244  5.997   1.00 48.82 ? 17  DT  D C5    1 
ATOM   762  C  C7    . DT  D 2 5  ? -2.383  8.749   6.070   1.00 52.40 ? 17  DT  D C7    1 
ATOM   763  C  C6    . DT  D 2 5  ? -3.170  10.924  5.136   1.00 43.10 ? 17  DT  D C6    1 
ATOM   764  P  P     . DT  D 2 6  ? -4.346  15.372  0.520   1.00 54.03 ? 18  DT  D P     1 
ATOM   765  O  OP1   . DT  D 2 6  ? -5.311  16.178  -0.270  1.00 54.19 ? 18  DT  D OP1   1 
ATOM   766  O  OP2   . DT  D 2 6  ? -3.553  14.277  -0.133  1.00 51.28 ? 18  DT  D OP2   1 
ATOM   767  O  "O5'" . DT  D 2 6  ? -3.437  16.528  1.139   1.00 45.81 ? 18  DT  D "O5'" 1 
ATOM   768  C  "C5'" . DT  D 2 6  ? -3.230  16.615  2.561   1.00 44.35 ? 18  DT  D "C5'" 1 
ATOM   769  C  "C4'" . DT  D 2 6  ? -1.852  17.149  2.867   1.00 43.88 ? 18  DT  D "C4'" 1 
ATOM   770  O  "O4'" . DT  D 2 6  ? -1.140  16.278  3.786   1.00 43.88 ? 18  DT  D "O4'" 1 
ATOM   771  C  "C3'" . DT  D 2 6  ? -0.932  17.324  1.657   1.00 43.73 ? 18  DT  D "C3'" 1 
ATOM   772  O  "O3'" . DT  D 2 6  ? -0.222  18.516  1.934   1.00 46.45 ? 18  DT  D "O3'" 1 
ATOM   773  C  "C2'" . DT  D 2 6  ? 0.007   16.134  1.730   1.00 41.99 ? 18  DT  D "C2'" 1 
ATOM   774  C  "C1'" . DT  D 2 6  ? 0.121   15.895  3.234   1.00 39.84 ? 18  DT  D "C1'" 1 
ATOM   775  N  N1    . DT  D 2 6  ? 0.363   14.486  3.597   1.00 34.63 ? 18  DT  D N1    1 
ATOM   776  C  C2    . DT  D 2 6  ? 1.145   14.178  4.691   1.00 34.82 ? 18  DT  D C2    1 
ATOM   777  O  O2    . DT  D 2 6  ? 1.662   15.021  5.411   1.00 29.71 ? 18  DT  D O2    1 
ATOM   778  N  N3    . DT  D 2 6  ? 1.295   12.830  4.924   1.00 35.49 ? 18  DT  D N3    1 
ATOM   779  C  C4    . DT  D 2 6  ? 0.766   11.790  4.179   1.00 37.58 ? 18  DT  D C4    1 
ATOM   780  O  O4    . DT  D 2 6  ? 0.976   10.628  4.517   1.00 40.50 ? 18  DT  D O4    1 
ATOM   781  C  C5    . DT  D 2 6  ? -0.033  12.190  3.042   1.00 36.93 ? 18  DT  D C5    1 
ATOM   782  C  C7    . DT  D 2 6  ? -0.655  11.138  2.182   1.00 38.15 ? 18  DT  D C7    1 
ATOM   783  C  C6    . DT  D 2 6  ? -0.206  13.498  2.823   1.00 36.04 ? 18  DT  D C6    1 
ATOM   784  P  P     . DA  D 2 7  ? 0.935   18.968  1.005   1.00 44.34 ? 19  DA  D P     1 
ATOM   785  O  OP1   . DA  D 2 7  ? 0.857   20.434  0.891   1.00 42.73 ? 19  DA  D OP1   1 
ATOM   786  O  OP2   . DA  D 2 7  ? 0.909   18.092  -0.205  1.00 46.92 ? 19  DA  D OP2   1 
ATOM   787  O  "O5'" . DA  D 2 7  ? 2.209   18.735  1.919   1.00 45.89 ? 19  DA  D "O5'" 1 
ATOM   788  C  "C5'" . DA  D 2 7  ? 2.284   19.405  3.184   1.00 48.34 ? 19  DA  D "C5'" 1 
ATOM   789  C  "C4'" . DA  D 2 7  ? 3.578   19.061  3.885   1.00 52.37 ? 19  DA  D "C4'" 1 
ATOM   790  O  "O4'" . DA  D 2 7  ? 3.625   17.659  4.275   1.00 53.81 ? 19  DA  D "O4'" 1 
ATOM   791  C  "C3'" . DA  D 2 7  ? 4.830   19.305  3.049   1.00 52.98 ? 19  DA  D "C3'" 1 
ATOM   792  O  "O3'" . DA  D 2 7  ? 5.812   19.818  3.949   1.00 53.79 ? 19  DA  D "O3'" 1 
ATOM   793  C  "C2'" . DA  D 2 7  ? 5.176   17.921  2.520   1.00 56.33 ? 19  DA  D "C2'" 1 
ATOM   794  C  "C1'" . DA  D 2 7  ? 4.758   17.019  3.683   1.00 52.39 ? 19  DA  D "C1'" 1 
ATOM   795  N  N9    . DA  D 2 7  ? 4.374   15.645  3.328   1.00 45.73 ? 19  DA  D N9    1 
ATOM   796  C  C8    . DA  D 2 7  ? 3.600   15.229  2.269   1.00 44.40 ? 19  DA  D C8    1 
ATOM   797  N  N7    . DA  D 2 7  ? 3.432   13.928  2.217   1.00 43.31 ? 19  DA  D N7    1 
ATOM   798  C  C5    . DA  D 2 7  ? 4.137   13.455  3.317   1.00 41.82 ? 19  DA  D C5    1 
ATOM   799  C  C6    . DA  D 2 7  ? 4.350   12.156  3.819   1.00 39.99 ? 19  DA  D C6    1 
ATOM   800  N  N6    . DA  D 2 7  ? 3.843   11.058  3.255   1.00 41.55 ? 19  DA  D N6    1 
ATOM   801  N  N1    . DA  D 2 7  ? 5.129   12.023  4.920   1.00 37.42 ? 19  DA  D N1    1 
ATOM   802  C  C2    . DA  D 2 7  ? 5.631   13.132  5.487   1.00 41.06 ? 19  DA  D C2    1 
ATOM   803  N  N3    . DA  D 2 7  ? 5.489   14.409  5.116   1.00 40.55 ? 19  DA  D N3    1 
ATOM   804  C  C4    . DA  D 2 7  ? 4.724   14.502  4.011   1.00 43.31 ? 19  DA  D C4    1 
ATOM   805  P  P     . DT  D 2 8  ? 7.125   20.502  3.383   1.00 55.13 ? 20  DT  D P     1 
ATOM   806  O  OP1   . DT  D 2 8  ? 7.274   21.865  3.972   1.00 49.36 ? 20  DT  D OP1   1 
ATOM   807  O  OP2   . DT  D 2 8  ? 7.090   20.323  1.897   1.00 56.27 ? 20  DT  D OP2   1 
ATOM   808  O  "O5'" . DT  D 2 8  ? 8.285   19.700  4.131   1.00 65.38 ? 20  DT  D "O5'" 1 
ATOM   809  C  "C5'" . DT  D 2 8  ? 8.311   19.532  5.570   1.00 61.92 ? 20  DT  D "C5'" 1 
ATOM   810  C  "C4'" . DT  D 2 8  ? 8.968   18.216  5.931   1.00 65.75 ? 20  DT  D "C4'" 1 
ATOM   811  O  "O4'" . DT  D 2 8  ? 8.331   17.113  5.231   1.00 64.60 ? 20  DT  D "O4'" 1 
ATOM   812  C  "C3'" . DT  D 2 8  ? 10.470  18.117  5.613   1.00 64.19 ? 20  DT  D "C3'" 1 
ATOM   813  O  "O3'" . DT  D 2 8  ? 11.216  17.957  6.838   1.00 65.00 ? 20  DT  D "O3'" 1 
ATOM   814  C  "C2'" . DT  D 2 8  ? 10.566  16.931  4.656   1.00 63.32 ? 20  DT  D "C2'" 1 
ATOM   815  C  "C1'" . DT  D 2 8  ? 9.321   16.129  4.987   1.00 61.93 ? 20  DT  D "C1'" 1 
ATOM   816  N  N1    . DT  D 2 8  ? 8.788   15.183  3.966   1.00 62.34 ? 20  DT  D N1    1 
ATOM   817  C  C2    . DT  D 2 8  ? 8.784   13.835  4.268   1.00 61.34 ? 20  DT  D C2    1 
ATOM   818  O  O2    . DT  D 2 8  ? 9.251   13.381  5.299   1.00 57.06 ? 20  DT  D O2    1 
ATOM   819  N  N3    . DT  D 2 8  ? 8.224   13.032  3.302   1.00 58.17 ? 20  DT  D N3    1 
ATOM   820  C  C4    . DT  D 2 8  ? 7.676   13.432  2.098   1.00 57.21 ? 20  DT  D C4    1 
ATOM   821  O  O4    . DT  D 2 8  ? 7.220   12.594  1.328   1.00 58.16 ? 20  DT  D O4    1 
ATOM   822  C  C5    . DT  D 2 8  ? 7.701   14.859  1.852   1.00 59.51 ? 20  DT  D C5    1 
ATOM   823  C  C7    . DT  D 2 8  ? 7.126   15.385  0.574   1.00 58.99 ? 20  DT  D C7    1 
ATOM   824  C  C6    . DT  D 2 8  ? 8.234   15.652  2.792   1.00 62.09 ? 20  DT  D C6    1 
ATOM   825  P  P     . DA  D 2 9  ? 12.843  17.936  6.837   1.00 73.81 ? 21  DA  D P     1 
ATOM   826  O  OP1   . DA  D 2 9  ? 13.341  18.543  8.101   1.00 69.16 ? 21  DA  D OP1   1 
ATOM   827  O  OP2   . DA  D 2 9  ? 13.314  18.446  5.515   1.00 70.19 ? 21  DA  D OP2   1 
ATOM   828  O  "O5'" . DA  D 2 9  ? 13.201  16.391  7.004   1.00 76.92 ? 21  DA  D "O5'" 1 
ATOM   829  C  "C5'" . DA  D 2 9  ? 12.816  15.645  8.176   1.00 70.96 ? 21  DA  D "C5'" 1 
ATOM   830  C  "C4'" . DA  D 2 9  ? 13.507  14.299  8.174   1.00 69.81 ? 21  DA  D "C4'" 1 
ATOM   831  O  "O4'" . DA  D 2 9  ? 12.930  13.439  7.158   1.00 65.00 ? 21  DA  D "O4'" 1 
ATOM   832  C  "C3'" . DA  D 2 9  ? 15.009  14.347  7.887   1.00 64.75 ? 21  DA  D "C3'" 1 
ATOM   833  O  "O3'" . DA  D 2 9  ? 15.659  13.371  8.697   1.00 60.72 ? 21  DA  D "O3'" 1 
ATOM   834  C  "C2'" . DA  D 2 9  ? 15.106  14.059  6.400   1.00 64.27 ? 21  DA  D "C2'" 1 
ATOM   835  C  "C1'" . DA  D 2 9  ? 13.870  13.184  6.115   1.00 63.27 ? 21  DA  D "C1'" 1 
ATOM   836  N  N9    . DA  D 2 9  ? 13.181  13.388  4.830   1.00 56.88 ? 21  DA  D N9    1 
ATOM   837  C  C8    . DA  D 2 9  ? 13.000  14.553  4.116   1.00 55.38 ? 21  DA  D C8    1 
ATOM   838  N  N7    . DA  D 2 9  ? 12.332  14.391  2.999   1.00 49.23 ? 21  DA  D N7    1 
ATOM   839  C  C5    . DA  D 2 9  ? 12.049  13.033  2.974   1.00 45.75 ? 21  DA  D C5    1 
ATOM   840  C  C6    . DA  D 2 9  ? 11.379  12.231  2.044   1.00 38.07 ? 21  DA  D C6    1 
ATOM   841  N  N6    . DA  D 2 9  ? 10.834  12.710  0.931   1.00 34.78 ? 21  DA  D N6    1 
ATOM   842  N  N1    . DA  D 2 9  ? 11.292  10.902  2.298   1.00 44.00 ? 21  DA  D N1    1 
ATOM   843  C  C2    . DA  D 2 9  ? 11.845  10.427  3.429   1.00 45.33 ? 21  DA  D C2    1 
ATOM   844  N  N3    . DA  D 2 9  ? 12.500  11.087  4.385   1.00 47.50 ? 21  DA  D N3    1 
ATOM   845  C  C4    . DA  D 2 9  ? 12.575  12.400  4.091   1.00 52.32 ? 21  DA  D C4    1 
ATOM   846  P  P     . DG  D 2 10 ? 17.194  13.505  8.988   1.00 69.20 ? 22  DG  D P     1 
ATOM   847  O  OP1   . DG  D 2 10 ? 17.442  13.249  10.445  1.00 66.38 ? 22  DG  D OP1   1 
ATOM   848  O  OP2   . DG  D 2 10 ? 17.695  14.723  8.281   1.00 70.55 ? 22  DG  D OP2   1 
ATOM   849  O  "O5'" . DG  D 2 10 ? 17.809  12.267  8.217   1.00 70.18 ? 22  DG  D "O5'" 1 
ATOM   850  C  "C5'" . DG  D 2 10 ? 17.034  11.104  7.934   1.00 59.37 ? 22  DG  D "C5'" 1 
ATOM   851  C  "C4'" . DG  D 2 10 ? 17.577  10.514  6.660   1.00 53.49 ? 22  DG  D "C4'" 1 
ATOM   852  O  "O4'" . DG  D 2 10 ? 16.666  10.798  5.576   1.00 45.85 ? 22  DG  D "O4'" 1 
ATOM   853  C  "C3'" . DG  D 2 10 ? 18.916  11.130  6.242   1.00 51.43 ? 22  DG  D "C3'" 1 
ATOM   854  O  "O3'" . DG  D 2 10 ? 19.704  10.060  5.739   1.00 60.40 ? 22  DG  D "O3'" 1 
ATOM   855  C  "C2'" . DG  D 2 10 ? 18.537  12.059  5.104   1.00 46.36 ? 22  DG  D "C2'" 1 
ATOM   856  C  "C1'" . DG  D 2 10 ? 17.455  11.211  4.489   1.00 41.46 ? 22  DG  D "C1'" 1 
ATOM   857  N  N9    . DG  D 2 10 ? 16.584  11.813  3.492   1.00 37.42 ? 22  DG  D N9    1 
ATOM   858  C  C8    . DG  D 2 10 ? 16.503  13.132  3.115   1.00 38.66 ? 22  DG  D C8    1 
ATOM   859  N  N7    . DG  D 2 10 ? 15.652  13.336  2.144   1.00 37.96 ? 22  DG  D N7    1 
ATOM   860  C  C5    . DG  D 2 10 ? 15.149  12.073  1.857   1.00 35.85 ? 22  DG  D C5    1 
ATOM   861  C  C6    . DG  D 2 10 ? 14.193  11.653  0.881   1.00 33.08 ? 22  DG  D C6    1 
ATOM   862  O  O6    . DG  D 2 10 ? 13.567  12.339  0.061   1.00 31.24 ? 22  DG  D O6    1 
ATOM   863  N  N1    . DG  D 2 10 ? 13.976  10.281  0.937   1.00 32.03 ? 22  DG  D N1    1 
ATOM   864  C  C2    . DG  D 2 10 ? 14.593  9.418   1.808   1.00 33.18 ? 22  DG  D C2    1 
ATOM   865  N  N2    . DG  D 2 10 ? 14.243  8.128   1.708   1.00 31.79 ? 22  DG  D N2    1 
ATOM   866  N  N3    . DG  D 2 10 ? 15.497  9.788   2.702   1.00 37.42 ? 22  DG  D N3    1 
ATOM   867  C  C4    . DG  D 2 10 ? 15.714  11.122  2.680   1.00 37.51 ? 22  DG  D C4    1 
ATOM   868  P  P     . DC  D 2 11 ? 20.684  9.254   6.702   1.00 60.41 ? 23  DC  D P     1 
ATOM   869  O  OP1   . DC  D 2 11 ? 19.932  8.871   7.936   1.00 61.22 ? 23  DC  D OP1   1 
ATOM   870  O  OP2   . DC  D 2 11 ? 21.951  10.034  6.779   1.00 51.23 ? 23  DC  D OP2   1 
ATOM   871  O  "O5'" . DC  D 2 11 ? 20.927  7.905   5.887   1.00 51.23 ? 23  DC  D "O5'" 1 
ATOM   872  C  "C5'" . DC  D 2 11 ? 20.115  6.717   6.072   1.00 45.90 ? 23  DC  D "C5'" 1 
ATOM   873  C  "C4'" . DC  D 2 11 ? 19.796  6.015   4.762   1.00 42.93 ? 23  DC  D "C4'" 1 
ATOM   874  O  "O4'" . DC  D 2 11 ? 18.925  6.843   3.942   1.00 41.44 ? 23  DC  D "O4'" 1 
ATOM   875  C  "C3'" . DC  D 2 11 ? 20.970  5.582   3.862   1.00 40.92 ? 23  DC  D "C3'" 1 
ATOM   876  O  "O3'" . DC  D 2 11 ? 20.874  4.223   3.405   1.00 42.70 ? 23  DC  D "O3'" 1 
ATOM   877  C  "C2'" . DC  D 2 11 ? 20.809  6.423   2.606   1.00 40.76 ? 23  DC  D "C2'" 1 
ATOM   878  C  "C1'" . DC  D 2 11 ? 19.325  6.788   2.586   1.00 36.08 ? 23  DC  D "C1'" 1 
ATOM   879  N  N1    . DC  D 2 11 ? 18.974  8.080   1.950   1.00 32.83 ? 23  DC  D N1    1 
ATOM   880  C  C2    . DC  D 2 11 ? 17.965  8.087   0.989   1.00 33.27 ? 23  DC  D C2    1 
ATOM   881  O  O2    . DC  D 2 11 ? 17.404  7.018   0.707   1.00 37.99 ? 23  DC  D O2    1 
ATOM   882  N  N3    . DC  D 2 11 ? 17.625  9.254   0.391   1.00 31.89 ? 23  DC  D N3    1 
ATOM   883  C  C4    . DC  D 2 11 ? 18.263  10.379  0.715   1.00 33.81 ? 23  DC  D C4    1 
ATOM   884  N  N4    . DC  D 2 11 ? 17.910  11.502  0.088   1.00 35.04 ? 23  DC  D N4    1 
ATOM   885  C  C5    . DC  D 2 11 ? 19.290  10.404  1.700   1.00 34.69 ? 23  DC  D C5    1 
ATOM   886  C  C6    . DC  D 2 11 ? 19.615  9.242   2.284   1.00 33.74 ? 23  DC  D C6    1 
ATOM   887  P  P     . DG  D 2 12 ? 22.203  3.294   3.147   1.00 53.20 ? 24  DG  D P     1 
ATOM   888  O  OP1   . DG  D 2 12 ? 21.729  1.932   2.644   1.00 40.24 ? 24  DG  D OP1   1 
ATOM   889  O  OP2   . DG  D 2 12 ? 23.036  3.374   4.406   1.00 52.19 ? 24  DG  D OP2   1 
ATOM   890  O  "O5'" . DG  D 2 12 ? 23.006  4.054   1.971   1.00 47.25 ? 24  DG  D "O5'" 1 
ATOM   891  C  "C5'" . DG  D 2 12 ? 22.962  3.613   0.575   1.00 40.58 ? 24  DG  D "C5'" 1 
ATOM   892  C  "C4'" . DG  D 2 12 ? 23.997  4.294   -0.302  1.00 38.54 ? 24  DG  D "C4'" 1 
ATOM   893  O  "O4'" . DG  D 2 12 ? 23.978  5.753   -0.135  1.00 36.74 ? 24  DG  D "O4'" 1 
ATOM   894  C  "C3'" . DG  D 2 12 ? 25.454  3.870   -0.068  1.00 35.95 ? 24  DG  D "C3'" 1 
ATOM   895  O  "O3'" . DG  D 2 12 ? 26.017  2.762   -0.812  1.00 33.36 ? 24  DG  D "O3'" 1 
ATOM   896  C  "C2'" . DG  D 2 12 ? 26.198  5.153   -0.384  1.00 33.88 ? 24  DG  D "C2'" 1 
ATOM   897  C  "C1'" . DG  D 2 12 ? 25.280  6.190   0.251   1.00 34.48 ? 24  DG  D "C1'" 1 
ATOM   898  N  N9    . DG  D 2 12 ? 25.311  6.230   1.716   1.00 28.62 ? 24  DG  D N9    1 
ATOM   899  C  C8    . DG  D 2 12 ? 25.844  5.272   2.538   1.00 28.19 ? 24  DG  D C8    1 
ATOM   900  N  N7    . DG  D 2 12 ? 25.683  5.535   3.804   1.00 28.97 ? 24  DG  D N7    1 
ATOM   901  C  C5    . DG  D 2 12 ? 24.960  6.716   3.819   1.00 28.17 ? 24  DG  D C5    1 
ATOM   902  C  C6    . DG  D 2 12 ? 24.439  7.448   4.906   1.00 29.27 ? 24  DG  D C6    1 
ATOM   903  O  O6    . DG  D 2 12 ? 24.537  7.203   6.113   1.00 30.75 ? 24  DG  D O6    1 
ATOM   904  N  N1    . DG  D 2 12 ? 23.727  8.564   4.480   1.00 30.47 ? 24  DG  D N1    1 
ATOM   905  C  C2    . DG  D 2 12 ? 23.557  8.935   3.170   1.00 28.04 ? 24  DG  D C2    1 
ATOM   906  N  N2    . DG  D 2 12 ? 22.848  10.055  2.960   1.00 27.16 ? 24  DG  D N2    1 
ATOM   907  N  N3    . DG  D 2 12 ? 24.038  8.254   2.142   1.00 27.07 ? 24  DG  D N3    1 
ATOM   908  C  C4    . DG  D 2 12 ? 24.718  7.159   2.538   1.00 26.62 ? 24  DG  D C4    1 
ATOM   909  P  P     . DG  E 1 2  ? -19.353 8.974   0.888   1.00 55.63 ? 2   DG  E P     1 
ATOM   910  O  OP1   . DG  E 1 2  ? -20.201 9.211   2.103   1.00 40.04 ? 2   DG  E OP1   1 
ATOM   911  O  OP2   . DG  E 1 2  ? -18.784 10.123  0.144   1.00 60.28 ? 2   DG  E OP2   1 
ATOM   912  O  "O5'" . DG  E 1 2  ? -18.126 8.030   1.280   1.00 63.31 ? 2   DG  E "O5'" 1 
ATOM   913  C  "C5'" . DG  E 1 2  ? -18.128 6.644   0.872   1.00 70.54 ? 2   DG  E "C5'" 1 
ATOM   914  C  "C4'" . DG  E 1 2  ? -16.897 5.911   1.364   1.00 73.11 ? 2   DG  E "C4'" 1 
ATOM   915  O  "O4'" . DG  E 1 2  ? -16.757 4.645   0.680   1.00 71.97 ? 2   DG  E "O4'" 1 
ATOM   916  C  "C3'" . DG  E 1 2  ? -15.555 6.595   1.132   1.00 69.29 ? 2   DG  E "C3'" 1 
ATOM   917  O  "O3'" . DG  E 1 2  ? -14.716 6.130   2.208   1.00 74.37 ? 2   DG  E "O3'" 1 
ATOM   918  C  "C2'" . DG  E 1 2  ? -15.207 6.165   -0.290  1.00 64.01 ? 2   DG  E "C2'" 1 
ATOM   919  C  "C1'" . DG  E 1 2  ? -15.956 4.841   -0.488  1.00 64.96 ? 2   DG  E "C1'" 1 
ATOM   920  N  N9    . DG  E 1 2  ? -16.845 4.691   -1.641  1.00 60.97 ? 2   DG  E N9    1 
ATOM   921  C  C8    . DG  E 1 2  ? -17.508 5.648   -2.379  1.00 62.84 ? 2   DG  E C8    1 
ATOM   922  N  N7    . DG  E 1 2  ? -18.300 5.140   -3.285  1.00 59.41 ? 2   DG  E N7    1 
ATOM   923  C  C5    . DG  E 1 2  ? -18.178 3.766   -3.110  1.00 54.80 ? 2   DG  E C5    1 
ATOM   924  C  C6    . DG  E 1 2  ? -18.808 2.692   -3.790  1.00 52.09 ? 2   DG  E C6    1 
ATOM   925  O  O6    . DG  E 1 2  ? -19.631 2.740   -4.717  1.00 44.15 ? 2   DG  E O6    1 
ATOM   926  N  N1    . DG  E 1 2  ? -18.398 1.458   -3.284  1.00 51.39 ? 2   DG  E N1    1 
ATOM   927  C  C2    . DG  E 1 2  ? -17.491 1.282   -2.262  1.00 44.59 ? 2   DG  E C2    1 
ATOM   928  N  N2    . DG  E 1 2  ? -17.207 0.018   -1.920  1.00 36.47 ? 2   DG  E N2    1 
ATOM   929  N  N3    . DG  E 1 2  ? -16.903 2.273   -1.623  1.00 45.88 ? 2   DG  E N3    1 
ATOM   930  C  C4    . DG  E 1 2  ? -17.289 3.478   -2.095  1.00 52.54 ? 2   DG  E C4    1 
ATOM   931  P  P     . DC  E 1 3  ? -13.105 5.995   2.066   1.00 74.71 ? 3   DC  E P     1 
ATOM   932  O  OP1   . DC  E 1 3  ? -12.558 5.883   3.445   1.00 67.23 ? 3   DC  E OP1   1 
ATOM   933  O  OP2   . DC  E 1 3  ? -12.620 7.092   1.180   1.00 76.68 ? 3   DC  E OP2   1 
ATOM   934  O  "O5'" . DC  E 1 3  ? -12.906 4.592   1.314   1.00 77.98 ? 3   DC  E "O5'" 1 
ATOM   935  C  "C5'" . DC  E 1 3  ? -13.246 3.326   1.959   1.00 76.27 ? 3   DC  E "C5'" 1 
ATOM   936  C  "C4'" . DC  E 1 3  ? -12.943 2.117   1.096   1.00 70.77 ? 3   DC  E "C4'" 1 
ATOM   937  O  "O4'" . DC  E 1 3  ? -13.746 2.076   -0.111  1.00 64.75 ? 3   DC  E "O4'" 1 
ATOM   938  C  "C3'" . DC  E 1 3  ? -11.490 1.964   0.646   1.00 66.38 ? 3   DC  E "C3'" 1 
ATOM   939  O  "O3'" . DC  E 1 3  ? -11.045 0.636   0.868   1.00 68.80 ? 3   DC  E "O3'" 1 
ATOM   940  C  "C2'" . DC  E 1 3  ? -11.531 2.163   -0.855  1.00 63.07 ? 3   DC  E "C2'" 1 
ATOM   941  C  "C1'" . DC  E 1 3  ? -12.931 1.706   -1.208  1.00 60.53 ? 3   DC  E "C1'" 1 
ATOM   942  N  N1    . DC  E 1 3  ? -13.482 2.347   -2.410  1.00 56.24 ? 3   DC  E N1    1 
ATOM   943  C  C2    . DC  E 1 3  ? -14.172 1.553   -3.325  1.00 50.47 ? 3   DC  E C2    1 
ATOM   944  O  O2    . DC  E 1 3  ? -14.287 0.341   -3.098  1.00 48.11 ? 3   DC  E O2    1 
ATOM   945  N  N3    . DC  E 1 3  ? -14.698 2.126   -4.433  1.00 55.76 ? 3   DC  E N3    1 
ATOM   946  C  C4    . DC  E 1 3  ? -14.530 3.431   -4.653  1.00 55.06 ? 3   DC  E C4    1 
ATOM   947  N  N4    . DC  E 1 3  ? -15.060 3.949   -5.758  1.00 53.48 ? 3   DC  E N4    1 
ATOM   948  C  C5    . DC  E 1 3  ? -13.813 4.263   -3.746  1.00 56.88 ? 3   DC  E C5    1 
ATOM   949  C  C6    . DC  E 1 3  ? -13.319 3.686   -2.642  1.00 56.10 ? 3   DC  E C6    1 
ATOM   950  P  P     . DT  E 1 4  ? -9.492  0.351   1.050   1.00 60.36 ? 4   DT  E P     1 
ATOM   951  O  OP1   . DT  E 1 4  ? -9.291  -0.053  2.449   1.00 67.90 ? 4   DT  E OP1   1 
ATOM   952  O  OP2   . DT  E 1 4  ? -8.734  1.474   0.440   1.00 68.10 ? 4   DT  E OP2   1 
ATOM   953  O  "O5'" . DT  E 1 4  ? -9.251  -0.986  0.233   1.00 55.16 ? 4   DT  E "O5'" 1 
ATOM   954  C  "C5'" . DT  E 1 4  ? -10.103 -2.089  0.508   1.00 53.66 ? 4   DT  E "C5'" 1 
ATOM   955  C  "C4'" . DT  E 1 4  ? -10.420 -2.747  -0.804  1.00 52.00 ? 4   DT  E "C4'" 1 
ATOM   956  O  "O4'" . DT  E 1 4  ? -11.041 -1.825  -1.750  1.00 53.90 ? 4   DT  E "O4'" 1 
ATOM   957  C  "C3'" . DT  E 1 4  ? -9.167  -3.282  -1.485  1.00 49.53 ? 4   DT  E "C3'" 1 
ATOM   958  O  "O3'" . DT  E 1 4  ? -9.555  -4.642  -1.714  1.00 44.57 ? 4   DT  E "O3'" 1 
ATOM   959  C  "C2'" . DT  E 1 4  ? -8.980  -2.327  -2.664  1.00 52.98 ? 4   DT  E "C2'" 1 
ATOM   960  C  "C1'" . DT  E 1 4  ? -10.435 -2.028  -3.022  1.00 51.26 ? 4   DT  E "C1'" 1 
ATOM   961  N  N1    . DT  E 1 4  ? -10.775 -0.859  -3.904  1.00 47.58 ? 4   DT  E N1    1 
ATOM   962  C  C2    . DT  E 1 4  ? -11.765 -1.008  -4.866  1.00 49.38 ? 4   DT  E C2    1 
ATOM   963  O  O2    . DT  E 1 4  ? -12.356 -2.056  -5.067  1.00 47.09 ? 4   DT  E O2    1 
ATOM   964  N  N3    . DT  E 1 4  ? -12.027 0.125   -5.600  1.00 50.11 ? 4   DT  E N3    1 
ATOM   965  C  C4    . DT  E 1 4  ? -11.419 1.365   -5.473  1.00 50.36 ? 4   DT  E C4    1 
ATOM   966  O  O4    . DT  E 1 4  ? -11.756 2.293   -6.218  1.00 42.81 ? 4   DT  E O4    1 
ATOM   967  C  C5    . DT  E 1 4  ? -10.397 1.449   -4.440  1.00 43.95 ? 4   DT  E C5    1 
ATOM   968  C  C7    . DT  E 1 4  ? -9.679  2.748   -4.231  1.00 42.50 ? 4   DT  E C7    1 
ATOM   969  C  C6    . DT  E 1 4  ? -10.132 0.348   -3.723  1.00 42.50 ? 4   DT  E C6    1 
ATOM   970  P  P     . DA  E 1 5  ? -8.487  -5.702  -2.143  1.00 44.54 ? 5   DA  E P     1 
ATOM   971  O  OP1   . DA  E 1 5  ? -8.649  -6.890  -1.259  1.00 41.64 ? 5   DA  E OP1   1 
ATOM   972  O  OP2   . DA  E 1 5  ? -7.197  -4.981  -2.280  1.00 38.88 ? 5   DA  E OP2   1 
ATOM   973  O  "O5'" . DA  E 1 5  ? -8.960  -6.157  -3.595  1.00 44.01 ? 5   DA  E "O5'" 1 
ATOM   974  C  "C5'" . DA  E 1 5  ? -10.127 -6.972  -3.740  1.00 52.23 ? 5   DA  E "C5'" 1 
ATOM   975  C  "C4'" . DA  E 1 5  ? -10.624 -6.869  -5.160  1.00 58.74 ? 5   DA  E "C4'" 1 
ATOM   976  O  "O4'" . DA  E 1 5  ? -10.783 -5.475  -5.525  1.00 63.81 ? 5   DA  E "O4'" 1 
ATOM   977  C  "C3'" . DA  E 1 5  ? -9.664  -7.477  -6.187  1.00 59.29 ? 5   DA  E "C3'" 1 
ATOM   978  O  "O3'" . DA  E 1 5  ? -10.441 -8.336  -7.012  1.00 50.69 ? 5   DA  E "O3'" 1 
ATOM   979  C  "C2'" . DA  E 1 5  ? -9.085  -6.273  -6.918  1.00 59.95 ? 5   DA  E "C2'" 1 
ATOM   980  C  "C1'" . DA  E 1 5  ? -10.213 -5.258  -6.808  1.00 62.06 ? 5   DA  E "C1'" 1 
ATOM   981  N  N9    . DA  E 1 5  ? -9.795  -3.866  -6.864  1.00 57.44 ? 5   DA  E N9    1 
ATOM   982  C  C8    . DA  E 1 5  ? -9.003  -3.216  -5.950  1.00 63.43 ? 5   DA  E C8    1 
ATOM   983  N  N7    . DA  E 1 5  ? -8.791  -1.954  -6.235  1.00 60.08 ? 5   DA  E N7    1 
ATOM   984  C  C5    . DA  E 1 5  ? -9.513  -1.753  -7.402  1.00 57.68 ? 5   DA  E C5    1 
ATOM   985  C  C6    . DA  E 1 5  ? -9.698  -0.623  -8.211  1.00 64.35 ? 5   DA  E C6    1 
ATOM   986  N  N6    . DA  E 1 5  ? -9.161  0.568   -7.939  1.00 75.92 ? 5   DA  E N6    1 
ATOM   987  N  N1    . DA  E 1 5  ? -10.460 -0.758  -9.320  1.00 61.17 ? 5   DA  E N1    1 
ATOM   988  C  C2    . DA  E 1 5  ? -11.005 -1.956  -9.579  1.00 65.35 ? 5   DA  E C2    1 
ATOM   989  N  N3    . DA  E 1 5  ? -10.901 -3.097  -8.893  1.00 60.45 ? 5   DA  E N3    1 
ATOM   990  C  C4    . DA  E 1 5  ? -10.142 -2.921  -7.797  1.00 56.27 ? 5   DA  E C4    1 
ATOM   991  P  P     . DT  E 1 6  ? -9.724  -9.188  -8.112  1.00 47.21 ? 6   DT  E P     1 
ATOM   992  O  OP1   . DT  E 1 6  ? -10.566 -10.387 -8.393  1.00 41.55 ? 6   DT  E OP1   1 
ATOM   993  O  OP2   . DT  E 1 6  ? -8.293  -9.312  -7.712  1.00 43.34 ? 6   DT  E OP2   1 
ATOM   994  O  "O5'" . DT  E 1 6  ? -9.936  -8.297  -9.410  1.00 48.08 ? 6   DT  E "O5'" 1 
ATOM   995  C  "C5'" . DT  E 1 6  ? -11.249 -7.835  -9.772  1.00 50.18 ? 6   DT  E "C5'" 1 
ATOM   996  C  "C4'" . DT  E 1 6  ? -11.138 -7.039  -11.049 1.00 53.17 ? 6   DT  E "C4'" 1 
ATOM   997  O  "O4'" . DT  E 1 6  ? -10.670 -5.690  -10.781 1.00 52.31 ? 6   DT  E "O4'" 1 
ATOM   998  C  "C3'" . DT  E 1 6  ? -10.144 -7.641  -12.044 1.00 55.55 ? 6   DT  E "C3'" 1 
ATOM   999  O  "O3'" . DT  E 1 6  ? -10.738 -7.698  -13.343 1.00 61.55 ? 6   DT  E "O3'" 1 
ATOM   1000 C  "C2'" . DT  E 1 6  ? -8.948  -6.707  -11.969 1.00 53.78 ? 6   DT  E "C2'" 1 
ATOM   1001 C  "C1'" . DT  E 1 6  ? -9.632  -5.387  -11.700 1.00 48.79 ? 6   DT  E "C1'" 1 
ATOM   1002 N  N1    . DT  E 1 6  ? -8.785  -4.352  -11.107 1.00 40.67 ? 6   DT  E N1    1 
ATOM   1003 C  C2    . DT  E 1 6  ? -8.901  -3.077  -11.610 1.00 37.98 ? 6   DT  E C2    1 
ATOM   1004 O  O2    . DT  E 1 6  ? -9.657  -2.790  -12.520 1.00 37.05 ? 6   DT  E O2    1 
ATOM   1005 N  N3    . DT  E 1 6  ? -8.104  -2.143  -10.998 1.00 35.76 ? 6   DT  E N3    1 
ATOM   1006 C  C4    . DT  E 1 6  ? -7.218  -2.358  -9.957  1.00 37.16 ? 6   DT  E C4    1 
ATOM   1007 O  O4    . DT  E 1 6  ? -6.566  -1.419  -9.503  1.00 33.89 ? 6   DT  E O4    1 
ATOM   1008 C  C5    . DT  E 1 6  ? -7.126  -3.727  -9.499  1.00 38.89 ? 6   DT  E C5    1 
ATOM   1009 C  C7    . DT  E 1 6  ? -6.192  -4.053  -8.376  1.00 38.73 ? 6   DT  E C7    1 
ATOM   1010 C  C6    . DT  E 1 6  ? -7.910  -4.642  -10.085 1.00 38.30 ? 6   DT  E C6    1 
ATOM   1011 P  P     . DA  E 1 7  ? -9.905  -8.286  -14.563 1.00 58.76 ? 7   DA  E P     1 
ATOM   1012 O  OP1   . DA  E 1 7  ? -10.820 -9.109  -15.397 1.00 62.05 ? 7   DA  E OP1   1 
ATOM   1013 O  OP2   . DA  E 1 7  ? -8.641  -8.864  -14.016 1.00 57.70 ? 7   DA  E OP2   1 
ATOM   1014 O  "O5'" . DA  E 1 7  ? -9.653  -6.995  -15.448 1.00 54.44 ? 7   DA  E "O5'" 1 
ATOM   1015 C  "C5'" . DA  E 1 7  ? -10.779 -6.212  -15.865 1.00 56.15 ? 7   DA  E "C5'" 1 
ATOM   1016 C  "C4'" . DA  E 1 7  ? -10.280 -4.957  -16.538 1.00 56.44 ? 7   DA  E "C4'" 1 
ATOM   1017 O  "O4'" . DA  E 1 7  ? -9.599  -4.106  -15.587 1.00 59.08 ? 7   DA  E "O4'" 1 
ATOM   1018 C  "C3'" . DA  E 1 7  ? -9.283  -5.209  -17.669 1.00 57.49 ? 7   DA  E "C3'" 1 
ATOM   1019 O  "O3'" . DA  E 1 7  ? -9.735  -4.398  -18.744 1.00 64.75 ? 7   DA  E "O3'" 1 
ATOM   1020 C  "C2'" . DA  E 1 7  ? -7.948  -4.740  -17.114 1.00 57.71 ? 7   DA  E "C2'" 1 
ATOM   1021 C  "C1'" . DA  E 1 7  ? -8.389  -3.646  -16.166 1.00 56.73 ? 7   DA  E "C1'" 1 
ATOM   1022 N  N9    . DA  E 1 7  ? -7.466  -3.359  -15.077 1.00 50.09 ? 7   DA  E N9    1 
ATOM   1023 C  C8    . DA  E 1 7  ? -6.975  -4.215  -14.125 1.00 50.22 ? 7   DA  E C8    1 
ATOM   1024 N  N7    . DA  E 1 7  ? -6.167  -3.640  -13.266 1.00 49.39 ? 7   DA  E N7    1 
ATOM   1025 C  C5    . DA  E 1 7  ? -6.153  -2.309  -13.661 1.00 45.80 ? 7   DA  E C5    1 
ATOM   1026 C  C6    . DA  E 1 7  ? -5.490  -1.175  -13.157 1.00 44.23 ? 7   DA  E C6    1 
ATOM   1027 N  N6    . DA  E 1 7  ? -4.687  -1.196  -12.092 1.00 44.94 ? 7   DA  E N6    1 
ATOM   1028 N  N1    . DA  E 1 7  ? -5.681  0.001   -13.794 1.00 43.73 ? 7   DA  E N1    1 
ATOM   1029 C  C2    . DA  E 1 7  ? -6.480  0.024   -14.868 1.00 45.60 ? 7   DA  E C2    1 
ATOM   1030 N  N3    . DA  E 1 7  ? -7.158  -0.970  -15.436 1.00 46.50 ? 7   DA  E N3    1 
ATOM   1031 C  C4    . DA  E 1 7  ? -6.948  -2.124  -14.776 1.00 47.22 ? 7   DA  E C4    1 
ATOM   1032 P  P     . DA  E 1 8  ? -9.110  -4.573  -20.174 1.00 63.97 ? 8   DA  E P     1 
ATOM   1033 O  OP1   . DA  E 1 8  ? -10.233 -4.752  -21.144 1.00 52.47 ? 8   DA  E OP1   1 
ATOM   1034 O  OP2   . DA  E 1 8  ? -8.087  -5.648  -20.057 1.00 58.89 ? 8   DA  E OP2   1 
ATOM   1035 O  "O5'" . DA  E 1 8  ? -8.473  -3.127  -20.399 1.00 61.32 ? 8   DA  E "O5'" 1 
ATOM   1036 C  "C5'" . DA  E 1 8  ? -9.292  -1.950  -20.274 1.00 58.94 ? 8   DA  E "C5'" 1 
ATOM   1037 C  "C4'" . DA  E 1 8  ? -8.446  -0.694  -20.252 1.00 65.78 ? 8   DA  E "C4'" 1 
ATOM   1038 O  "O4'" . DA  E 1 8  ? -7.623  -0.671  -19.060 1.00 63.29 ? 8   DA  E "O4'" 1 
ATOM   1039 C  "C3'" . DA  E 1 8  ? -7.490  -0.479  -21.433 1.00 66.56 ? 8   DA  E "C3'" 1 
ATOM   1040 O  "O3'" . DA  E 1 8  ? -7.611  0.905   -21.814 1.00 68.47 ? 8   DA  E "O3'" 1 
ATOM   1041 C  "C2'" . DA  E 1 8  ? -6.140  -0.856  -20.848 1.00 63.69 ? 8   DA  E "C2'" 1 
ATOM   1042 C  "C1'" . DA  E 1 8  ? -6.293  -0.377  -19.414 1.00 57.01 ? 8   DA  E "C1'" 1 
ATOM   1043 N  N9    . DA  E 1 8  ? -5.434  -1.027  -18.435 1.00 54.27 ? 8   DA  E N9    1 
ATOM   1044 C  C8    . DA  E 1 8  ? -5.244  -2.367  -18.192 1.00 55.70 ? 8   DA  E C8    1 
ATOM   1045 N  N7    . DA  E 1 8  ? -4.390  -2.612  -17.226 1.00 50.30 ? 8   DA  E N7    1 
ATOM   1046 C  C5    . DA  E 1 8  ? -4.027  -1.350  -16.778 1.00 45.91 ? 8   DA  E C5    1 
ATOM   1047 C  C6    . DA  E 1 8  ? -3.153  -0.928  -15.770 1.00 54.20 ? 8   DA  E C6    1 
ATOM   1048 N  N6    . DA  E 1 8  ? -2.468  -1.773  -14.995 1.00 55.89 ? 8   DA  E N6    1 
ATOM   1049 N  N1    . DA  E 1 8  ? -2.976  0.407   -15.603 1.00 59.15 ? 8   DA  E N1    1 
ATOM   1050 C  C2    . DA  E 1 8  ? -3.662  1.249   -16.394 1.00 61.35 ? 8   DA  E C2    1 
ATOM   1051 N  N3    . DA  E 1 8  ? -4.519  0.968   -17.379 1.00 58.39 ? 8   DA  E N3    1 
ATOM   1052 C  C4    . DA  E 1 8  ? -4.657  -0.365  -17.518 1.00 51.48 ? 8   DA  E C4    1 
ATOM   1053 P  P     . DT  E 1 9  ? -6.701  1.569   -22.970 1.00 70.56 ? 9   DT  E P     1 
ATOM   1054 O  OP1   . DT  E 1 9  ? -7.545  2.546   -23.699 1.00 68.71 ? 9   DT  E OP1   1 
ATOM   1055 O  OP2   . DT  E 1 9  ? -5.984  0.489   -23.733 1.00 58.15 ? 9   DT  E OP2   1 
ATOM   1056 O  "O5'" . DT  E 1 9  ? -5.663  2.443   -22.131 1.00 72.55 ? 9   DT  E "O5'" 1 
ATOM   1057 C  "C5'" . DT  E 1 9  ? -6.031  3.512   -21.212 1.00 59.65 ? 9   DT  E "C5'" 1 
ATOM   1058 C  "C4'" . DT  E 1 9  ? -4.776  4.236   -20.768 1.00 56.64 ? 9   DT  E "C4'" 1 
ATOM   1059 O  "O4'" . DT  E 1 9  ? -4.006  3.408   -19.855 1.00 54.20 ? 9   DT  E "O4'" 1 
ATOM   1060 C  "C3'" . DT  E 1 9  ? -3.820  4.585   -21.912 1.00 52.17 ? 9   DT  E "C3'" 1 
ATOM   1061 O  "O3'" . DT  E 1 9  ? -3.354  5.923   -21.792 1.00 46.31 ? 9   DT  E "O3'" 1 
ATOM   1062 C  "C2'" . DT  E 1 9  ? -2.700  3.558   -21.798 1.00 49.96 ? 9   DT  E "C2'" 1 
ATOM   1063 C  "C1'" . DT  E 1 9  ? -2.654  3.307   -20.303 1.00 48.91 ? 9   DT  E "C1'" 1 
ATOM   1064 N  N1    . DT  E 1 9  ? -2.139  2.001   -19.856 1.00 44.34 ? 9   DT  E N1    1 
ATOM   1065 C  C2    . DT  E 1 9  ? -1.208  1.997   -18.841 1.00 45.62 ? 9   DT  E C2    1 
ATOM   1066 O  O2    . DT  E 1 9  ? -0.746  3.013   -18.356 1.00 53.52 ? 9   DT  E O2    1 
ATOM   1067 N  N3    . DT  E 1 9  ? -0.829  0.751   -18.418 1.00 42.45 ? 9   DT  E N3    1 
ATOM   1068 C  C4    . DT  E 1 9  ? -1.269  -0.467  -18.899 1.00 44.87 ? 9   DT  E C4    1 
ATOM   1069 O  O4    . DT  E 1 9  ? -0.823  -1.515  -18.416 1.00 41.45 ? 9   DT  E O4    1 
ATOM   1070 C  C5    . DT  E 1 9  ? -2.242  -0.389  -19.972 1.00 42.26 ? 9   DT  E C5    1 
ATOM   1071 C  C7    . DT  E 1 9  ? -2.780  -1.657  -20.560 1.00 42.72 ? 9   DT  E C7    1 
ATOM   1072 C  C6    . DT  E 1 9  ? -2.639  0.828   -20.373 1.00 41.16 ? 9   DT  E C6    1 
ATOM   1073 P  P     . DG  E 1 10 ? -2.927  6.702   -23.120 1.00 49.03 ? 10  DG  E P     1 
ATOM   1074 O  OP1   . DG  E 1 10 ? -2.977  8.197   -22.851 1.00 49.19 ? 10  DG  E OP1   1 
ATOM   1075 O  OP2   . DG  E 1 10 ? -3.613  6.056   -24.290 1.00 41.66 ? 10  DG  E OP2   1 
ATOM   1076 O  "O5'" . DG  E 1 10 ? -1.377  6.406   -23.213 1.00 44.71 ? 10  DG  E "O5'" 1 
ATOM   1077 C  "C5'" . DG  E 1 10 ? -0.480  7.130   -22.366 1.00 44.05 ? 10  DG  E "C5'" 1 
ATOM   1078 C  "C4'" . DG  E 1 10 ? 0.825   6.374   -22.277 1.00 41.67 ? 10  DG  E "C4'" 1 
ATOM   1079 O  "O4'" . DG  E 1 10 ? 0.630   5.015   -21.794 1.00 39.76 ? 10  DG  E "O4'" 1 
ATOM   1080 C  "C3'" . DG  E 1 10 ? 1.594   6.240   -23.595 1.00 37.34 ? 10  DG  E "C3'" 1 
ATOM   1081 O  "O3'" . DG  E 1 10 ? 2.951   6.535   -23.300 1.00 37.39 ? 10  DG  E "O3'" 1 
ATOM   1082 C  "C2'" . DG  E 1 10 ? 1.510   4.763   -23.910 1.00 40.49 ? 10  DG  E "C2'" 1 
ATOM   1083 C  "C1'" . DG  E 1 10 ? 1.570   4.228   -22.489 1.00 39.52 ? 10  DG  E "C1'" 1 
ATOM   1084 N  N9    . DG  E 1 10 ? 1.265   2.828   -22.247 1.00 35.68 ? 10  DG  E N9    1 
ATOM   1085 C  C8    . DG  E 1 10 ? 0.441   1.992   -22.965 1.00 37.99 ? 10  DG  E C8    1 
ATOM   1086 N  N7    . DG  E 1 10 ? 0.372   0.790   -22.463 1.00 37.49 ? 10  DG  E N7    1 
ATOM   1087 C  C5    . DG  E 1 10 ? 1.200   0.836   -21.349 1.00 37.27 ? 10  DG  E C5    1 
ATOM   1088 C  C6    . DG  E 1 10 ? 1.548   -0.177  -20.411 1.00 36.06 ? 10  DG  E C6    1 
ATOM   1089 O  O6    . DG  E 1 10 ? 1.175   -1.355  -20.371 1.00 32.50 ? 10  DG  E O6    1 
ATOM   1090 N  N1    . DG  E 1 10 ? 2.402   0.309   -19.428 1.00 39.07 ? 10  DG  E N1    1 
ATOM   1091 C  C2    . DG  E 1 10 ? 2.907   1.585   -19.380 1.00 40.96 ? 10  DG  E C2    1 
ATOM   1092 N  N2    . DG  E 1 10 ? 3.759   1.840   -18.377 1.00 44.54 ? 10  DG  E N2    1 
ATOM   1093 N  N3    . DG  E 1 10 ? 2.604   2.534   -20.252 1.00 40.83 ? 10  DG  E N3    1 
ATOM   1094 C  C4    . DG  E 1 10 ? 1.751   2.092   -21.201 1.00 38.82 ? 10  DG  E C4    1 
ATOM   1095 P  P     . DC  E 1 11 ? 3.504   7.961   -23.676 1.00 47.44 ? 11  DC  E P     1 
ATOM   1096 O  OP1   . DC  E 1 11 ? 2.626   8.998   -22.999 1.00 34.01 ? 11  DC  E OP1   1 
ATOM   1097 O  OP2   . DC  E 1 11 ? 3.702   7.949   -25.162 1.00 48.99 ? 11  DC  E OP2   1 
ATOM   1098 O  "O5'" . DC  E 1 11 ? 4.999   7.975   -23.133 1.00 35.33 ? 11  DC  E "O5'" 1 
ATOM   1099 C  "C5'" . DC  E 1 11 ? 5.266   8.120   -21.735 1.00 38.59 ? 11  DC  E "C5'" 1 
ATOM   1100 C  "C4'" . DC  E 1 11 ? 6.288   7.099   -21.286 1.00 37.19 ? 11  DC  E "C4'" 1 
ATOM   1101 O  "O4'" . DC  E 1 11 ? 5.691   5.775   -21.176 1.00 35.81 ? 11  DC  E "O4'" 1 
ATOM   1102 C  "C3'" . DC  E 1 11 ? 7.487   6.961   -22.223 1.00 35.62 ? 11  DC  E "C3'" 1 
ATOM   1103 O  "O3'" . DC  E 1 11 ? 8.641   7.048   -21.411 1.00 36.06 ? 11  DC  E "O3'" 1 
ATOM   1104 C  "C2'" . DC  E 1 11 ? 7.350   5.560   -22.795 1.00 37.04 ? 11  DC  E "C2'" 1 
ATOM   1105 C  "C1'" . DC  E 1 11 ? 6.563   4.807   -21.718 1.00 35.77 ? 11  DC  E "C1'" 1 
ATOM   1106 N  N1    . DC  E 1 11 ? 5.744   3.654   -22.182 1.00 38.36 ? 11  DC  E N1    1 
ATOM   1107 C  C2    . DC  E 1 11 ? 5.754   2.446   -21.462 1.00 37.36 ? 11  DC  E C2    1 
ATOM   1108 O  O2    . DC  E 1 11 ? 6.430   2.364   -20.424 1.00 30.92 ? 11  DC  E O2    1 
ATOM   1109 N  N3    . DC  E 1 11 ? 5.019   1.403   -21.916 1.00 40.81 ? 11  DC  E N3    1 
ATOM   1110 C  C4    . DC  E 1 11 ? 4.275   1.537   -23.018 1.00 40.00 ? 11  DC  E C4    1 
ATOM   1111 N  N4    . DC  E 1 11 ? 3.554   0.489   -23.420 1.00 42.85 ? 11  DC  E N4    1 
ATOM   1112 C  C5    . DC  E 1 11 ? 4.241   2.748   -23.760 1.00 39.33 ? 11  DC  E C5    1 
ATOM   1113 C  C6    . DC  E 1 11 ? 4.986   3.771   -23.315 1.00 40.18 ? 11  DC  E C6    1 
ATOM   1114 P  P     . DG  E 1 12 ? 9.863   7.948   -21.832 1.00 48.35 ? 12  DG  E P     1 
ATOM   1115 O  OP1   . DG  E 1 12 ? 10.697  8.183   -20.613 1.00 42.79 ? 12  DG  E OP1   1 
ATOM   1116 O  OP2   . DG  E 1 12 ? 9.321   9.129   -22.602 1.00 47.75 ? 12  DG  E OP2   1 
ATOM   1117 O  "O5'" . DG  E 1 12 ? 10.735  6.973   -22.755 1.00 39.35 ? 12  DG  E "O5'" 1 
ATOM   1118 C  "C5'" . DG  E 1 12 ? 11.163  5.647   -22.349 1.00 34.30 ? 12  DG  E "C5'" 1 
ATOM   1119 C  "C4'" . DG  E 1 12 ? 11.727  4.872   -23.522 1.00 33.35 ? 12  DG  E "C4'" 1 
ATOM   1120 O  "O4'" . DG  E 1 12 ? 10.683  4.526   -24.492 1.00 34.05 ? 12  DG  E "O4'" 1 
ATOM   1121 C  "C3'" . DG  E 1 12 ? 12.801  5.618   -24.319 1.00 31.90 ? 12  DG  E "C3'" 1 
ATOM   1122 O  "O3'" . DG  E 1 12 ? 14.131  5.369   -23.859 1.00 27.34 ? 12  DG  E "O3'" 1 
ATOM   1123 C  "C2'" . DG  E 1 12 ? 12.536  5.177   -25.750 1.00 31.66 ? 12  DG  E "C2'" 1 
ATOM   1124 C  "C1'" . DG  E 1 12 ? 11.010  5.053   -25.780 1.00 29.25 ? 12  DG  E "C1'" 1 
ATOM   1125 N  N9    . DG  E 1 12 ? 10.263  6.302   -25.928 1.00 25.23 ? 12  DG  E N9    1 
ATOM   1126 C  C8    . DG  E 1 12 ? 10.741  7.589   -25.819 1.00 24.22 ? 12  DG  E C8    1 
ATOM   1127 N  N7    . DG  E 1 12 ? 9.801   8.491   -25.894 1.00 22.56 ? 12  DG  E N7    1 
ATOM   1128 C  C5    . DG  E 1 12 ? 8.630   7.755   -25.987 1.00 21.41 ? 12  DG  E C5    1 
ATOM   1129 C  C6    . DG  E 1 12 ? 7.287   8.184   -26.092 1.00 21.90 ? 12  DG  E C6    1 
ATOM   1130 O  O6    . DG  E 1 12 ? 6.849   9.336   -26.129 1.00 19.63 ? 12  DG  E O6    1 
ATOM   1131 N  N1    . DG  E 1 12 ? 6.412   7.106   -26.174 1.00 23.79 ? 12  DG  E N1    1 
ATOM   1132 C  C2    . DG  E 1 12 ? 6.790   5.781   -26.179 1.00 24.40 ? 12  DG  E C2    1 
ATOM   1133 N  N2    . DG  E 1 12 ? 5.800   4.875   -26.320 1.00 28.12 ? 12  DG  E N2    1 
ATOM   1134 N  N3    . DG  E 1 12 ? 8.042   5.372   -26.090 1.00 20.51 ? 12  DG  E N3    1 
ATOM   1135 C  C4    . DG  E 1 12 ? 8.901   6.402   -26.008 1.00 21.49 ? 12  DG  E C4    1 
ATOM   1136 P  P     . DG  F 2 2  ? 7.305   -9.055  -19.412 1.00 37.70 ? 14  DG  F P     1 
ATOM   1137 O  OP1   . DG  F 2 2  ? 5.978   -8.661  -18.836 1.00 32.27 ? 14  DG  F OP1   1 
ATOM   1138 O  OP2   . DG  F 2 2  ? 7.586   -8.924  -20.865 1.00 40.15 ? 14  DG  F OP2   1 
ATOM   1139 O  "O5'" . DG  F 2 2  ? 8.554   -8.375  -18.684 1.00 38.63 ? 14  DG  F "O5'" 1 
ATOM   1140 C  "C5'" . DG  F 2 2  ? 9.084   -7.094  -19.069 1.00 36.39 ? 14  DG  F "C5'" 1 
ATOM   1141 C  "C4'" . DG  F 2 2  ? 9.402   -6.268  -17.838 1.00 37.59 ? 14  DG  F "C4'" 1 
ATOM   1142 O  "O4'" . DG  F 2 2  ? 8.868   -4.937  -17.964 1.00 33.64 ? 14  DG  F "O4'" 1 
ATOM   1143 C  "C3'" . DG  F 2 2  ? 8.769   -6.749  -16.540 1.00 37.72 ? 14  DG  F "C3'" 1 
ATOM   1144 O  "O3'" . DG  F 2 2  ? 9.489   -6.106  -15.477 1.00 35.21 ? 14  DG  F "O3'" 1 
ATOM   1145 C  "C2'" . DG  F 2 2  ? 7.344   -6.250  -16.685 1.00 34.26 ? 14  DG  F "C2'" 1 
ATOM   1146 C  "C1'" . DG  F 2 2  ? 7.548   -4.921  -17.418 1.00 33.63 ? 14  DG  F "C1'" 1 
ATOM   1147 N  N9    . DG  F 2 2  ? 6.623   -4.627  -18.508 1.00 34.83 ? 14  DG  F N9    1 
ATOM   1148 C  C8    . DG  F 2 2  ? 5.894   -5.513  -19.268 1.00 37.46 ? 14  DG  F C8    1 
ATOM   1149 N  N7    . DG  F 2 2  ? 5.173   -4.927  -20.187 1.00 36.85 ? 14  DG  F N7    1 
ATOM   1150 C  C5    . DG  F 2 2  ? 5.459   -3.577  -20.037 1.00 35.33 ? 14  DG  F C5    1 
ATOM   1151 C  C6    . DG  F 2 2  ? 4.993   -2.450  -20.763 1.00 32.47 ? 14  DG  F C6    1 
ATOM   1152 O  O6    . DG  F 2 2  ? 4.183   -2.415  -21.695 1.00 37.08 ? 14  DG  F O6    1 
ATOM   1153 N  N1    . DG  F 2 2  ? 5.553   -1.268  -20.291 1.00 28.37 ? 14  DG  F N1    1 
ATOM   1154 C  C2    . DG  F 2 2  ? 6.450   -1.180  -19.259 1.00 27.67 ? 14  DG  F C2    1 
ATOM   1155 N  N2    . DG  F 2 2  ? 6.879   0.044   -18.952 1.00 27.58 ? 14  DG  F N2    1 
ATOM   1156 N  N3    . DG  F 2 2  ? 6.919   -2.219  -18.598 1.00 32.37 ? 14  DG  F N3    1 
ATOM   1157 C  C4    . DG  F 2 2  ? 6.370   -3.378  -19.021 1.00 35.29 ? 14  DG  F C4    1 
ATOM   1158 P  P     . DC  F 2 3  ? 8.886   -6.114  -14.038 1.00 31.02 ? 15  DC  F P     1 
ATOM   1159 O  OP1   . DC  F 2 3  ? 9.968   -5.888  -13.072 1.00 31.41 ? 15  DC  F OP1   1 
ATOM   1160 O  OP2   . DC  F 2 3  ? 8.007   -7.319  -13.949 1.00 37.59 ? 15  DC  F OP2   1 
ATOM   1161 O  "O5'" . DC  F 2 3  ? 8.038   -4.772  -13.976 1.00 36.35 ? 15  DC  F "O5'" 1 
ATOM   1162 C  "C5'" . DC  F 2 3  ? 8.688   -3.495  -13.909 1.00 40.81 ? 15  DC  F "C5'" 1 
ATOM   1163 C  "C4'" . DC  F 2 3  ? 7.651   -2.403  -13.826 1.00 49.40 ? 15  DC  F "C4'" 1 
ATOM   1164 O  "O4'" . DC  F 2 3  ? 6.801   -2.478  -14.995 1.00 61.52 ? 15  DC  F "O4'" 1 
ATOM   1165 C  "C3'" . DC  F 2 3  ? 6.706   -2.498  -12.622 1.00 58.48 ? 15  DC  F "C3'" 1 
ATOM   1166 O  "O3'" . DC  F 2 3  ? 6.544   -1.215  -12.021 1.00 64.39 ? 15  DC  F "O3'" 1 
ATOM   1167 C  "C2'" . DC  F 2 3  ? 5.379   -2.924  -13.231 1.00 59.25 ? 15  DC  F "C2'" 1 
ATOM   1168 C  "C1'" . DC  F 2 3  ? 5.472   -2.235  -14.579 1.00 61.87 ? 15  DC  F "C1'" 1 
ATOM   1169 N  N1    . DC  F 2 3  ? 4.559   -2.710  -15.636 1.00 61.62 ? 15  DC  F N1    1 
ATOM   1170 C  C2    . DC  F 2 3  ? 3.965   -1.769  -16.492 1.00 62.71 ? 15  DC  F C2    1 
ATOM   1171 O  O2    . DC  F 2 3  ? 4.240   -0.564  -16.351 1.00 52.55 ? 15  DC  F O2    1 
ATOM   1172 N  N3    . DC  F 2 3  ? 3.115   -2.197  -17.452 1.00 63.01 ? 15  DC  F N3    1 
ATOM   1173 C  C4    . DC  F 2 3  ? 2.849   -3.499  -17.574 1.00 64.60 ? 15  DC  F C4    1 
ATOM   1174 N  N4    . DC  F 2 3  ? 2.022   -3.877  -18.549 1.00 72.70 ? 15  DC  F N4    1 
ATOM   1175 C  C5    . DC  F 2 3  ? 3.443   -4.475  -16.723 1.00 65.53 ? 15  DC  F C5    1 
ATOM   1176 C  C6    . DC  F 2 3  ? 4.288   -4.042  -15.780 1.00 62.13 ? 15  DC  F C6    1 
ATOM   1177 P  P     . DA  F 2 4  ? 6.169   -1.098  -10.454 1.00 67.64 ? 16  DA  F P     1 
ATOM   1178 O  OP1   . DA  F 2 4  ? 7.438   -1.192  -9.709  1.00 65.09 ? 16  DA  F OP1   1 
ATOM   1179 O  OP2   . DA  F 2 4  ? 5.046   -2.044  -10.130 1.00 42.14 ? 16  DA  F OP2   1 
ATOM   1180 O  "O5'" . DA  F 2 4  ? 5.705   0.421   -10.330 1.00 62.26 ? 16  DA  F "O5'" 1 
ATOM   1181 C  "C5'" . DA  F 2 4  ? 6.404   1.500   -11.008 1.00 60.26 ? 16  DA  F "C5'" 1 
ATOM   1182 C  "C4'" . DA  F 2 4  ? 5.397   2.349   -11.752 1.00 63.90 ? 16  DA  F "C4'" 1 
ATOM   1183 O  "O4'" . DA  F 2 4  ? 4.738   1.518   -12.735 1.00 57.17 ? 16  DA  F "O4'" 1 
ATOM   1184 C  "C3'" . DA  F 2 4  ? 4.287   2.914   -10.858 1.00 68.55 ? 16  DA  F "C3'" 1 
ATOM   1185 O  "O3'" . DA  F 2 4  ? 3.873   4.248   -11.097 1.00 72.04 ? 16  DA  F "O3'" 1 
ATOM   1186 C  "C2'" . DA  F 2 4  ? 3.079   2.065   -11.175 1.00 67.18 ? 16  DA  F "C2'" 1 
ATOM   1187 C  "C1'" . DA  F 2 4  ? 3.338   1.633   -12.598 1.00 60.73 ? 16  DA  F "C1'" 1 
ATOM   1188 N  N9    . DA  F 2 4  ? 2.749   0.340   -12.937 1.00 63.61 ? 16  DA  F N9    1 
ATOM   1189 C  C8    . DA  F 2 4  ? 2.656   -0.839  -12.231 1.00 60.64 ? 16  DA  F C8    1 
ATOM   1190 N  N7    . DA  F 2 4  ? 2.007   -1.786  -12.868 1.00 53.22 ? 16  DA  F N7    1 
ATOM   1191 C  C5    . DA  F 2 4  ? 1.638   -1.186  -14.065 1.00 58.60 ? 16  DA  F C5    1 
ATOM   1192 C  C6    . DA  F 2 4  ? 0.937   -1.659  -15.184 1.00 66.14 ? 16  DA  F C6    1 
ATOM   1193 N  N6    . DA  F 2 4  ? 0.465   -2.905  -15.292 1.00 71.47 ? 16  DA  F N6    1 
ATOM   1194 N  N1    . DA  F 2 4  ? 0.720   -0.795  -16.200 1.00 62.77 ? 16  DA  F N1    1 
ATOM   1195 C  C2    . DA  F 2 4  ? 1.197   0.455   -16.093 1.00 63.81 ? 16  DA  F C2    1 
ATOM   1196 N  N3    . DA  F 2 4  ? 1.884   1.009   -15.104 1.00 57.72 ? 16  DA  F N3    1 
ATOM   1197 C  C4    . DA  F 2 4  ? 2.077   0.126   -14.112 1.00 58.41 ? 16  DA  F C4    1 
ATOM   1198 P  P     . DT  F 2 5  ? 3.426   5.130   -9.851  1.00 94.53 ? 17  DT  F P     1 
ATOM   1199 O  OP1   . DT  F 2 5  ? 4.677   5.488   -9.092  1.00 72.06 ? 17  DT  F OP1   1 
ATOM   1200 O  OP2   . DT  F 2 5  ? 2.327   4.389   -9.156  1.00 89.98 ? 17  DT  F OP2   1 
ATOM   1201 O  "O5'" . DT  F 2 5  ? 2.729   6.404   -10.524 1.00 78.63 ? 17  DT  F "O5'" 1 
ATOM   1202 C  "C5'" . DT  F 2 5  ? 2.940   6.767   -11.917 1.00 70.17 ? 17  DT  F "C5'" 1 
ATOM   1203 C  "C4'" . DT  F 2 5  ? 1.690   6.607   -12.760 1.00 64.20 ? 17  DT  F "C4'" 1 
ATOM   1204 O  "O4'" . DT  F 2 5  ? 1.364   5.211   -12.973 1.00 55.78 ? 17  DT  F "O4'" 1 
ATOM   1205 C  "C3'" . DT  F 2 5  ? 0.415   7.264   -12.213 1.00 57.29 ? 17  DT  F "C3'" 1 
ATOM   1206 O  "O3'" . DT  F 2 5  ? 0.100   8.438   -12.987 1.00 60.38 ? 17  DT  F "O3'" 1 
ATOM   1207 C  "C2'" . DT  F 2 5  ? -0.630  6.160   -12.295 1.00 52.12 ? 17  DT  F "C2'" 1 
ATOM   1208 C  "C1'" . DT  F 2 5  ? -0.018  5.158   -13.247 1.00 52.07 ? 17  DT  F "C1'" 1 
ATOM   1209 N  N1    . DT  F 2 5  ? -0.459  3.739   -13.129 1.00 52.17 ? 17  DT  F N1    1 
ATOM   1210 C  C2    . DT  F 2 5  ? -1.082  3.163   -14.218 1.00 50.16 ? 17  DT  F C2    1 
ATOM   1211 O  O2    . DT  F 2 5  ? -1.313  3.765   -15.249 1.00 50.33 ? 17  DT  F O2    1 
ATOM   1212 N  N3    . DT  F 2 5  ? -1.424  1.845   -14.054 1.00 44.92 ? 17  DT  F N3    1 
ATOM   1213 C  C4    . DT  F 2 5  ? -1.215  1.064   -12.935 1.00 48.82 ? 17  DT  F C4    1 
ATOM   1214 O  O4    . DT  F 2 5  ? -1.575  -0.110  -12.934 1.00 44.10 ? 17  DT  F O4    1 
ATOM   1215 C  C5    . DT  F 2 5  ? -0.567  1.731   -11.826 1.00 49.37 ? 17  DT  F C5    1 
ATOM   1216 C  C7    . DT  F 2 5  ? -0.310  0.960   -10.568 1.00 48.77 ? 17  DT  F C7    1 
ATOM   1217 C  C6    . DT  F 2 5  ? -0.202  3.011   -11.987 1.00 48.04 ? 17  DT  F C6    1 
ATOM   1218 P  P     . DT  F 2 6  ? -0.947  9.573   -12.448 1.00 67.19 ? 18  DT  F P     1 
ATOM   1219 O  OP1   . DT  F 2 6  ? -0.547  10.882  -13.023 1.00 65.45 ? 18  DT  F OP1   1 
ATOM   1220 O  OP2   . DT  F 2 6  ? -1.145  9.403   -10.972 1.00 61.26 ? 18  DT  F OP2   1 
ATOM   1221 O  "O5'" . DT  F 2 6  ? -2.302  9.231   -13.215 1.00 64.47 ? 18  DT  F "O5'" 1 
ATOM   1222 C  "C5'" . DT  F 2 6  ? -2.269  8.638   -14.524 1.00 55.14 ? 18  DT  F "C5'" 1 
ATOM   1223 C  "C4'" . DT  F 2 6  ? -3.582  7.959   -14.836 1.00 55.11 ? 18  DT  F "C4'" 1 
ATOM   1224 O  "O4'" . DT  F 2 6  ? -3.532  6.548   -14.515 1.00 53.81 ? 18  DT  F "O4'" 1 
ATOM   1225 C  "C3'" . DT  F 2 6  ? -4.804  8.532   -14.117 1.00 55.08 ? 18  DT  F "C3'" 1 
ATOM   1226 O  "O3'" . DT  F 2 6  ? -5.692  8.935   -15.164 1.00 60.07 ? 18  DT  F "O3'" 1 
ATOM   1227 C  "C2'" . DT  F 2 6  ? -5.268  7.402   -13.210 1.00 56.65 ? 18  DT  F "C2'" 1 
ATOM   1228 C  "C1'" . DT  F 2 6  ? -4.752  6.155   -13.911 1.00 54.10 ? 18  DT  F "C1'" 1 
ATOM   1229 N  N1    . DT  F 2 6  ? -4.464  4.986   -13.039 1.00 53.03 ? 18  DT  F N1    1 
ATOM   1230 C  C2    . DT  F 2 6  ? -4.924  3.744   -13.421 1.00 48.20 ? 18  DT  F C2    1 
ATOM   1231 O  O2    . DT  F 2 6  ? -5.569  3.553   -14.436 1.00 46.42 ? 18  DT  F O2    1 
ATOM   1232 N  N3    . DT  F 2 6  ? -4.579  2.722   -12.576 1.00 47.41 ? 18  DT  F N3    1 
ATOM   1233 C  C4    . DT  F 2 6  ? -3.834  2.812   -11.419 1.00 48.04 ? 18  DT  F C4    1 
ATOM   1234 O  O4    . DT  F 2 6  ? -3.586  1.799   -10.774 1.00 46.30 ? 18  DT  F O4    1 
ATOM   1235 C  C5    . DT  F 2 6  ? -3.386  4.140   -11.075 1.00 51.01 ? 18  DT  F C5    1 
ATOM   1236 C  C7    . DT  F 2 6  ? -2.578  4.334   -9.830  1.00 53.97 ? 18  DT  F C7    1 
ATOM   1237 C  C6    . DT  F 2 6  ? -3.710  5.147   -11.897 1.00 52.19 ? 18  DT  F C6    1 
ATOM   1238 P  P     . DA  F 2 7  ? -7.245  9.140   -14.900 1.00 63.81 ? 19  DA  F P     1 
ATOM   1239 O  OP1   . DA  F 2 7  ? -7.764  10.075  -15.927 1.00 67.50 ? 19  DA  F OP1   1 
ATOM   1240 O  OP2   . DA  F 2 7  ? -7.453  9.386   -13.454 1.00 61.47 ? 19  DA  F OP2   1 
ATOM   1241 O  "O5'" . DA  F 2 7  ? -7.859  7.716   -15.230 1.00 60.81 ? 19  DA  F "O5'" 1 
ATOM   1242 C  "C5'" . DA  F 2 7  ? -7.793  7.158   -16.545 1.00 57.27 ? 19  DA  F "C5'" 1 
ATOM   1243 C  "C4'" . DA  F 2 7  ? -8.647  5.911   -16.585 1.00 60.57 ? 19  DA  F "C4'" 1 
ATOM   1244 O  "O4'" . DA  F 2 7  ? -8.170  4.942   -15.612 1.00 53.54 ? 19  DA  F "O4'" 1 
ATOM   1245 C  "C3'" . DA  F 2 7  ? -10.126 6.146   -16.252 1.00 64.56 ? 19  DA  F "C3'" 1 
ATOM   1246 O  "O3'" . DA  F 2 7  ? -10.952 5.279   -17.041 1.00 74.78 ? 19  DA  F "O3'" 1 
ATOM   1247 C  "C2'" . DA  F 2 7  ? -10.238 5.740   -14.792 1.00 63.32 ? 19  DA  F "C2'" 1 
ATOM   1248 C  "C1'" . DA  F 2 7  ? -9.224  4.604   -14.696 1.00 57.91 ? 19  DA  F "C1'" 1 
ATOM   1249 N  N9    . DA  F 2 7  ? -8.630  4.388   -13.366 1.00 53.61 ? 19  DA  F N9    1 
ATOM   1250 C  C8    . DA  F 2 7  ? -8.159  5.333   -12.482 1.00 53.25 ? 19  DA  F C8    1 
ATOM   1251 N  N7    . DA  F 2 7  ? -7.677  4.828   -11.374 1.00 50.99 ? 19  DA  F N7    1 
ATOM   1252 C  C5    . DA  F 2 7  ? -7.828  3.457   -11.541 1.00 54.28 ? 19  DA  F C5    1 
ATOM   1253 C  C6    . DA  F 2 7  ? -7.502  2.365   -10.718 1.00 58.53 ? 19  DA  F C6    1 
ATOM   1254 N  N6    . DA  F 2 7  ? -6.924  2.498   -9.520  1.00 65.25 ? 19  DA  F N6    1 
ATOM   1255 N  N1    . DA  F 2 7  ? -7.805  1.123   -11.167 1.00 47.75 ? 19  DA  F N1    1 
ATOM   1256 C  C2    . DA  F 2 7  ? -8.397  1.001   -12.366 1.00 47.55 ? 19  DA  F C2    1 
ATOM   1257 N  N3    . DA  F 2 7  ? -8.736  1.952   -13.239 1.00 47.82 ? 19  DA  F N3    1 
ATOM   1258 C  C4    . DA  F 2 7  ? -8.421  3.172   -12.759 1.00 53.02 ? 19  DA  F C4    1 
ATOM   1259 P  P     . DT  F 2 8  ? -12.512 5.600   -17.269 1.00 64.52 ? 20  DT  F P     1 
ATOM   1260 O  OP1   . DT  F 2 8  ? -12.732 5.841   -18.721 1.00 57.42 ? 20  DT  F OP1   1 
ATOM   1261 O  OP2   . DT  F 2 8  ? -12.889 6.646   -16.271 1.00 69.40 ? 20  DT  F OP2   1 
ATOM   1262 O  "O5'" . DT  F 2 8  ? -13.231 4.207   -16.970 1.00 59.41 ? 20  DT  F "O5'" 1 
ATOM   1263 C  "C5'" . DT  F 2 8  ? -12.617 2.947   -17.292 1.00 61.15 ? 20  DT  F "C5'" 1 
ATOM   1264 C  "C4'" . DT  F 2 8  ? -12.948 1.916   -16.237 1.00 64.13 ? 20  DT  F "C4'" 1 
ATOM   1265 O  "O4'" . DT  F 2 8  ? -12.185 2.138   -15.025 1.00 69.98 ? 20  DT  F "O4'" 1 
ATOM   1266 C  "C3'" . DT  F 2 8  ? -14.417 1.905   -15.811 1.00 64.86 ? 20  DT  F "C3'" 1 
ATOM   1267 O  "O3'" . DT  F 2 8  ? -15.015 0.783   -16.469 1.00 65.49 ? 20  DT  F "O3'" 1 
ATOM   1268 C  "C2'" . DT  F 2 8  ? -14.376 1.845   -14.285 1.00 64.79 ? 20  DT  F "C2'" 1 
ATOM   1269 C  "C1'" . DT  F 2 8  ? -12.912 1.574   -13.943 1.00 65.17 ? 20  DT  F "C1'" 1 
ATOM   1270 N  N1    . DT  F 2 8  ? -12.394 2.169   -12.675 1.00 60.74 ? 20  DT  F N1    1 
ATOM   1271 C  C2    . DT  F 2 8  ? -11.864 1.336   -11.706 1.00 60.68 ? 20  DT  F C2    1 
ATOM   1272 O  O2    . DT  F 2 8  ? -11.815 0.122   -11.820 1.00 49.26 ? 20  DT  F O2    1 
ATOM   1273 N  N3    . DT  F 2 8  ? -11.393 1.985   -10.588 1.00 62.31 ? 20  DT  F N3    1 
ATOM   1274 C  C4    . DT  F 2 8  ? -11.398 3.350   -10.347 1.00 64.14 ? 20  DT  F C4    1 
ATOM   1275 O  O4    . DT  F 2 8  ? -10.930 3.789   -9.296  1.00 65.53 ? 20  DT  F O4    1 
ATOM   1276 C  C5    . DT  F 2 8  ? -11.965 4.163   -11.406 1.00 62.28 ? 20  DT  F C5    1 
ATOM   1277 C  C7    . DT  F 2 8  ? -12.003 5.653   -11.244 1.00 59.90 ? 20  DT  F C7    1 
ATOM   1278 C  C6    . DT  F 2 8  ? -12.418 3.539   -12.505 1.00 59.97 ? 20  DT  F C6    1 
ATOM   1279 P  P     . DA  F 2 9  ? -16.570 0.462   -16.276 1.00 74.99 ? 21  DA  F P     1 
ATOM   1280 O  OP1   . DA  F 2 9  ? -17.110 -0.053  -17.570 1.00 75.54 ? 21  DA  F OP1   1 
ATOM   1281 O  OP2   . DA  F 2 9  ? -17.205 1.637   -15.600 1.00 79.18 ? 21  DA  F OP2   1 
ATOM   1282 O  "O5'" . DA  F 2 9  ? -16.567 -0.776  -15.277 1.00 65.48 ? 21  DA  F "O5'" 1 
ATOM   1283 C  "C5'" . DA  F 2 9  ? -15.421 -1.632  -15.168 1.00 58.44 ? 21  DA  F "C5'" 1 
ATOM   1284 C  "C4'" . DA  F 2 9  ? -15.607 -2.538  -13.980 1.00 55.18 ? 21  DA  F "C4'" 1 
ATOM   1285 O  "O4'" . DA  F 2 9  ? -15.041 -1.925  -12.797 1.00 50.85 ? 21  DA  F "O4'" 1 
ATOM   1286 C  "C3'" . DA  F 2 9  ? -17.075 -2.820  -13.666 1.00 51.99 ? 21  DA  F "C3'" 1 
ATOM   1287 O  "O3'" . DA  F 2 9  ? -17.156 -4.200  -13.340 1.00 42.46 ? 21  DA  F "O3'" 1 
ATOM   1288 C  "C2'" . DA  F 2 9  ? -17.404 -1.861  -12.534 1.00 55.03 ? 21  DA  F "C2'" 1 
ATOM   1289 C  "C1'" . DA  F 2 9  ? -16.050 -1.701  -11.819 1.00 58.67 ? 21  DA  F "C1'" 1 
ATOM   1290 N  N9    . DA  F 2 9  ? -15.760 -0.410  -11.180 1.00 61.65 ? 21  DA  F N9    1 
ATOM   1291 C  C8    . DA  F 2 9  ? -16.092 0.863   -11.585 1.00 60.70 ? 21  DA  F C8    1 
ATOM   1292 N  N7    . DA  F 2 9  ? -15.638 1.806   -10.792 1.00 53.48 ? 21  DA  F N7    1 
ATOM   1293 C  C5    . DA  F 2 9  ? -14.949 1.110   -9.809  1.00 53.94 ? 21  DA  F C5    1 
ATOM   1294 C  C6    . DA  F 2 9  ? -14.245 1.534   -8.673  1.00 52.71 ? 21  DA  F C6    1 
ATOM   1295 N  N6    . DA  F 2 9  ? -14.098 2.812   -8.334  1.00 50.16 ? 21  DA  F N6    1 
ATOM   1296 N  N1    . DA  F 2 9  ? -13.706 0.584   -7.873  1.00 64.01 ? 21  DA  F N1    1 
ATOM   1297 C  C2    . DA  F 2 9  ? -13.849 -0.708  -8.222  1.00 62.02 ? 21  DA  F C2    1 
ATOM   1298 N  N3    . DA  F 2 9  ? -14.472 -1.228  -9.278  1.00 55.20 ? 21  DA  F N3    1 
ATOM   1299 C  C4    . DA  F 2 9  ? -15.020 -0.257  -10.032 1.00 60.52 ? 21  DA  F C4    1 
ATOM   1300 P  P     . DG  F 2 10 ? -18.539 -4.857  -13.244 1.00 36.74 ? 22  DG  F P     1 
ATOM   1301 O  OP1   . DG  F 2 10 ? -18.443 -6.219  -13.837 1.00 41.22 ? 22  DG  F OP1   1 
ATOM   1302 O  OP2   . DG  F 2 10 ? -19.553 -3.859  -13.680 1.00 35.94 ? 22  DG  F OP2   1 
ATOM   1303 O  "O5'" . DG  F 2 10 ? -18.781 -4.959  -11.683 1.00 43.23 ? 22  DG  F "O5'" 1 
ATOM   1304 C  "C5'" . DG  F 2 10 ? -17.776 -5.411  -10.774 1.00 40.90 ? 22  DG  F "C5'" 1 
ATOM   1305 C  "C4'" . DG  F 2 10 ? -18.287 -5.159  -9.379  1.00 41.33 ? 22  DG  F "C4'" 1 
ATOM   1306 O  "O4'" . DG  F 2 10 ? -17.850 -3.855  -8.936  1.00 39.55 ? 22  DG  F "O4'" 1 
ATOM   1307 C  "C3'" . DG  F 2 10 ? -19.815 -5.128  -9.271  1.00 41.32 ? 22  DG  F "C3'" 1 
ATOM   1308 O  "O3'" . DG  F 2 10 ? -20.095 -5.524  -7.943  1.00 42.02 ? 22  DG  F "O3'" 1 
ATOM   1309 C  "C2'" . DG  F 2 10 ? -20.151 -3.652  -9.333  1.00 40.93 ? 22  DG  F "C2'" 1 
ATOM   1310 C  "C1'" . DG  F 2 10 ? -19.007 -3.147  -8.485  1.00 43.05 ? 22  DG  F "C1'" 1 
ATOM   1311 N  N9    . DG  F 2 10 ? -18.716 -1.725  -8.521  1.00 43.13 ? 22  DG  F N9    1 
ATOM   1312 C  C8    . DG  F 2 10 ? -19.181 -0.769  -9.391  1.00 49.12 ? 22  DG  F C8    1 
ATOM   1313 N  N7    . DG  F 2 10 ? -18.712 0.425   -9.136  1.00 58.42 ? 22  DG  F N7    1 
ATOM   1314 C  C5    . DG  F 2 10 ? -17.894 0.242   -8.027  1.00 49.53 ? 22  DG  F C5    1 
ATOM   1315 C  C6    . DG  F 2 10 ? -17.115 1.177   -7.284  1.00 43.97 ? 22  DG  F C6    1 
ATOM   1316 O  O6    . DG  F 2 10 ? -17.007 2.395   -7.446  1.00 39.42 ? 22  DG  F O6    1 
ATOM   1317 N  N1    . DG  F 2 10 ? -16.412 0.554   -6.260  1.00 45.43 ? 22  DG  F N1    1 
ATOM   1318 C  C2    . DG  F 2 10 ? -16.479 -0.785  -5.956  1.00 46.60 ? 22  DG  F C2    1 
ATOM   1319 N  N2    . DG  F 2 10 ? -15.747 -1.195  -4.908  1.00 47.90 ? 22  DG  F N2    1 
ATOM   1320 N  N3    . DG  F 2 10 ? -17.217 -1.656  -6.621  1.00 45.76 ? 22  DG  F N3    1 
ATOM   1321 C  C4    . DG  F 2 10 ? -17.890 -1.079  -7.637  1.00 45.35 ? 22  DG  F C4    1 
ATOM   1322 P  P     . DC  F 2 11 ? -20.882 -6.831  -7.695  1.00 42.49 ? 23  DC  F P     1 
ATOM   1323 O  OP1   . DC  F 2 11 ? -20.101 -7.910  -8.315  1.00 42.02 ? 23  DC  F OP1   1 
ATOM   1324 O  OP2   . DC  F 2 11 ? -22.301 -6.578  -8.131  1.00 39.36 ? 23  DC  F OP2   1 
ATOM   1325 O  "O5'" . DC  F 2 11 ? -20.716 -7.021  -6.127  1.00 39.69 ? 23  DC  F "O5'" 1 
ATOM   1326 C  "C5'" . DC  F 2 11 ? -19.408 -7.314  -5.569  1.00 42.49 ? 23  DC  F "C5'" 1 
ATOM   1327 C  "C4'" . DC  F 2 11 ? -19.164 -6.576  -4.264  1.00 43.32 ? 23  DC  F "C4'" 1 
ATOM   1328 O  "O4'" . DC  F 2 11 ? -18.912 -5.162  -4.532  1.00 49.91 ? 23  DC  F "O4'" 1 
ATOM   1329 C  "C3'" . DC  F 2 11 ? -20.311 -6.607  -3.242  1.00 40.63 ? 23  DC  F "C3'" 1 
ATOM   1330 O  "O3'" . DC  F 2 11 ? -19.949 -6.595  -1.841  1.00 38.09 ? 23  DC  F "O3'" 1 
ATOM   1331 C  "C2'" . DC  F 2 11 ? -20.986 -5.276  -3.487  1.00 44.70 ? 23  DC  F "C2'" 1 
ATOM   1332 C  "C1'" . DC  F 2 11 ? -19.775 -4.386  -3.707  1.00 44.21 ? 23  DC  F "C1'" 1 
ATOM   1333 N  N1    . DC  F 2 11 ? -20.048 -3.083  -4.372  1.00 41.70 ? 23  DC  F N1    1 
ATOM   1334 C  C2    . DC  F 2 11 ? -19.494 -1.925  -3.816  1.00 45.42 ? 23  DC  F C2    1 
ATOM   1335 O  O2    . DC  F 2 11 ? -18.738 -2.034  -2.835  1.00 46.16 ? 23  DC  F O2    1 
ATOM   1336 N  N3    . DC  F 2 11 ? -19.756 -0.723  -4.388  1.00 45.11 ? 23  DC  F N3    1 
ATOM   1337 C  C4    . DC  F 2 11 ? -20.566 -0.653  -5.448  1.00 46.76 ? 23  DC  F C4    1 
ATOM   1338 N  N4    . DC  F 2 11 ? -20.811 0.550   -5.974  1.00 44.88 ? 23  DC  F N4    1 
ATOM   1339 C  C5    . DC  F 2 11 ? -21.181 -1.814  -6.004  1.00 45.09 ? 23  DC  F C5    1 
ATOM   1340 C  C6    . DC  F 2 11 ? -20.900 -2.995  -5.438  1.00 41.10 ? 23  DC  F C6    1 
ATOM   1341 P  P     . DG  F 2 12 ? -20.863 -7.427  -0.699  1.00 40.89 ? 24  DG  F P     1 
ATOM   1342 O  OP1   . DG  F 2 12 ? -20.023 -7.654  0.527   1.00 32.28 ? 24  DG  F OP1   1 
ATOM   1343 O  OP2   . DG  F 2 12 ? -21.457 -8.620  -1.367  1.00 46.69 ? 24  DG  F OP2   1 
ATOM   1344 O  "O5'" . DG  F 2 12 ? -22.117 -6.468  -0.413  1.00 36.49 ? 24  DG  F "O5'" 1 
ATOM   1345 C  "C5'" . DG  F 2 12 ? -21.907 -5.160  0.157   1.00 35.50 ? 24  DG  F "C5'" 1 
ATOM   1346 C  "C4'" . DG  F 2 12 ? -23.159 -4.315  0.082   1.00 36.11 ? 24  DG  F "C4'" 1 
ATOM   1347 O  "O4'" . DG  F 2 12 ? -23.497 -3.951  -1.291  1.00 34.75 ? 24  DG  F "O4'" 1 
ATOM   1348 C  "C3'" . DG  F 2 12 ? -24.407 -4.987  0.652   1.00 33.25 ? 24  DG  F "C3'" 1 
ATOM   1349 O  "O3'" . DG  F 2 12 ? -24.488 -4.846  2.075   1.00 30.06 ? 24  DG  F "O3'" 1 
ATOM   1350 C  "C2'" . DG  F 2 12 ? -25.515 -4.359  -0.179  1.00 32.03 ? 24  DG  F "C2'" 1 
ATOM   1351 C  "C1'" . DG  F 2 12 ? -24.856 -4.337  -1.558  1.00 36.17 ? 24  DG  F "C1'" 1 
ATOM   1352 N  N9    . DG  F 2 12 ? -24.834 -5.639  -2.250  1.00 35.16 ? 24  DG  F N9    1 
ATOM   1353 C  C8    . DG  F 2 12 ? -25.052 -6.864  -1.667  1.00 35.51 ? 24  DG  F C8    1 
ATOM   1354 N  N7    . DG  F 2 12 ? -24.944 -7.855  -2.505  1.00 37.40 ? 24  DG  F N7    1 
ATOM   1355 C  C5    . DG  F 2 12 ? -24.644 -7.254  -3.715  1.00 34.21 ? 24  DG  F C5    1 
ATOM   1356 C  C6    . DG  F 2 12 ? -24.372 -7.834  -4.971  1.00 37.46 ? 24  DG  F C6    1 
ATOM   1357 O  O6    . DG  F 2 12 ? -24.384 -9.029  -5.279  1.00 38.93 ? 24  DG  F O6    1 
ATOM   1358 N  N1    . DG  F 2 12 ? -24.061 -6.869  -5.925  1.00 37.66 ? 24  DG  F N1    1 
ATOM   1359 C  C2    . DG  F 2 12 ? -24.019 -5.516  -5.691  1.00 34.42 ? 24  DG  F C2    1 
ATOM   1360 N  N2    . DG  F 2 12 ? -23.718 -4.744  -6.744  1.00 30.81 ? 24  DG  F N2    1 
ATOM   1361 N  N3    . DG  F 2 12 ? -24.259 -4.964  -4.511  1.00 32.31 ? 24  DG  F N3    1 
ATOM   1362 C  C4    . DG  F 2 12 ? -24.556 -5.887  -3.575  1.00 31.18 ? 24  DG  F C4    1 
HETATM 1363 ZN ZN    . ZN  G 3 .  ? -5.824  -5.642  27.626  1.00 42.21 ? 101 ZN  A ZN    1 
HETATM 1364 ZN ZN    . ZN  H 3 .  ? -5.977  -0.760  21.014  1.00 39.08 ? 102 ZN  A ZN    1 
HETATM 1365 ZN ZN    . ZN  I 3 .  ? 11.744  -22.995 -12.941 1.00 31.18 ? 101 ZN  B ZN    1 
HETATM 1366 ZN ZN    . ZN  J 3 .  ? -17.033 23.041  9.127   1.00 48.09 ? 101 ZN  C ZN    1 
HETATM 1367 ZN ZN    . ZN  K 3 .  ? -16.377 15.251  6.479   1.00 37.22 ? 102 ZN  C ZN    1 
HETATM 1368 ZN ZN    . ZN  L 3 .  ? 26.214  4.572   5.876   1.00 43.65 ? 101 ZN  D ZN    1 
HETATM 1369 ZN ZN    . ZN  M 3 .  ? 10.548  10.483  -25.800 1.00 35.02 ? 101 ZN  E ZN    1 
HETATM 1370 ZN ZN    . ZN  N 3 .  ? -25.459 -10.191 -2.240  1.00 50.35 ? 101 ZN  F ZN    1 
HETATM 1371 ZN ZN    . ZN  O 3 .  ? -18.462 -8.553  1.804   1.00 43.09 ? 102 ZN  F ZN    1 
HETATM 1372 O  O     . HOH P 4 .  ? -5.199  -16.271 15.127  1.00 10.74 ? 201 HOH A O     1 
HETATM 1373 O  O     . HOH P 4 .  ? 10.057  -5.113  0.349   1.00 6.49  ? 202 HOH A O     1 
HETATM 1374 O  O     . HOH P 4 .  ? -4.110  -1.667  21.670  1.00 38.27 ? 203 HOH A O     1 
HETATM 1375 O  O     . HOH P 4 .  ? 16.917  -14.123 1.466   1.00 2.00  ? 204 HOH A O     1 
HETATM 1376 O  O     . HOH P 4 .  ? -7.519  -0.117  21.767  1.00 7.96  ? 205 HOH A O     1 
HETATM 1377 O  O     . HOH P 4 .  ? 15.797  -8.519  2.489   1.00 5.30  ? 206 HOH A O     1 
HETATM 1378 O  O     . HOH P 4 .  ? 19.622  -5.523  1.757   1.00 10.97 ? 207 HOH A O     1 
HETATM 1379 O  O     . HOH P 4 .  ? -2.153  -0.805  23.621  1.00 2.00  ? 208 HOH A O     1 
HETATM 1380 O  O     . HOH Q 4 .  ? 11.408  -21.455 -13.760 1.00 2.00  ? 201 HOH B O     1 
HETATM 1381 O  O     . HOH Q 4 .  ? 11.801  -23.329 -4.336  1.00 11.79 ? 202 HOH B O     1 
HETATM 1382 O  O     . HOH Q 4 .  ? -11.934 -13.831 13.061  1.00 13.56 ? 203 HOH B O     1 
HETATM 1383 O  O     . HOH Q 4 .  ? 13.491  -22.563 -14.175 1.00 2.00  ? 204 HOH B O     1 
HETATM 1384 O  O     . HOH Q 4 .  ? -19.186 -9.279  10.207  1.00 16.94 ? 205 HOH B O     1 
HETATM 1385 O  O     . HOH Q 4 .  ? -8.429  -13.345 8.619   1.00 3.02  ? 206 HOH B O     1 
HETATM 1386 O  O     . HOH Q 4 .  ? -15.633 -10.148 7.022   1.00 17.43 ? 207 HOH B O     1 
HETATM 1387 O  O     . HOH Q 4 .  ? 7.586   -17.083 -14.577 1.00 11.03 ? 208 HOH B O     1 
HETATM 1388 O  O     . HOH Q 4 .  ? -11.995 -16.024 14.559  1.00 2.00  ? 209 HOH B O     1 
HETATM 1389 O  O     . HOH R 4 .  ? 15.008  13.584  -4.420  1.00 6.25  ? 201 HOH C O     1 
HETATM 1390 O  O     . HOH R 4 .  ? 6.652   6.526   -3.977  1.00 25.42 ? 202 HOH C O     1 
HETATM 1391 O  O     . HOH R 4 .  ? 17.278  10.623  -12.456 1.00 35.68 ? 203 HOH C O     1 
HETATM 1392 O  O     . HOH R 4 .  ? -11.806 22.534  5.642   1.00 19.49 ? 204 HOH C O     1 
HETATM 1393 O  O     . HOH R 4 .  ? -4.038  20.669  5.629   1.00 15.53 ? 205 HOH C O     1 
HETATM 1394 O  O     . HOH R 4 .  ? 15.884  4.518   -8.269  1.00 22.07 ? 206 HOH C O     1 
HETATM 1395 O  O     . HOH R 4 .  ? -6.870  17.538  6.157   1.00 16.67 ? 207 HOH C O     1 
HETATM 1396 O  O     . HOH R 4 .  ? 15.141  10.462  -14.502 1.00 13.57 ? 208 HOH C O     1 
HETATM 1397 O  O     . HOH R 4 .  ? -4.075  22.380  13.657  1.00 23.36 ? 209 HOH C O     1 
HETATM 1398 O  O     . HOH R 4 .  ? 1.740   22.100  6.583   1.00 9.54  ? 210 HOH C O     1 
HETATM 1399 O  O     . HOH R 4 .  ? 15.060  4.893   -11.149 1.00 4.39  ? 211 HOH C O     1 
HETATM 1400 O  O     . HOH R 4 .  ? 17.384  15.495  -5.060  1.00 17.74 ? 212 HOH C O     1 
HETATM 1401 O  O     . HOH S 4 .  ? -7.944  1.020   14.885  1.00 2.00  ? 201 HOH D O     1 
HETATM 1402 O  O     . HOH S 4 .  ? 21.606  12.232  5.738   1.00 21.17 ? 202 HOH D O     1 
HETATM 1403 O  O     . HOH S 4 .  ? 27.901  4.323   4.156   1.00 5.88  ? 203 HOH D O     1 
HETATM 1404 O  O     . HOH S 4 .  ? 25.871  3.104   4.595   1.00 4.88  ? 204 HOH D O     1 
HETATM 1405 O  O     . HOH S 4 .  ? -4.939  8.111   18.315  1.00 28.40 ? 205 HOH D O     1 
HETATM 1406 O  O     . HOH S 4 .  ? -5.784  13.238  19.037  1.00 17.09 ? 206 HOH D O     1 
HETATM 1407 O  O     . HOH S 4 .  ? -6.165  4.982   19.396  1.00 14.55 ? 207 HOH D O     1 
HETATM 1408 O  O     . HOH S 4 .  ? -1.848  10.836  16.040  1.00 2.00  ? 208 HOH D O     1 
HETATM 1409 O  O     . HOH S 4 .  ? -11.982 8.718   20.991  1.00 26.74 ? 209 HOH D O     1 
HETATM 1410 O  O     . HOH S 4 .  ? -4.791  4.823   11.812  1.00 27.20 ? 210 HOH D O     1 
HETATM 1411 O  O     . HOH S 4 .  ? 0.455   15.603  -2.551  1.00 22.32 ? 211 HOH D O     1 
HETATM 1412 O  O     . HOH S 4 .  ? 22.065  -1.125  5.338   1.00 2.00  ? 212 HOH D O     1 
HETATM 1413 O  O     . HOH S 4 .  ? -2.450  9.296   -0.495  1.00 14.94 ? 213 HOH D O     1 
HETATM 1414 O  O     . HOH T 4 .  ? 8.431   10.805  -25.035 1.00 3.33  ? 201 HOH E O     1 
HETATM 1415 O  O     . HOH T 4 .  ? -18.830 10.982  3.215   1.00 2.00  ? 202 HOH E O     1 
HETATM 1416 O  O     . HOH T 4 .  ? -21.475 10.883  3.474   1.00 2.00  ? 203 HOH E O     1 
HETATM 1417 O  O     . HOH T 4 .  ? 9.199   10.648  -27.318 1.00 10.73 ? 204 HOH E O     1 
HETATM 1418 O  O     . HOH T 4 .  ? -16.018 7.046   4.450   1.00 9.27  ? 205 HOH E O     1 
HETATM 1419 O  O     . HOH T 4 .  ? 12.095  9.575   -27.107 1.00 26.38 ? 206 HOH E O     1 
HETATM 1420 O  O     . HOH T 4 .  ? 3.019   5.730   -26.878 1.00 4.30  ? 207 HOH E O     1 
HETATM 1421 O  O     . HOH T 4 .  ? -1.155  -4.508  -18.694 1.00 6.90  ? 208 HOH E O     1 
HETATM 1422 O  O     . HOH T 4 .  ? -13.434 6.538   -6.393  1.00 7.82  ? 209 HOH E O     1 
HETATM 1423 O  O     . HOH T 4 .  ? -20.415 5.726   -6.012  1.00 19.46 ? 210 HOH E O     1 
HETATM 1424 O  O     . HOH T 4 .  ? 4.841   11.649  -22.332 1.00 23.56 ? 211 HOH E O     1 
HETATM 1425 O  O     . HOH T 4 .  ? 10.511  11.790  -19.264 1.00 13.29 ? 212 HOH E O     1 
HETATM 1426 O  O     . HOH T 4 .  ? -14.191 -7.747  -10.609 1.00 9.66  ? 213 HOH E O     1 
HETATM 1427 O  O     . HOH T 4 .  ? -15.051 -12.649 -10.503 1.00 18.58 ? 214 HOH E O     1 
HETATM 1428 O  O     . HOH U 4 .  ? -8.947  8.235   -11.879 1.00 17.07 ? 201 HOH F O     1 
HETATM 1429 O  O     . HOH U 4 .  ? 3.448   -5.516  -21.842 1.00 6.45  ? 202 HOH F O     1 
HETATM 1430 O  O     . HOH U 4 .  ? 4.779   -4.580  -10.700 1.00 2.00  ? 203 HOH F O     1 
HETATM 1431 O  O     . HOH U 4 .  ? 0.213   2.755   -8.592  1.00 21.20 ? 204 HOH F O     1 
HETATM 1432 O  O     . HOH U 4 .  ? -1.369  6.922   -9.829  1.00 25.29 ? 205 HOH F O     1 
HETATM 1433 O  O     . HOH U 4 .  ? -0.081  5.432   -8.186  1.00 32.19 ? 206 HOH F O     1 
HETATM 1434 O  O     . HOH U 4 .  ? 2.777   -0.941  -8.896  1.00 26.43 ? 207 HOH F O     1 
HETATM 1435 O  O     . HOH U 4 .  ? 4.051   -8.108  -16.698 1.00 2.00  ? 208 HOH F O     1 
HETATM 1436 O  O     . HOH U 4 .  ? -19.347 -8.223  3.415   1.00 2.00  ? 209 HOH F O     1 
HETATM 1437 O  O     . HOH U 4 .  ? -23.084 -4.234  -9.885  1.00 27.09 ? 210 HOH F O     1 
HETATM 1438 O  O     . HOH U 4 .  ? -4.536  9.087   -10.247 1.00 33.36 ? 211 HOH F O     1 
HETATM 1439 O  O     . HOH U 4 .  ? 7.338   -11.417 -17.187 1.00 2.00  ? 212 HOH F O     1 
HETATM 1440 O  O     . HOH U 4 .  ? -20.877 -0.132  -12.760 1.00 26.36 ? 213 HOH F O     1 
HETATM 1441 O  O     . HOH U 4 .  ? -11.625 8.796   -12.131 1.00 16.03 ? 214 HOH F O     1 
HETATM 1442 O  O     . HOH U 4 .  ? -18.931 -12.150 -0.428  1.00 8.50  ? 215 HOH F O     1 
HETATM 1443 O  O     . HOH U 4 .  ? -16.620 -12.542 -12.867 1.00 17.85 ? 216 HOH F O     1 
# 
